data_1AVO
#
_entry.id   1AVO
#
_cell.length_a   162.600
_cell.length_b   134.300
_cell.length_c   116.200
_cell.angle_alpha   90.00
_cell.angle_beta   90.60
_cell.angle_gamma   90.00
#
_symmetry.space_group_name_H-M   'C 1 2 1'
#
loop_
_entity.id
_entity.type
_entity.pdbx_description
1 polymer '11S REGULATOR'
2 polymer '11S REGULATOR'
#
loop_
_entity_poly.entity_id
_entity_poly.type
_entity_poly.pdbx_seq_one_letter_code
_entity_poly.pdbx_strand_id
1 'polypeptide(L)' LRVQPEAQAKVDVFREDLCTKTENLLGSYFPKKISELDAFLKEPALNEANLSNLKAPLDI A,C,E,G,I,K,M
2 'polypeptide(L)'
;AVNCNEKIVVLLQRLKPEIKDVIEQLNLVTTWLQLQIPRIEDGNNFGVAVQEKVFELMTSLHTKLEGFHTQISKYFSERG
DAVTKAAKQPHVGDYRQLVHELDEAEYRDIRLMVMEIRNAYAVLYDIILKNFEKLKKPRG
;
B,D,F,H,J,L,N
#
# COMPACT_ATOMS: atom_id res chain seq x y z
N LEU A 1 -31.94 -27.36 -12.24
CA LEU A 1 -32.55 -26.15 -11.57
C LEU A 1 -33.86 -25.72 -12.21
N ARG A 2 -34.83 -25.35 -11.37
CA ARG A 2 -36.13 -24.93 -11.86
C ARG A 2 -36.31 -23.42 -11.88
N VAL A 3 -36.29 -22.83 -13.08
CA VAL A 3 -36.56 -21.42 -13.19
C VAL A 3 -37.92 -21.31 -13.89
N GLN A 4 -38.92 -20.88 -13.13
CA GLN A 4 -40.26 -20.73 -13.65
C GLN A 4 -40.17 -19.83 -14.88
N PRO A 5 -40.99 -20.09 -15.88
CA PRO A 5 -41.02 -19.32 -17.13
C PRO A 5 -41.18 -17.81 -17.05
N GLU A 6 -41.88 -17.36 -16.04
CA GLU A 6 -42.11 -15.96 -15.87
C GLU A 6 -40.89 -15.26 -15.27
N ALA A 7 -40.08 -16.02 -14.51
CA ALA A 7 -38.87 -15.50 -13.91
C ALA A 7 -37.84 -15.45 -15.01
N GLN A 8 -37.75 -16.52 -15.78
CA GLN A 8 -36.81 -16.53 -16.88
C GLN A 8 -37.19 -15.40 -17.80
N ALA A 9 -38.48 -15.13 -17.95
CA ALA A 9 -38.95 -14.07 -18.83
C ALA A 9 -38.49 -12.71 -18.42
N LYS A 10 -38.46 -12.44 -17.12
CA LYS A 10 -37.99 -11.15 -16.58
C LYS A 10 -36.53 -10.94 -17.08
N VAL A 11 -35.71 -11.98 -16.97
CA VAL A 11 -34.33 -11.96 -17.40
C VAL A 11 -34.20 -11.78 -18.92
N ASP A 12 -34.92 -12.59 -19.68
CA ASP A 12 -34.89 -12.49 -21.14
C ASP A 12 -35.15 -11.08 -21.59
N VAL A 13 -36.11 -10.42 -20.98
CA VAL A 13 -36.44 -9.04 -21.31
C VAL A 13 -35.28 -8.09 -21.02
N PHE A 14 -34.64 -8.25 -19.87
CA PHE A 14 -33.53 -7.39 -19.51
C PHE A 14 -32.45 -7.61 -20.54
N ARG A 15 -32.23 -8.88 -20.82
CA ARG A 15 -31.20 -9.25 -21.74
C ARG A 15 -31.38 -8.74 -23.16
N GLU A 16 -32.63 -8.63 -23.64
CA GLU A 16 -32.97 -8.09 -24.97
C GLU A 16 -32.78 -6.58 -24.98
N ASP A 17 -33.27 -5.93 -23.93
CA ASP A 17 -33.11 -4.48 -23.79
C ASP A 17 -31.62 -4.15 -23.86
N LEU A 18 -30.81 -4.93 -23.16
CA LEU A 18 -29.38 -4.70 -23.15
C LEU A 18 -28.77 -4.87 -24.54
N CYS A 19 -29.20 -5.87 -25.30
CA CYS A 19 -28.66 -6.08 -26.64
C CYS A 19 -29.02 -4.90 -27.53
N THR A 20 -30.27 -4.48 -27.43
CA THR A 20 -30.75 -3.35 -28.16
C THR A 20 -29.93 -2.10 -27.78
N LYS A 21 -29.83 -1.75 -26.49
CA LYS A 21 -29.08 -0.56 -26.10
C LYS A 21 -27.72 -0.63 -26.65
N THR A 22 -27.14 -1.83 -26.69
CA THR A 22 -25.80 -2.01 -27.22
C THR A 22 -25.64 -1.92 -28.71
N GLU A 23 -26.60 -2.39 -29.49
CA GLU A 23 -26.43 -2.26 -30.90
C GLU A 23 -26.44 -0.77 -31.21
N ASN A 24 -27.22 -0.03 -30.41
CA ASN A 24 -27.38 1.41 -30.59
C ASN A 24 -26.17 2.16 -30.17
N LEU A 25 -25.56 1.74 -29.08
CA LEU A 25 -24.36 2.39 -28.60
C LEU A 25 -23.30 2.35 -29.71
N LEU A 26 -22.99 1.16 -30.18
CA LEU A 26 -21.96 0.98 -31.21
C LEU A 26 -22.31 1.64 -32.51
N GLY A 27 -23.49 1.36 -33.02
CA GLY A 27 -23.90 1.94 -34.28
C GLY A 27 -24.23 3.42 -34.36
N SER A 28 -24.31 4.09 -33.23
CA SER A 28 -24.67 5.52 -33.25
C SER A 28 -24.20 6.49 -32.13
N TYR A 29 -24.43 6.13 -30.88
CA TYR A 29 -24.05 6.94 -29.76
C TYR A 29 -22.57 7.19 -29.66
N PHE A 30 -21.79 6.11 -29.75
CA PHE A 30 -20.35 6.23 -29.72
C PHE A 30 -19.81 7.12 -30.82
N PRO A 31 -20.18 6.89 -32.11
CA PRO A 31 -19.68 7.77 -33.19
C PRO A 31 -20.11 9.23 -32.99
N LYS A 32 -21.28 9.40 -32.41
CA LYS A 32 -21.82 10.71 -32.12
C LYS A 32 -21.01 11.38 -31.03
N LYS A 33 -20.78 10.69 -29.91
CA LYS A 33 -19.99 11.26 -28.80
C LYS A 33 -18.56 11.63 -29.19
N ILE A 34 -17.94 10.79 -30.01
CA ILE A 34 -16.58 11.01 -30.47
C ILE A 34 -16.56 12.31 -31.24
N SER A 35 -17.59 12.59 -32.00
CA SER A 35 -17.66 13.82 -32.75
C SER A 35 -17.97 15.04 -31.90
N GLU A 36 -18.89 14.92 -30.97
CA GLU A 36 -19.23 16.04 -30.11
C GLU A 36 -18.02 16.49 -29.30
N LEU A 37 -17.39 15.55 -28.61
CA LEU A 37 -16.25 15.87 -27.77
C LEU A 37 -15.08 16.42 -28.57
N ASP A 38 -14.91 15.87 -29.76
CA ASP A 38 -13.81 16.29 -30.63
C ASP A 38 -14.01 17.76 -30.94
N ALA A 39 -15.25 18.17 -31.08
CA ALA A 39 -15.57 19.56 -31.35
C ALA A 39 -15.34 20.40 -30.11
N PHE A 40 -15.79 19.93 -28.97
CA PHE A 40 -15.63 20.65 -27.70
C PHE A 40 -14.16 21.04 -27.55
N LEU A 41 -13.28 20.12 -27.92
CA LEU A 41 -11.86 20.35 -27.76
C LEU A 41 -11.34 21.40 -28.65
N LYS A 42 -11.90 21.44 -29.85
CA LYS A 42 -11.46 22.40 -30.83
C LYS A 42 -12.07 23.76 -30.58
N GLU A 43 -12.91 23.84 -29.56
CA GLU A 43 -13.58 25.07 -29.19
C GLU A 43 -12.64 25.96 -28.37
N PRO A 44 -12.85 27.30 -28.40
CA PRO A 44 -12.10 28.38 -27.70
C PRO A 44 -12.04 28.27 -26.17
N ALA A 45 -13.12 27.80 -25.57
CA ALA A 45 -13.18 27.65 -24.12
C ALA A 45 -12.05 26.76 -23.69
N LEU A 46 -11.91 25.66 -24.41
CA LEU A 46 -10.88 24.65 -24.19
C LEU A 46 -9.62 24.94 -24.99
N ASN A 47 -9.43 26.18 -25.36
CA ASN A 47 -8.26 26.56 -26.13
C ASN A 47 -7.86 27.99 -25.78
N GLU A 48 -7.17 28.15 -24.65
CA GLU A 48 -6.67 29.45 -24.24
C GLU A 48 -5.16 29.39 -24.13
N ALA A 49 -4.53 30.27 -24.92
CA ALA A 49 -3.08 30.36 -24.96
C ALA A 49 -2.63 31.00 -23.69
N ASN A 50 -3.30 32.10 -23.32
CA ASN A 50 -2.95 32.79 -22.10
C ASN A 50 -3.83 32.34 -20.99
N LEU A 51 -3.24 31.58 -20.06
CA LEU A 51 -3.98 31.10 -18.93
C LEU A 51 -4.09 32.18 -17.85
N SER A 52 -3.49 33.32 -18.13
CA SER A 52 -3.55 34.44 -17.20
C SER A 52 -4.84 35.15 -17.50
N ASN A 53 -5.47 34.73 -18.58
CA ASN A 53 -6.74 35.31 -18.98
C ASN A 53 -7.78 34.61 -18.13
N LEU A 54 -7.39 33.44 -17.68
CA LEU A 54 -8.23 32.56 -16.87
C LEU A 54 -8.20 33.08 -15.45
N LYS A 55 -7.19 33.87 -15.14
CA LYS A 55 -6.99 34.41 -13.81
C LYS A 55 -8.19 35.09 -13.17
N ALA A 56 -8.56 34.60 -11.99
CA ALA A 56 -9.69 35.11 -11.24
C ALA A 56 -9.25 35.97 -10.07
N PRO A 57 -10.02 37.03 -9.79
CA PRO A 57 -9.74 37.96 -8.69
C PRO A 57 -9.74 37.32 -7.30
N LEU A 58 -8.76 37.76 -6.52
CA LEU A 58 -8.62 37.27 -5.17
C LEU A 58 -8.47 38.56 -4.40
N ASP A 59 -9.60 39.20 -4.07
CA ASP A 59 -9.49 40.45 -3.35
C ASP A 59 -9.24 40.29 -1.88
N ILE A 60 -7.98 40.56 -1.50
CA ILE A 60 -7.57 40.48 -0.11
C ILE A 60 -6.74 41.75 0.26
N ALA B 1 -16.67 39.21 -0.82
CA ALA B 1 -16.51 37.72 -0.82
C ALA B 1 -15.62 37.25 -1.98
N VAL B 2 -14.93 36.12 -1.79
CA VAL B 2 -14.09 35.58 -2.84
C VAL B 2 -14.86 34.49 -3.57
N ASN B 3 -15.09 34.72 -4.83
CA ASN B 3 -15.85 33.77 -5.60
C ASN B 3 -15.03 32.70 -6.32
N CYS B 4 -15.74 31.69 -6.83
CA CYS B 4 -15.15 30.57 -7.58
C CYS B 4 -14.71 31.11 -8.92
N ASN B 5 -13.89 30.35 -9.64
CA ASN B 5 -13.44 30.85 -10.92
C ASN B 5 -14.45 30.48 -11.96
N GLU B 6 -15.23 31.46 -12.37
CA GLU B 6 -16.30 31.30 -13.35
C GLU B 6 -16.01 30.54 -14.63
N LYS B 7 -14.96 30.94 -15.36
CA LYS B 7 -14.65 30.28 -16.61
C LYS B 7 -14.49 28.78 -16.44
N ILE B 8 -14.12 28.37 -15.25
CA ILE B 8 -13.92 26.98 -14.95
C ILE B 8 -15.23 26.35 -14.50
N VAL B 9 -15.93 26.99 -13.56
CA VAL B 9 -17.20 26.44 -13.13
C VAL B 9 -18.13 26.11 -14.34
N VAL B 10 -18.13 26.95 -15.35
CA VAL B 10 -18.97 26.67 -16.49
C VAL B 10 -18.42 25.51 -17.26
N LEU B 11 -17.09 25.38 -17.38
CA LEU B 11 -16.52 24.26 -18.10
C LEU B 11 -16.88 22.98 -17.35
N LEU B 12 -16.83 23.00 -16.01
CA LEU B 12 -17.18 21.84 -15.23
C LEU B 12 -18.62 21.51 -15.48
N GLN B 13 -19.40 22.54 -15.76
CA GLN B 13 -20.80 22.32 -16.04
C GLN B 13 -21.05 21.53 -17.30
N ARG B 14 -20.13 21.57 -18.25
CA ARG B 14 -20.33 20.84 -19.51
C ARG B 14 -19.68 19.50 -19.42
N LEU B 15 -18.66 19.40 -18.57
CA LEU B 15 -17.92 18.18 -18.42
C LEU B 15 -18.61 17.16 -17.60
N LYS B 16 -19.06 17.54 -16.43
CA LYS B 16 -19.72 16.58 -15.56
C LYS B 16 -20.71 15.64 -16.22
N PRO B 17 -21.55 16.12 -17.11
CA PRO B 17 -22.51 15.26 -17.77
C PRO B 17 -21.85 14.30 -18.70
N GLU B 18 -20.75 14.73 -19.32
CA GLU B 18 -20.05 13.86 -20.24
C GLU B 18 -19.44 12.70 -19.51
N ILE B 19 -18.99 12.97 -18.28
CA ILE B 19 -18.37 11.93 -17.43
C ILE B 19 -19.42 10.94 -17.05
N LYS B 20 -20.57 11.43 -16.57
CA LYS B 20 -21.68 10.58 -16.19
C LYS B 20 -22.07 9.67 -17.36
N ASP B 21 -22.06 10.19 -18.58
CA ASP B 21 -22.40 9.39 -19.74
C ASP B 21 -21.43 8.24 -20.04
N VAL B 22 -20.11 8.48 -19.99
CA VAL B 22 -19.20 7.38 -20.27
C VAL B 22 -19.33 6.32 -19.26
N ILE B 23 -19.27 6.69 -17.98
CA ILE B 23 -19.36 5.70 -16.92
C ILE B 23 -20.61 4.85 -17.07
N GLU B 24 -21.72 5.41 -17.51
CA GLU B 24 -22.89 4.57 -17.68
C GLU B 24 -22.85 3.68 -18.90
N GLN B 25 -22.40 4.19 -20.01
CA GLN B 25 -22.32 3.36 -21.21
C GLN B 25 -21.34 2.29 -20.98
N LEU B 26 -20.25 2.66 -20.39
CA LEU B 26 -19.21 1.73 -20.09
C LEU B 26 -19.72 0.65 -19.21
N ASN B 27 -20.75 0.93 -18.41
CA ASN B 27 -21.26 -0.14 -17.53
C ASN B 27 -22.22 -1.02 -18.26
N LEU B 28 -22.93 -0.46 -19.23
CA LEU B 28 -23.82 -1.27 -19.99
C LEU B 28 -23.02 -2.27 -20.80
N VAL B 29 -22.11 -1.75 -21.60
CA VAL B 29 -21.26 -2.54 -22.47
C VAL B 29 -20.61 -3.63 -21.69
N THR B 30 -20.04 -3.31 -20.54
CA THR B 30 -19.42 -4.39 -19.74
C THR B 30 -20.41 -5.50 -19.37
N THR B 31 -21.59 -5.13 -18.87
CA THR B 31 -22.59 -6.10 -18.52
C THR B 31 -22.95 -6.89 -19.76
N TRP B 32 -23.23 -6.22 -20.86
CA TRP B 32 -23.54 -6.96 -22.07
C TRP B 32 -22.49 -8.01 -22.29
N LEU B 33 -21.23 -7.58 -22.24
CA LEU B 33 -20.13 -8.50 -22.44
C LEU B 33 -20.11 -9.61 -21.45
N GLN B 34 -20.25 -9.33 -20.16
CA GLN B 34 -20.19 -10.46 -19.24
C GLN B 34 -21.30 -11.43 -19.53
N LEU B 35 -22.48 -10.94 -19.85
CA LEU B 35 -23.62 -11.82 -20.14
C LEU B 35 -23.38 -12.68 -21.36
N GLN B 36 -22.34 -12.35 -22.12
CA GLN B 36 -21.96 -13.09 -23.33
C GLN B 36 -21.03 -14.26 -23.04
N ILE B 37 -20.50 -14.31 -21.82
CA ILE B 37 -19.59 -15.34 -21.45
C ILE B 37 -20.29 -16.67 -21.40
N PRO B 38 -19.80 -17.66 -22.15
CA PRO B 38 -20.37 -19.00 -22.23
C PRO B 38 -20.06 -19.95 -21.10
N ARG B 39 -20.79 -21.06 -21.05
CA ARG B 39 -20.61 -22.07 -20.05
C ARG B 39 -19.18 -22.52 -20.07
N ILE B 40 -18.59 -22.61 -18.90
CA ILE B 40 -17.19 -22.99 -18.79
C ILE B 40 -17.06 -24.38 -19.27
N GLU B 41 -16.35 -24.56 -20.36
CA GLU B 41 -16.20 -25.88 -20.93
C GLU B 41 -14.75 -26.20 -21.08
N ASP B 42 -14.45 -27.46 -21.28
CA ASP B 42 -13.06 -27.92 -21.40
C ASP B 42 -12.23 -27.47 -22.63
N GLY B 43 -12.83 -27.47 -23.81
CA GLY B 43 -12.06 -27.03 -24.95
C GLY B 43 -12.83 -25.96 -25.72
N ASN B 44 -12.14 -25.32 -26.66
CA ASN B 44 -12.73 -24.30 -27.50
C ASN B 44 -12.92 -23.01 -26.70
N ASN B 45 -11.81 -22.40 -26.28
CA ASN B 45 -11.91 -21.19 -25.49
C ASN B 45 -11.21 -19.98 -26.03
N PHE B 46 -10.97 -20.01 -27.34
CA PHE B 46 -10.29 -18.90 -27.94
C PHE B 46 -11.19 -17.71 -27.81
N GLY B 47 -12.43 -17.87 -28.23
CA GLY B 47 -13.40 -16.79 -28.16
C GLY B 47 -13.51 -16.31 -26.72
N VAL B 48 -13.48 -17.26 -25.80
CA VAL B 48 -13.55 -16.92 -24.42
C VAL B 48 -12.34 -16.05 -24.07
N ALA B 49 -11.20 -16.41 -24.62
CA ALA B 49 -9.97 -15.65 -24.43
C ALA B 49 -10.09 -14.24 -25.01
N VAL B 50 -10.77 -14.12 -26.14
CA VAL B 50 -10.98 -12.84 -26.77
C VAL B 50 -11.89 -11.97 -25.89
N GLN B 51 -12.93 -12.54 -25.29
CA GLN B 51 -13.80 -11.76 -24.45
C GLN B 51 -13.06 -11.29 -23.24
N GLU B 52 -12.14 -12.11 -22.74
CA GLU B 52 -11.35 -11.73 -21.57
C GLU B 52 -10.41 -10.56 -21.80
N LYS B 53 -9.86 -10.47 -23.01
CA LYS B 53 -8.94 -9.40 -23.34
C LYS B 53 -9.63 -8.05 -23.52
N VAL B 54 -10.84 -8.07 -24.10
CA VAL B 54 -11.63 -6.86 -24.32
C VAL B 54 -12.06 -6.39 -22.95
N PHE B 55 -12.46 -7.36 -22.18
CA PHE B 55 -12.88 -7.08 -20.83
C PHE B 55 -11.81 -6.35 -20.07
N GLU B 56 -10.58 -6.79 -20.24
CA GLU B 56 -9.50 -6.12 -19.55
C GLU B 56 -9.51 -4.66 -19.89
N LEU B 57 -9.76 -4.34 -21.14
CA LEU B 57 -9.74 -2.96 -21.53
C LEU B 57 -10.85 -2.18 -20.90
N MET B 58 -12.06 -2.68 -20.98
CA MET B 58 -13.21 -2.01 -20.40
C MET B 58 -12.94 -1.69 -18.97
N THR B 59 -12.35 -2.65 -18.29
CA THR B 59 -11.98 -2.48 -16.90
C THR B 59 -10.97 -1.35 -16.60
N SER B 60 -10.02 -1.10 -17.49
CA SER B 60 -9.07 -0.03 -17.24
C SER B 60 -9.77 1.27 -17.49
N LEU B 61 -10.51 1.33 -18.61
CA LEU B 61 -11.25 2.50 -18.92
C LEU B 61 -12.08 2.83 -17.68
N HIS B 62 -12.75 1.86 -17.09
CA HIS B 62 -13.55 2.24 -15.97
C HIS B 62 -12.73 2.84 -14.87
N THR B 63 -11.69 2.12 -14.49
CA THR B 63 -10.80 2.56 -13.44
C THR B 63 -10.34 4.01 -13.65
N LYS B 64 -9.91 4.29 -14.86
CA LYS B 64 -9.44 5.61 -15.25
C LYS B 64 -10.54 6.67 -15.11
N LEU B 65 -11.70 6.38 -15.67
CA LEU B 65 -12.81 7.31 -15.67
C LEU B 65 -13.48 7.51 -14.36
N GLU B 66 -13.46 6.50 -13.51
CA GLU B 66 -14.12 6.64 -12.21
C GLU B 66 -13.49 7.76 -11.37
N GLY B 67 -12.19 7.98 -11.54
CA GLY B 67 -11.52 9.03 -10.81
C GLY B 67 -11.98 10.44 -11.12
N PHE B 68 -12.16 10.73 -12.41
CA PHE B 68 -12.61 12.04 -12.91
C PHE B 68 -13.74 12.53 -12.08
N HIS B 69 -14.74 11.69 -11.88
CA HIS B 69 -15.89 12.03 -11.07
C HIS B 69 -15.51 12.95 -9.87
N THR B 70 -14.73 12.36 -8.98
CA THR B 70 -14.28 12.92 -7.71
C THR B 70 -13.27 14.04 -7.76
N GLN B 71 -12.44 14.09 -8.80
CA GLN B 71 -11.43 15.15 -8.91
C GLN B 71 -12.05 16.56 -8.95
N ILE B 72 -13.35 16.61 -9.22
CA ILE B 72 -14.05 17.86 -9.34
C ILE B 72 -14.38 18.47 -7.99
N SER B 73 -14.82 17.65 -7.06
CA SER B 73 -15.14 18.14 -5.72
C SER B 73 -13.88 18.54 -5.05
N LYS B 74 -12.82 17.78 -5.28
CA LYS B 74 -11.54 18.06 -4.67
C LYS B 74 -11.07 19.45 -5.05
N TYR B 75 -11.38 19.85 -6.28
CA TYR B 75 -10.98 21.18 -6.73
C TYR B 75 -11.57 22.24 -5.80
N PHE B 76 -12.88 22.23 -5.63
CA PHE B 76 -13.51 23.22 -4.77
C PHE B 76 -13.08 23.09 -3.34
N SER B 77 -12.70 21.90 -2.95
CA SER B 77 -12.29 21.78 -1.58
C SER B 77 -10.90 22.29 -1.42
N GLU B 78 -10.03 21.93 -2.34
CA GLU B 78 -8.67 22.38 -2.27
C GLU B 78 -8.60 23.86 -2.43
N ARG B 79 -9.40 24.39 -3.34
CA ARG B 79 -9.42 25.82 -3.58
C ARG B 79 -9.99 26.56 -2.37
N GLY B 80 -11.15 26.10 -1.88
CA GLY B 80 -11.78 26.72 -0.73
C GLY B 80 -10.77 26.91 0.35
N ASP B 81 -10.02 25.86 0.61
CA ASP B 81 -9.00 25.90 1.64
C ASP B 81 -7.87 26.86 1.32
N ALA B 82 -7.44 26.94 0.08
CA ALA B 82 -6.36 27.85 -0.26
C ALA B 82 -6.77 29.29 -0.03
N VAL B 83 -7.96 29.66 -0.50
CA VAL B 83 -8.46 31.01 -0.36
C VAL B 83 -8.52 31.38 1.09
N THR B 84 -9.02 30.47 1.91
CA THR B 84 -9.10 30.65 3.35
C THR B 84 -7.74 30.95 3.96
N LYS B 85 -6.73 30.12 3.70
CA LYS B 85 -5.40 30.37 4.24
C LYS B 85 -4.85 31.67 3.68
N ALA B 86 -5.04 31.91 2.39
CA ALA B 86 -4.57 33.13 1.74
C ALA B 86 -5.08 34.28 2.55
N ALA B 87 -6.37 34.23 2.86
CA ALA B 87 -7.06 35.23 3.64
C ALA B 87 -6.54 35.34 5.06
N LYS B 88 -6.43 34.22 5.77
CA LYS B 88 -5.91 34.24 7.13
C LYS B 88 -4.44 34.61 7.22
N GLN B 89 -3.67 34.45 6.14
CA GLN B 89 -2.26 34.76 6.16
C GLN B 89 -2.01 35.62 4.94
N PRO B 90 -2.56 36.84 4.92
CA PRO B 90 -2.40 37.77 3.80
C PRO B 90 -0.94 38.17 3.52
N HIS B 91 -0.07 37.87 4.46
CA HIS B 91 1.33 38.18 4.26
C HIS B 91 2.03 37.09 3.43
N VAL B 92 1.42 35.91 3.37
CA VAL B 92 2.00 34.79 2.66
C VAL B 92 1.47 34.83 1.26
N GLY B 93 2.36 35.20 0.33
CA GLY B 93 1.98 35.33 -1.04
C GLY B 93 1.83 34.04 -1.78
N ASP B 94 2.42 32.98 -1.25
CA ASP B 94 2.35 31.66 -1.87
C ASP B 94 0.93 31.12 -1.89
N TYR B 95 0.12 31.56 -0.94
CA TYR B 95 -1.26 31.12 -0.89
C TYR B 95 -2.08 31.77 -1.98
N ARG B 96 -1.73 32.99 -2.37
CA ARG B 96 -2.50 33.60 -3.43
C ARG B 96 -2.08 32.96 -4.70
N GLN B 97 -0.78 32.64 -4.81
CA GLN B 97 -0.31 32.00 -6.02
C GLN B 97 -0.90 30.61 -6.14
N LEU B 98 -1.00 29.90 -5.01
CA LEU B 98 -1.54 28.55 -5.00
C LEU B 98 -2.93 28.62 -5.56
N VAL B 99 -3.76 29.53 -5.06
CA VAL B 99 -5.10 29.60 -5.62
C VAL B 99 -5.12 29.73 -7.14
N HIS B 100 -4.20 30.47 -7.71
CA HIS B 100 -4.19 30.60 -9.16
C HIS B 100 -3.60 29.42 -9.85
N GLU B 101 -2.80 28.68 -9.13
CA GLU B 101 -2.21 27.51 -9.69
C GLU B 101 -3.25 26.40 -9.77
N LEU B 102 -4.16 26.35 -8.78
CA LEU B 102 -5.22 25.35 -8.77
C LEU B 102 -6.16 25.55 -9.96
N ASP B 103 -6.50 26.81 -10.24
CA ASP B 103 -7.40 27.09 -11.34
C ASP B 103 -6.76 26.71 -12.65
N GLU B 104 -5.50 27.05 -12.83
CA GLU B 104 -4.83 26.72 -14.07
C GLU B 104 -4.80 25.25 -14.24
N ALA B 105 -4.51 24.55 -13.15
CA ALA B 105 -4.44 23.11 -13.23
C ALA B 105 -5.79 22.54 -13.49
N GLU B 106 -6.84 23.03 -12.84
CA GLU B 106 -8.15 22.45 -13.07
C GLU B 106 -8.50 22.68 -14.54
N TYR B 107 -8.01 23.77 -15.08
CA TYR B 107 -8.32 24.03 -16.46
C TYR B 107 -7.58 23.03 -17.34
N ARG B 108 -6.31 22.78 -17.01
CA ARG B 108 -5.53 21.83 -17.80
C ARG B 108 -6.06 20.43 -17.74
N ASP B 109 -6.74 20.11 -16.64
CA ASP B 109 -7.32 18.77 -16.41
C ASP B 109 -8.60 18.57 -17.17
N ILE B 110 -9.49 19.56 -17.12
CA ILE B 110 -10.73 19.47 -17.85
C ILE B 110 -10.43 19.13 -19.31
N ARG B 111 -9.44 19.79 -19.90
CA ARG B 111 -9.10 19.53 -21.28
C ARG B 111 -8.66 18.08 -21.39
N LEU B 112 -7.82 17.64 -20.49
CA LEU B 112 -7.37 16.27 -20.48
C LEU B 112 -8.47 15.28 -20.22
N MET B 113 -9.43 15.62 -19.36
CA MET B 113 -10.54 14.69 -19.09
C MET B 113 -11.43 14.55 -20.33
N VAL B 114 -11.64 15.65 -21.04
CA VAL B 114 -12.49 15.60 -22.24
C VAL B 114 -11.73 14.79 -23.25
N MET B 115 -10.43 14.95 -23.26
CA MET B 115 -9.60 14.26 -24.22
C MET B 115 -9.59 12.79 -23.92
N GLU B 116 -9.45 12.42 -22.66
CA GLU B 116 -9.46 11.01 -22.29
C GLU B 116 -10.84 10.31 -22.38
N ILE B 117 -11.92 11.09 -22.43
CA ILE B 117 -13.23 10.50 -22.55
C ILE B 117 -13.49 10.17 -24.03
N ARG B 118 -13.13 11.10 -24.91
CA ARG B 118 -13.33 10.94 -26.32
C ARG B 118 -12.62 9.67 -26.70
N ASN B 119 -11.37 9.59 -26.23
CA ASN B 119 -10.51 8.47 -26.50
C ASN B 119 -11.11 7.17 -25.98
N ALA B 120 -11.94 7.20 -24.94
CA ALA B 120 -12.50 5.94 -24.46
C ALA B 120 -13.56 5.49 -25.40
N TYR B 121 -14.38 6.41 -25.89
CA TYR B 121 -15.42 6.04 -26.80
C TYR B 121 -14.79 5.43 -28.03
N ALA B 122 -13.74 6.07 -28.52
CA ALA B 122 -13.04 5.62 -29.75
C ALA B 122 -12.44 4.26 -29.60
N VAL B 123 -11.60 4.10 -28.59
CA VAL B 123 -10.95 2.84 -28.40
C VAL B 123 -11.91 1.69 -28.16
N LEU B 124 -13.04 1.96 -27.49
CA LEU B 124 -14.06 0.96 -27.18
C LEU B 124 -14.80 0.56 -28.42
N TYR B 125 -15.26 1.56 -29.14
CA TYR B 125 -15.97 1.30 -30.35
C TYR B 125 -15.10 0.41 -31.20
N ASP B 126 -13.87 0.88 -31.42
CA ASP B 126 -12.90 0.17 -32.23
C ASP B 126 -12.70 -1.29 -31.85
N ILE B 127 -12.41 -1.55 -30.59
CA ILE B 127 -12.21 -2.92 -30.14
C ILE B 127 -13.43 -3.82 -30.15
N ILE B 128 -14.60 -3.29 -29.82
CA ILE B 128 -15.81 -4.09 -29.84
C ILE B 128 -16.07 -4.40 -31.31
N LEU B 129 -15.87 -3.44 -32.19
CA LEU B 129 -16.11 -3.72 -33.58
C LEU B 129 -15.25 -4.81 -34.16
N LYS B 130 -13.94 -4.67 -34.04
CA LYS B 130 -13.01 -5.63 -34.59
C LYS B 130 -13.25 -7.09 -34.17
N ASN B 131 -13.63 -7.30 -32.92
CA ASN B 131 -13.84 -8.63 -32.38
C ASN B 131 -15.26 -8.97 -32.09
N PHE B 132 -16.20 -8.36 -32.79
CA PHE B 132 -17.58 -8.63 -32.49
C PHE B 132 -17.98 -10.08 -32.67
N GLU B 133 -17.51 -10.71 -33.74
CA GLU B 133 -17.85 -12.10 -34.02
C GLU B 133 -17.65 -12.95 -32.77
N LYS B 134 -16.44 -12.96 -32.24
CA LYS B 134 -16.16 -13.73 -31.03
C LYS B 134 -16.72 -13.17 -29.76
N LEU B 135 -16.90 -11.87 -29.65
CA LEU B 135 -17.49 -11.34 -28.45
C LEU B 135 -18.94 -11.83 -28.43
N LYS B 136 -19.63 -11.81 -29.55
CA LYS B 136 -21.02 -12.24 -29.56
C LYS B 136 -21.20 -13.76 -29.62
N LYS B 137 -20.35 -14.42 -30.38
CA LYS B 137 -20.42 -15.87 -30.57
C LYS B 137 -19.08 -16.48 -30.37
N PRO B 138 -18.62 -16.58 -29.13
CA PRO B 138 -17.32 -17.13 -28.81
C PRO B 138 -17.05 -18.52 -29.27
N ARG B 139 -18.10 -19.25 -29.60
CA ARG B 139 -17.90 -20.64 -30.03
C ARG B 139 -18.39 -20.96 -31.42
N GLY B 140 -19.25 -20.10 -31.98
CA GLY B 140 -19.77 -20.34 -33.32
C GLY B 140 -21.27 -20.27 -33.42
N LEU C 1 -23.68 -6.62 -36.80
CA LEU C 1 -23.97 -5.24 -36.28
C LEU C 1 -24.12 -4.22 -37.42
N ARG C 2 -25.09 -3.32 -37.27
CA ARG C 2 -25.37 -2.29 -38.27
C ARG C 2 -24.80 -0.91 -37.93
N VAL C 3 -23.71 -0.55 -38.61
CA VAL C 3 -23.15 0.77 -38.39
C VAL C 3 -23.49 1.62 -39.61
N GLN C 4 -24.35 2.58 -39.31
CA GLN C 4 -24.88 3.56 -40.24
C GLN C 4 -23.79 4.36 -40.94
N PRO C 5 -23.92 4.57 -42.28
CA PRO C 5 -23.00 5.30 -43.15
C PRO C 5 -22.53 6.64 -42.61
N GLU C 6 -23.45 7.42 -42.08
CA GLU C 6 -23.10 8.71 -41.51
C GLU C 6 -22.34 8.55 -40.18
N ALA C 7 -22.79 7.58 -39.36
CA ALA C 7 -22.16 7.32 -38.07
C ALA C 7 -20.79 6.77 -38.32
N GLN C 8 -20.67 5.88 -39.29
CA GLN C 8 -19.37 5.33 -39.58
C GLN C 8 -18.50 6.47 -40.06
N ALA C 9 -19.09 7.39 -40.80
CA ALA C 9 -18.37 8.55 -41.32
C ALA C 9 -17.76 9.39 -40.22
N LYS C 10 -18.51 9.61 -39.13
CA LYS C 10 -18.03 10.42 -37.96
C LYS C 10 -16.72 9.82 -37.44
N VAL C 11 -16.71 8.50 -37.32
CA VAL C 11 -15.57 7.73 -36.88
C VAL C 11 -14.39 7.81 -37.87
N ASP C 12 -14.66 7.57 -39.16
CA ASP C 12 -13.64 7.61 -40.20
C ASP C 12 -12.90 8.92 -40.14
N VAL C 13 -13.64 10.02 -39.94
CA VAL C 13 -13.09 11.37 -39.85
C VAL C 13 -12.17 11.48 -38.66
N PHE C 14 -12.61 11.01 -37.51
CA PHE C 14 -11.76 11.09 -36.33
C PHE C 14 -10.51 10.30 -36.55
N ARG C 15 -10.68 9.09 -37.03
CA ARG C 15 -9.57 8.22 -37.22
C ARG C 15 -8.50 8.70 -38.19
N GLU C 16 -8.90 9.55 -39.13
CA GLU C 16 -7.99 10.13 -40.10
C GLU C 16 -7.25 11.26 -39.47
N ASP C 17 -7.98 12.13 -38.78
CA ASP C 17 -7.37 13.28 -38.08
C ASP C 17 -6.28 12.82 -37.16
N LEU C 18 -6.55 11.75 -36.45
CA LEU C 18 -5.57 11.20 -35.53
C LEU C 18 -4.34 10.70 -36.26
N CYS C 19 -4.52 10.08 -37.43
CA CYS C 19 -3.37 9.55 -38.16
C CYS C 19 -2.48 10.70 -38.64
N THR C 20 -3.14 11.72 -39.17
CA THR C 20 -2.48 12.90 -39.63
C THR C 20 -1.74 13.54 -38.47
N LYS C 21 -2.39 13.85 -37.35
CA LYS C 21 -1.71 14.48 -36.22
C LYS C 21 -0.53 13.65 -35.84
N THR C 22 -0.66 12.32 -35.94
CA THR C 22 0.45 11.46 -35.57
C THR C 22 1.59 11.41 -36.52
N GLU C 23 1.33 11.50 -37.81
CA GLU C 23 2.43 11.46 -38.73
C GLU C 23 3.24 12.71 -38.48
N ASN C 24 2.54 13.79 -38.12
CA ASN C 24 3.14 15.11 -37.85
C ASN C 24 3.92 15.14 -36.57
N LEU C 25 3.38 14.53 -35.52
CA LEU C 25 4.08 14.45 -34.26
C LEU C 25 5.45 13.81 -34.49
N LEU C 26 5.46 12.63 -35.08
CA LEU C 26 6.71 11.92 -35.29
C LEU C 26 7.65 12.58 -36.24
N GLY C 27 7.17 12.92 -37.43
CA GLY C 27 8.04 13.56 -38.39
C GLY C 27 8.50 14.99 -38.12
N SER C 28 7.93 15.68 -37.13
CA SER C 28 8.30 17.07 -36.87
C SER C 28 8.26 17.66 -35.46
N TYR C 29 7.12 17.54 -34.79
CA TYR C 29 6.90 18.07 -33.45
C TYR C 29 7.83 17.51 -32.41
N PHE C 30 8.01 16.18 -32.42
CA PHE C 30 8.89 15.56 -31.50
C PHE C 30 10.31 15.99 -31.70
N PRO C 31 10.87 15.97 -32.94
CA PRO C 31 12.27 16.40 -33.15
C PRO C 31 12.42 17.88 -32.77
N LYS C 32 11.35 18.66 -32.94
CA LYS C 32 11.36 20.07 -32.62
C LYS C 32 11.47 20.25 -31.12
N LYS C 33 10.57 19.61 -30.39
CA LYS C 33 10.55 19.71 -28.92
C LYS C 33 11.81 19.26 -28.25
N ILE C 34 12.43 18.20 -28.79
CA ILE C 34 13.70 17.64 -28.28
C ILE C 34 14.76 18.70 -28.40
N SER C 35 14.75 19.44 -29.48
CA SER C 35 15.69 20.51 -29.66
C SER C 35 15.41 21.72 -28.79
N GLU C 36 14.15 22.14 -28.69
CA GLU C 36 13.79 23.30 -27.85
C GLU C 36 14.20 23.13 -26.39
N LEU C 37 13.77 22.00 -25.82
CA LEU C 37 14.03 21.68 -24.44
C LEU C 37 15.49 21.49 -24.19
N ASP C 38 16.17 20.89 -25.14
CA ASP C 38 17.59 20.67 -25.01
C ASP C 38 18.29 22.00 -24.91
N ALA C 39 17.75 23.03 -25.56
CA ALA C 39 18.31 24.36 -25.50
C ALA C 39 17.97 25.04 -24.17
N PHE C 40 16.73 24.86 -23.73
CA PHE C 40 16.29 25.45 -22.49
C PHE C 40 17.24 25.03 -21.40
N LEU C 41 17.63 23.79 -21.42
CA LEU C 41 18.50 23.29 -20.41
C LEU C 41 19.85 23.91 -20.44
N LYS C 42 20.33 24.16 -21.65
CA LYS C 42 21.66 24.72 -21.82
C LYS C 42 21.67 26.21 -21.55
N GLU C 43 20.51 26.73 -21.20
CA GLU C 43 20.33 28.13 -20.90
C GLU C 43 20.73 28.44 -19.45
N PRO C 44 21.14 29.70 -19.16
CA PRO C 44 21.59 30.25 -17.85
C PRO C 44 20.59 30.17 -16.72
N ALA C 45 19.32 30.35 -17.05
CA ALA C 45 18.26 30.29 -16.05
C ALA C 45 18.31 28.96 -15.38
N LEU C 46 18.43 27.91 -16.18
CA LEU C 46 18.50 26.53 -15.73
C LEU C 46 19.94 26.10 -15.48
N ASN C 47 20.82 27.07 -15.31
CA ASN C 47 22.21 26.76 -15.08
C ASN C 47 22.82 27.74 -14.08
N GLU C 48 22.55 27.54 -12.80
CA GLU C 48 23.10 28.41 -11.78
C GLU C 48 23.94 27.59 -10.82
N ALA C 49 25.21 27.98 -10.73
CA ALA C 49 26.18 27.31 -9.88
C ALA C 49 25.86 27.66 -8.44
N ASN C 50 25.64 28.95 -8.21
CA ASN C 50 25.32 29.38 -6.88
C ASN C 50 23.86 29.50 -6.75
N LEU C 51 23.31 28.58 -5.97
CA LEU C 51 21.89 28.59 -5.72
C LEU C 51 21.59 29.58 -4.63
N SER C 52 22.60 30.06 -3.94
CA SER C 52 22.39 31.06 -2.91
C SER C 52 22.38 32.42 -3.60
N ASN C 53 22.07 32.38 -4.89
CA ASN C 53 21.86 33.54 -5.73
C ASN C 53 20.37 33.48 -5.94
N LEU C 54 19.84 32.29 -5.82
CA LEU C 54 18.42 32.00 -5.99
C LEU C 54 17.68 32.48 -4.74
N LYS C 55 18.42 32.66 -3.64
CA LYS C 55 17.88 33.08 -2.34
C LYS C 55 16.98 34.31 -2.33
N ALA C 56 15.76 34.11 -1.86
CA ALA C 56 14.75 35.15 -1.80
C ALA C 56 14.59 35.72 -0.39
N PRO C 57 14.34 37.03 -0.30
CA PRO C 57 14.15 37.71 0.98
C PRO C 57 12.95 37.21 1.75
N LEU C 58 13.14 36.99 3.04
CA LEU C 58 12.03 36.54 3.83
C LEU C 58 11.48 37.79 4.54
N ASP C 59 12.28 38.26 5.49
CA ASP C 59 11.93 39.44 6.28
C ASP C 59 10.82 39.12 7.27
N ILE C 60 11.24 38.79 8.49
CA ILE C 60 10.34 38.48 9.60
C ILE C 60 10.84 39.14 10.94
N ALA D 1 4.73 42.03 3.20
CA ALA D 1 4.31 40.67 2.77
C ALA D 1 5.48 39.79 2.30
N VAL D 2 5.39 38.47 2.47
CA VAL D 2 6.45 37.60 2.00
C VAL D 2 6.01 37.02 0.66
N ASN D 3 6.79 37.34 -0.36
CA ASN D 3 6.49 36.92 -1.72
C ASN D 3 7.13 35.60 -2.16
N CYS D 4 6.65 35.07 -3.29
CA CYS D 4 7.16 33.84 -3.83
C CYS D 4 8.53 34.09 -4.34
N ASN D 5 9.26 33.03 -4.54
CA ASN D 5 10.58 33.21 -5.08
C ASN D 5 10.36 33.52 -6.55
N GLU D 6 10.63 34.73 -6.96
CA GLU D 6 10.39 35.05 -8.35
C GLU D 6 11.17 34.26 -9.40
N LYS D 7 12.45 34.02 -9.13
CA LYS D 7 13.28 33.33 -10.11
C LYS D 7 12.69 32.01 -10.49
N ILE D 8 11.99 31.43 -9.54
CA ILE D 8 11.38 30.16 -9.71
C ILE D 8 10.01 30.26 -10.35
N VAL D 9 9.24 31.25 -9.93
CA VAL D 9 7.94 31.43 -10.54
C VAL D 9 8.02 31.58 -12.07
N VAL D 10 9.05 32.26 -12.57
CA VAL D 10 9.14 32.39 -14.01
C VAL D 10 9.53 31.09 -14.64
N LEU D 11 10.38 30.29 -13.99
CA LEU D 11 10.77 29.01 -14.55
C LEU D 11 9.53 28.15 -14.60
N LEU D 12 8.70 28.23 -13.56
CA LEU D 12 7.48 27.44 -13.54
C LEU D 12 6.60 27.86 -14.65
N GLN D 13 6.57 29.15 -14.90
CA GLN D 13 5.72 29.66 -15.97
C GLN D 13 6.04 29.06 -17.34
N ARG D 14 7.32 28.78 -17.58
CA ARG D 14 7.74 28.23 -18.88
C ARG D 14 7.58 26.75 -18.92
N LEU D 15 7.65 26.14 -17.75
CA LEU D 15 7.54 24.71 -17.62
C LEU D 15 6.13 24.22 -17.72
N LYS D 16 5.21 24.82 -17.00
CA LYS D 16 3.85 24.32 -17.05
C LYS D 16 3.30 24.00 -18.41
N PRO D 17 3.57 24.86 -19.38
CA PRO D 17 3.05 24.59 -20.72
C PRO D 17 3.71 23.40 -21.36
N GLU D 18 4.99 23.20 -21.07
CA GLU D 18 5.71 22.07 -21.67
C GLU D 18 5.19 20.76 -21.17
N ILE D 19 4.73 20.77 -19.92
CA ILE D 19 4.16 19.57 -19.28
C ILE D 19 2.84 19.30 -19.94
N LYS D 20 2.00 20.32 -20.06
CA LYS D 20 0.72 20.15 -20.69
C LYS D 20 0.91 19.59 -22.11
N ASP D 21 1.96 20.03 -22.80
CA ASP D 21 2.24 19.54 -24.16
C ASP D 21 2.57 18.05 -24.22
N VAL D 22 3.49 17.56 -23.40
CA VAL D 22 3.81 16.14 -23.45
C VAL D 22 2.64 15.28 -23.12
N ILE D 23 1.93 15.60 -22.03
CA ILE D 23 0.81 14.79 -21.62
C ILE D 23 -0.22 14.71 -22.75
N GLU D 24 -0.41 15.74 -23.53
CA GLU D 24 -1.37 15.64 -24.62
C GLU D 24 -0.87 14.83 -25.79
N GLN D 25 0.36 15.05 -26.20
CA GLN D 25 0.90 14.30 -27.32
C GLN D 25 0.98 12.86 -26.93
N LEU D 26 1.45 12.63 -25.74
CA LEU D 26 1.54 11.30 -25.26
C LEU D 26 0.18 10.65 -25.25
N ASN D 27 -0.88 11.42 -25.18
CA ASN D 27 -2.21 10.78 -25.18
C ASN D 27 -2.65 10.49 -26.59
N LEU D 28 -2.29 11.34 -27.53
CA LEU D 28 -2.68 11.10 -28.89
C LEU D 28 -2.00 9.83 -29.36
N VAL D 29 -0.68 9.83 -29.27
CA VAL D 29 0.16 8.73 -29.68
C VAL D 29 -0.37 7.42 -29.10
N THR D 30 -0.72 7.43 -27.82
CA THR D 30 -1.23 6.21 -27.22
C THR D 30 -2.50 5.77 -27.88
N THR D 31 -3.45 6.68 -28.06
CA THR D 31 -4.70 6.35 -28.72
C THR D 31 -4.40 5.86 -30.13
N TRP D 32 -3.55 6.56 -30.87
CA TRP D 32 -3.25 6.12 -32.22
C TRP D 32 -2.81 4.67 -32.13
N LEU D 33 -1.89 4.39 -31.22
CA LEU D 33 -1.42 3.03 -31.10
C LEU D 33 -2.51 2.03 -30.74
N GLN D 34 -3.33 2.28 -29.74
CA GLN D 34 -4.35 1.31 -29.42
C GLN D 34 -5.23 1.10 -30.62
N LEU D 35 -5.64 2.14 -31.34
CA LEU D 35 -6.49 1.94 -32.48
C LEU D 35 -5.83 1.06 -33.56
N GLN D 36 -4.53 0.81 -33.42
CA GLN D 36 -3.75 0.03 -34.39
C GLN D 36 -3.80 -1.45 -34.05
N ILE D 37 -4.29 -1.75 -32.87
CA ILE D 37 -4.34 -3.12 -32.42
C ILE D 37 -5.33 -3.89 -33.25
N PRO D 38 -4.90 -4.98 -33.87
CA PRO D 38 -5.72 -5.82 -34.72
C PRO D 38 -6.63 -6.80 -34.00
N ARG D 39 -7.61 -7.31 -34.75
CA ARG D 39 -8.55 -8.28 -34.26
C ARG D 39 -7.78 -9.40 -33.60
N ILE D 40 -8.21 -9.82 -32.41
CA ILE D 40 -7.51 -10.87 -31.66
C ILE D 40 -7.70 -12.11 -32.46
N GLU D 41 -6.57 -12.67 -32.89
CA GLU D 41 -6.54 -13.88 -33.71
C GLU D 41 -5.64 -14.89 -33.09
N ASP D 42 -5.84 -16.16 -33.47
CA ASP D 42 -5.07 -17.25 -32.93
C ASP D 42 -3.55 -17.28 -33.22
N GLY D 43 -3.16 -16.94 -34.45
CA GLY D 43 -1.74 -16.93 -34.72
C GLY D 43 -1.31 -15.63 -35.37
N ASN D 44 0.02 -15.46 -35.45
CA ASN D 44 0.64 -14.30 -36.04
C ASN D 44 0.47 -13.13 -35.11
N ASN D 45 1.13 -13.18 -33.95
CA ASN D 45 0.98 -12.10 -33.00
C ASN D 45 2.26 -11.39 -32.59
N PHE D 46 3.30 -11.59 -33.41
CA PHE D 46 4.56 -10.95 -33.10
C PHE D 46 4.36 -9.48 -33.14
N GLY D 47 3.77 -8.99 -34.22
CA GLY D 47 3.51 -7.58 -34.38
C GLY D 47 2.66 -7.11 -33.22
N VAL D 48 1.72 -7.94 -32.82
CA VAL D 48 0.89 -7.57 -31.71
C VAL D 48 1.78 -7.45 -30.44
N ALA D 49 2.74 -8.36 -30.33
CA ALA D 49 3.67 -8.34 -29.20
C ALA D 49 4.49 -7.05 -29.19
N VAL D 50 4.86 -6.59 -30.37
CA VAL D 50 5.65 -5.39 -30.52
C VAL D 50 4.80 -4.20 -30.08
N GLN D 51 3.54 -4.13 -30.46
CA GLN D 51 2.73 -3.01 -30.06
C GLN D 51 2.63 -3.00 -28.55
N GLU D 52 2.50 -4.19 -27.95
CA GLU D 52 2.37 -4.26 -26.50
C GLU D 52 3.58 -3.78 -25.74
N LYS D 53 4.76 -3.96 -26.30
CA LYS D 53 5.98 -3.50 -25.65
C LYS D 53 6.16 -2.00 -25.70
N VAL D 54 5.78 -1.41 -26.83
CA VAL D 54 5.88 0.06 -27.02
C VAL D 54 4.87 0.69 -26.08
N PHE D 55 3.70 0.08 -26.08
CA PHE D 55 2.65 0.51 -25.23
C PHE D 55 3.11 0.58 -23.82
N GLU D 56 3.83 -0.43 -23.38
CA GLU D 56 4.35 -0.42 -22.01
C GLU D 56 5.15 0.83 -21.78
N LEU D 57 5.93 1.23 -22.75
CA LEU D 57 6.72 2.41 -22.52
C LEU D 57 5.87 3.65 -22.40
N MET D 58 4.93 3.80 -23.31
CA MET D 58 4.09 4.96 -23.30
C MET D 58 3.45 5.11 -21.99
N THR D 59 3.08 3.97 -21.46
CA THR D 59 2.40 3.96 -20.18
C THR D 59 3.23 4.40 -19.01
N SER D 60 4.53 4.19 -19.07
CA SER D 60 5.35 4.59 -17.95
C SER D 60 5.55 6.04 -18.10
N LEU D 61 5.88 6.45 -19.32
CA LEU D 61 6.10 7.83 -19.56
C LEU D 61 4.89 8.52 -18.99
N HIS D 62 3.69 8.00 -19.27
CA HIS D 62 2.56 8.77 -18.76
C HIS D 62 2.57 8.89 -17.25
N THR D 63 2.69 7.76 -16.62
CA THR D 63 2.73 7.68 -15.18
C THR D 63 3.71 8.68 -14.61
N LYS D 64 4.92 8.68 -15.15
CA LYS D 64 5.99 9.57 -14.74
C LYS D 64 5.62 11.03 -14.90
N LEU D 65 5.13 11.40 -16.09
CA LEU D 65 4.78 12.78 -16.38
C LEU D 65 3.52 13.34 -15.74
N GLU D 66 2.58 12.48 -15.43
CA GLU D 66 1.35 12.96 -14.83
C GLU D 66 1.63 13.61 -13.47
N GLY D 67 2.62 13.09 -12.76
CA GLY D 67 2.97 13.61 -11.46
C GLY D 67 3.43 15.04 -11.48
N PHE D 68 4.26 15.39 -12.46
CA PHE D 68 4.81 16.71 -12.60
C PHE D 68 3.78 17.79 -12.46
N HIS D 69 2.65 17.61 -13.11
CA HIS D 69 1.64 18.65 -13.02
C HIS D 69 1.38 19.12 -11.59
N THR D 70 1.07 18.14 -10.75
CA THR D 70 0.73 18.35 -9.35
C THR D 70 1.87 18.78 -8.44
N GLN D 71 3.11 18.44 -8.77
CA GLN D 71 4.27 18.79 -7.96
C GLN D 71 4.46 20.30 -7.85
N ILE D 72 3.80 21.03 -8.74
CA ILE D 72 3.91 22.47 -8.80
C ILE D 72 3.04 23.18 -7.75
N SER D 73 1.82 22.69 -7.54
CA SER D 73 0.93 23.29 -6.56
C SER D 73 1.46 22.99 -5.22
N LYS D 74 1.96 21.77 -5.07
CA LYS D 74 2.56 21.33 -3.81
C LYS D 74 3.67 22.29 -3.39
N TYR D 75 4.48 22.76 -4.33
CA TYR D 75 5.51 23.71 -4.00
C TYR D 75 4.92 24.93 -3.29
N PHE D 76 3.94 25.58 -3.91
CA PHE D 76 3.35 26.77 -3.30
C PHE D 76 2.67 26.44 -1.99
N SER D 77 2.17 25.22 -1.85
CA SER D 77 1.51 24.92 -0.62
C SER D 77 2.51 24.63 0.48
N GLU D 78 3.54 23.89 0.16
CA GLU D 78 4.55 23.57 1.13
C GLU D 78 5.27 24.81 1.51
N ARG D 79 5.54 25.66 0.54
CA ARG D 79 6.25 26.90 0.82
C ARG D 79 5.37 27.86 1.65
N GLY D 80 4.14 28.10 1.21
CA GLY D 80 3.24 28.95 1.93
C GLY D 80 3.22 28.54 3.38
N ASP D 81 3.17 27.24 3.61
CA ASP D 81 3.17 26.75 4.98
C ASP D 81 4.47 27.01 5.71
N ALA D 82 5.60 26.87 5.05
CA ALA D 82 6.86 27.10 5.73
C ALA D 82 6.98 28.54 6.19
N VAL D 83 6.68 29.49 5.31
CA VAL D 83 6.72 30.93 5.64
C VAL D 83 5.84 31.21 6.84
N THR D 84 4.62 30.71 6.76
CA THR D 84 3.67 30.87 7.83
C THR D 84 4.25 30.44 9.19
N LYS D 85 4.82 29.23 9.30
CA LYS D 85 5.41 28.76 10.56
C LYS D 85 6.60 29.59 10.92
N ALA D 86 7.39 29.92 9.90
CA ALA D 86 8.58 30.72 10.08
C ALA D 86 8.14 31.99 10.79
N ALA D 87 7.09 32.60 10.26
CA ALA D 87 6.48 33.83 10.77
C ALA D 87 5.94 33.64 12.17
N LYS D 88 5.13 32.62 12.38
CA LYS D 88 4.57 32.35 13.71
C LYS D 88 5.60 31.95 14.74
N GLN D 89 6.74 31.42 14.32
CA GLN D 89 7.75 31.00 15.26
C GLN D 89 9.04 31.61 14.79
N PRO D 90 9.15 32.94 14.89
CA PRO D 90 10.36 33.66 14.45
C PRO D 90 11.62 33.31 15.22
N HIS D 91 11.45 32.63 16.34
CA HIS D 91 12.61 32.22 17.11
C HIS D 91 13.21 30.94 16.54
N VAL D 92 12.41 30.17 15.79
CA VAL D 92 12.85 28.91 15.20
C VAL D 92 13.44 29.19 13.85
N GLY D 93 14.77 29.06 13.76
CA GLY D 93 15.46 29.37 12.54
C GLY D 93 15.40 28.32 11.48
N ASP D 94 15.03 27.13 11.86
CA ASP D 94 14.97 26.04 10.91
C ASP D 94 13.87 26.28 9.91
N TYR D 95 12.86 27.05 10.30
CA TYR D 95 11.76 27.35 9.41
C TYR D 95 12.23 28.33 8.34
N ARG D 96 13.20 29.18 8.64
CA ARG D 96 13.67 30.08 7.60
C ARG D 96 14.52 29.24 6.66
N GLN D 97 15.32 28.31 7.20
CA GLN D 97 16.15 27.48 6.36
C GLN D 97 15.29 26.60 5.52
N LEU D 98 14.22 26.07 6.11
CA LEU D 98 13.33 25.21 5.38
C LEU D 98 12.81 25.98 4.19
N VAL D 99 12.35 27.20 4.39
CA VAL D 99 11.83 27.94 3.24
C VAL D 99 12.83 28.01 2.10
N HIS D 100 14.10 28.24 2.42
CA HIS D 100 15.10 28.33 1.35
C HIS D 100 15.46 27.00 0.74
N GLU D 101 15.31 25.92 1.47
CA GLU D 101 15.63 24.60 0.94
C GLU D 101 14.59 24.20 -0.10
N LEU D 102 13.35 24.63 0.09
CA LEU D 102 12.26 24.34 -0.85
C LEU D 102 12.52 24.98 -2.21
N ASP D 103 12.98 26.22 -2.20
CA ASP D 103 13.30 26.92 -3.44
C ASP D 103 14.41 26.24 -4.15
N GLU D 104 15.45 25.88 -3.43
CA GLU D 104 16.59 25.24 -4.05
C GLU D 104 16.15 23.98 -4.65
N ALA D 105 15.31 23.25 -3.95
CA ALA D 105 14.87 21.99 -4.50
C ALA D 105 13.94 22.18 -5.64
N GLU D 106 13.06 23.15 -5.58
CA GLU D 106 12.16 23.31 -6.70
C GLU D 106 13.00 23.65 -7.91
N TYR D 107 14.08 24.39 -7.69
CA TYR D 107 14.94 24.75 -8.80
C TYR D 107 15.60 23.51 -9.35
N ARG D 108 16.09 22.64 -8.49
CA ARG D 108 16.67 21.45 -9.06
C ARG D 108 15.62 20.56 -9.73
N ASP D 109 14.35 20.52 -9.24
CA ASP D 109 13.30 19.68 -9.84
C ASP D 109 12.93 20.15 -11.21
N ILE D 110 12.71 21.45 -11.36
CA ILE D 110 12.36 22.02 -12.65
C ILE D 110 13.35 21.54 -13.71
N ARG D 111 14.64 21.62 -13.38
CA ARG D 111 15.67 21.21 -14.31
C ARG D 111 15.47 19.72 -14.61
N LEU D 112 15.24 18.91 -13.59
CA LEU D 112 14.98 17.49 -13.79
C LEU D 112 13.71 17.21 -14.58
N MET D 113 12.67 18.00 -14.37
CA MET D 113 11.44 17.80 -15.12
C MET D 113 11.66 18.16 -16.55
N VAL D 114 12.43 19.19 -16.83
CA VAL D 114 12.67 19.61 -18.22
C VAL D 114 13.51 18.52 -18.85
N MET D 115 14.41 17.98 -18.05
CA MET D 115 15.29 16.93 -18.52
C MET D 115 14.48 15.66 -18.79
N GLU D 116 13.57 15.30 -17.89
CA GLU D 116 12.80 14.11 -18.13
C GLU D 116 11.73 14.19 -19.24
N ILE D 117 11.38 15.40 -19.65
CA ILE D 117 10.41 15.61 -20.69
C ILE D 117 11.12 15.55 -22.03
N ARG D 118 12.30 16.13 -22.12
CA ARG D 118 13.04 16.07 -23.37
C ARG D 118 13.25 14.61 -23.70
N ASN D 119 13.71 13.88 -22.67
CA ASN D 119 13.98 12.44 -22.73
C ASN D 119 12.73 11.63 -23.15
N ALA D 120 11.52 12.07 -22.81
CA ALA D 120 10.35 11.32 -23.23
C ALA D 120 10.12 11.46 -24.69
N TYR D 121 10.29 12.69 -25.19
CA TYR D 121 10.11 12.89 -26.60
C TYR D 121 11.14 12.05 -27.35
N ALA D 122 12.39 12.08 -26.90
CA ALA D 122 13.47 11.34 -27.57
C ALA D 122 13.22 9.87 -27.60
N VAL D 123 12.98 9.30 -26.43
CA VAL D 123 12.79 7.88 -26.35
C VAL D 123 11.59 7.37 -27.11
N LEU D 124 10.52 8.13 -27.08
CA LEU D 124 9.28 7.81 -27.82
C LEU D 124 9.46 7.86 -29.31
N TYR D 125 10.11 8.91 -29.79
CA TYR D 125 10.31 9.06 -31.21
C TYR D 125 11.14 7.90 -31.65
N ASP D 126 12.18 7.65 -30.90
CA ASP D 126 13.07 6.57 -31.24
C ASP D 126 12.39 5.24 -31.37
N ILE D 127 11.65 4.83 -30.35
CA ILE D 127 10.97 3.54 -30.38
C ILE D 127 9.86 3.42 -31.39
N ILE D 128 9.09 4.47 -31.62
CA ILE D 128 8.00 4.43 -32.60
C ILE D 128 8.68 4.30 -33.94
N LEU D 129 9.78 5.02 -34.16
CA LEU D 129 10.46 4.90 -35.45
C LEU D 129 10.97 3.51 -35.77
N LYS D 130 11.82 2.99 -34.92
CA LYS D 130 12.39 1.65 -35.09
C LYS D 130 11.38 0.55 -35.36
N ASN D 131 10.21 0.61 -34.72
CA ASN D 131 9.23 -0.42 -34.92
C ASN D 131 8.01 0.05 -35.63
N PHE D 132 8.13 1.01 -36.52
CA PHE D 132 6.92 1.47 -37.17
C PHE D 132 6.20 0.43 -37.99
N GLU D 133 6.96 -0.35 -38.75
CA GLU D 133 6.39 -1.38 -39.61
C GLU D 133 5.35 -2.18 -38.86
N LYS D 134 5.76 -2.83 -37.78
CA LYS D 134 4.84 -3.62 -36.99
C LYS D 134 3.84 -2.85 -36.16
N LEU D 135 4.17 -1.64 -35.73
CA LEU D 135 3.19 -0.91 -34.98
C LEU D 135 2.07 -0.58 -35.95
N LYS D 136 2.40 -0.22 -37.18
CA LYS D 136 1.33 0.13 -38.12
C LYS D 136 0.69 -1.06 -38.81
N LYS D 137 1.50 -2.05 -39.15
CA LYS D 137 1.02 -3.27 -39.83
C LYS D 137 1.54 -4.49 -39.11
N PRO D 138 0.96 -4.81 -37.94
CA PRO D 138 1.37 -5.94 -37.16
C PRO D 138 1.30 -7.26 -37.81
N ARG D 139 0.57 -7.35 -38.91
CA ARG D 139 0.45 -8.64 -39.60
C ARG D 139 0.92 -8.68 -41.04
N GLY D 140 1.08 -7.51 -41.65
CA GLY D 140 1.53 -7.43 -43.03
C GLY D 140 0.63 -6.59 -43.94
N LEU E 1 6.97 5.69 -42.79
CA LEU E 1 6.86 7.02 -42.12
C LEU E 1 7.81 8.05 -42.73
N ARG E 2 7.31 9.27 -42.92
CA ARG E 2 8.10 10.35 -43.50
C ARG E 2 8.69 11.34 -42.48
N VAL E 3 9.99 11.23 -42.20
CA VAL E 3 10.63 12.19 -41.31
C VAL E 3 11.52 13.04 -42.22
N GLN E 4 11.14 14.28 -42.41
CA GLN E 4 11.91 15.18 -43.26
C GLN E 4 13.36 15.20 -42.80
N PRO E 5 14.31 15.50 -43.69
CA PRO E 5 15.73 15.52 -43.32
C PRO E 5 16.18 16.50 -42.26
N GLU E 6 15.39 17.52 -42.02
CA GLU E 6 15.75 18.55 -41.06
C GLU E 6 15.34 18.18 -39.66
N ALA E 7 14.28 17.40 -39.60
CA ALA E 7 13.72 16.92 -38.35
C ALA E 7 14.60 15.80 -37.90
N GLN E 8 14.99 14.94 -38.83
CA GLN E 8 15.84 13.84 -38.46
C GLN E 8 17.13 14.43 -37.95
N ALA E 9 17.55 15.53 -38.54
CA ALA E 9 18.79 16.18 -38.13
C ALA E 9 18.79 16.66 -36.70
N LYS E 10 17.68 17.25 -36.27
CA LYS E 10 17.55 17.74 -34.90
C LYS E 10 17.87 16.58 -33.95
N VAL E 11 17.32 15.41 -34.28
CA VAL E 11 17.47 14.19 -33.50
C VAL E 11 18.89 13.66 -33.53
N ASP E 12 19.47 13.56 -34.73
CA ASP E 12 20.82 13.07 -34.89
C ASP E 12 21.76 13.86 -34.02
N VAL E 13 21.53 15.18 -33.96
CA VAL E 13 22.33 16.10 -33.14
C VAL E 13 22.19 15.78 -31.66
N PHE E 14 20.98 15.58 -31.19
CA PHE E 14 20.75 15.28 -29.80
C PHE E 14 21.48 14.00 -29.47
N ARG E 15 21.36 13.04 -30.38
CA ARG E 15 21.92 11.73 -30.21
C ARG E 15 23.43 11.68 -30.17
N GLU E 16 24.08 12.59 -30.88
CA GLU E 16 25.54 12.68 -30.88
C GLU E 16 26.03 13.29 -29.59
N ASP E 17 25.40 14.39 -29.19
CA ASP E 17 25.74 15.09 -27.95
C ASP E 17 25.68 14.12 -26.79
N LEU E 18 24.64 13.30 -26.79
CA LEU E 18 24.48 12.34 -25.73
C LEU E 18 25.60 11.32 -25.73
N CYS E 19 26.00 10.84 -26.91
CA CYS E 19 27.08 9.85 -26.99
C CYS E 19 28.39 10.44 -26.49
N THR E 20 28.65 11.67 -26.87
CA THR E 20 29.80 12.38 -26.45
C THR E 20 29.75 12.55 -24.94
N LYS E 21 28.67 13.10 -24.39
CA LYS E 21 28.57 13.29 -22.94
C LYS E 21 28.84 12.00 -22.25
N THR E 22 28.35 10.91 -22.81
CA THR E 22 28.55 9.60 -22.20
C THR E 22 29.93 9.02 -22.28
N GLU E 23 30.66 9.27 -23.36
CA GLU E 23 32.00 8.70 -23.43
C GLU E 23 32.80 9.39 -22.35
N ASN E 24 32.49 10.67 -22.15
CA ASN E 24 33.19 11.52 -21.17
C ASN E 24 32.86 11.14 -19.74
N LEU E 25 31.60 10.80 -19.50
CA LEU E 25 31.17 10.37 -18.19
C LEU E 25 32.02 9.13 -17.77
N LEU E 26 32.00 8.11 -18.59
CA LEU E 26 32.69 6.87 -18.30
C LEU E 26 34.17 7.04 -18.23
N GLY E 27 34.72 7.64 -19.26
CA GLY E 27 36.16 7.82 -19.30
C GLY E 27 36.80 8.83 -18.38
N SER E 28 36.00 9.68 -17.75
CA SER E 28 36.57 10.71 -16.86
C SER E 28 35.82 11.22 -15.60
N TYR E 29 34.57 11.64 -15.79
CA TYR E 29 33.72 12.16 -14.74
C TYR E 29 33.49 11.19 -13.61
N PHE E 30 33.09 9.98 -13.97
CA PHE E 30 32.85 8.97 -12.99
C PHE E 30 34.09 8.65 -12.17
N PRO E 31 35.27 8.39 -12.82
CA PRO E 31 36.49 8.08 -12.04
C PRO E 31 36.87 9.26 -11.12
N LYS E 32 36.56 10.45 -11.59
CA LYS E 32 36.84 11.67 -10.85
C LYS E 32 35.97 11.75 -9.62
N LYS E 33 34.65 11.65 -9.81
CA LYS E 33 33.73 11.70 -8.69
C LYS E 33 33.97 10.64 -7.63
N ILE E 34 34.34 9.43 -8.06
CA ILE E 34 34.62 8.34 -7.14
C ILE E 34 35.78 8.76 -6.29
N SER E 35 36.72 9.46 -6.86
CA SER E 35 37.85 9.89 -6.06
C SER E 35 37.54 11.07 -5.13
N GLU E 36 36.79 12.05 -5.60
CA GLU E 36 36.44 13.21 -4.80
C GLU E 36 35.66 12.81 -3.57
N LEU E 37 34.58 12.06 -3.78
CA LEU E 37 33.75 11.65 -2.69
C LEU E 37 34.48 10.76 -1.73
N ASP E 38 35.34 9.91 -2.25
CA ASP E 38 36.11 8.99 -1.39
C ASP E 38 36.98 9.81 -0.46
N ALA E 39 37.42 10.96 -0.94
CA ALA E 39 38.22 11.84 -0.14
C ALA E 39 37.36 12.55 0.90
N PHE E 40 36.19 12.99 0.48
CA PHE E 40 35.27 13.70 1.35
C PHE E 40 35.01 12.86 2.57
N LEU E 41 34.86 11.56 2.35
CA LEU E 41 34.56 10.64 3.44
C LEU E 41 35.69 10.53 4.41
N LYS E 42 36.90 10.48 3.87
CA LYS E 42 38.07 10.33 4.72
C LYS E 42 38.41 11.63 5.45
N GLU E 43 37.64 12.68 5.19
CA GLU E 43 37.83 14.00 5.78
C GLU E 43 37.23 14.03 7.18
N PRO E 44 37.76 14.87 8.08
CA PRO E 44 37.39 15.11 9.49
C PRO E 44 35.94 15.54 9.72
N ALA E 45 35.41 16.37 8.81
CA ALA E 45 34.01 16.83 8.92
C ALA E 45 33.12 15.62 8.98
N LEU E 46 33.41 14.66 8.11
CA LEU E 46 32.66 13.43 8.03
C LEU E 46 33.27 12.34 8.88
N ASN E 47 34.05 12.74 9.87
CA ASN E 47 34.69 11.75 10.72
C ASN E 47 34.79 12.30 12.11
N GLU E 48 33.70 12.23 12.87
CA GLU E 48 33.69 12.70 14.26
C GLU E 48 33.33 11.54 15.19
N ALA E 49 34.26 11.26 16.10
CA ALA E 49 34.10 10.18 17.07
C ALA E 49 33.04 10.59 18.07
N ASN E 50 33.21 11.80 18.56
CA ASN E 50 32.27 12.33 19.51
C ASN E 50 31.22 13.16 18.83
N LEU E 51 30.01 12.61 18.78
CA LEU E 51 28.91 13.31 18.16
C LEU E 51 28.35 14.33 19.12
N SER E 52 28.84 14.31 20.35
CA SER E 52 28.41 15.31 21.30
C SER E 52 29.31 16.51 21.20
N ASN E 53 30.06 16.56 20.13
CA ASN E 53 30.91 17.71 19.79
C ASN E 53 30.09 18.42 18.72
N LEU E 54 29.21 17.64 18.09
CA LEU E 54 28.32 18.09 17.04
C LEU E 54 27.14 18.84 17.67
N LYS E 55 26.92 18.59 18.95
CA LYS E 55 25.84 19.19 19.73
C LYS E 55 25.71 20.70 19.65
N ALA E 56 24.52 21.12 19.22
CA ALA E 56 24.20 22.52 19.03
C ALA E 56 23.31 23.05 20.14
N PRO E 57 23.54 24.29 20.53
CA PRO E 57 22.76 24.95 21.58
C PRO E 57 21.26 25.07 21.32
N LEU E 58 20.51 24.93 22.41
CA LEU E 58 19.08 25.01 22.35
C LEU E 58 18.69 25.74 23.63
N ASP E 59 18.70 27.08 23.56
CA ASP E 59 18.40 27.90 24.73
C ASP E 59 16.90 28.02 24.96
N ILE E 60 16.39 27.47 26.09
CA ILE E 60 14.96 27.54 26.37
C ILE E 60 14.56 27.79 27.86
N ALA F 1 17.08 33.60 19.67
CA ALA F 1 16.57 32.67 18.61
C ALA F 1 17.33 31.34 18.59
N VAL F 2 16.67 30.24 18.21
CA VAL F 2 17.33 28.96 18.12
C VAL F 2 17.72 28.76 16.66
N ASN F 3 19.01 28.64 16.43
CA ASN F 3 19.53 28.48 15.08
C ASN F 3 19.72 27.05 14.64
N CYS F 4 19.95 26.90 13.34
CA CYS F 4 20.17 25.60 12.75
C CYS F 4 21.50 25.08 13.24
N ASN F 5 21.68 23.78 13.23
CA ASN F 5 22.95 23.26 13.64
C ASN F 5 23.83 23.56 12.47
N GLU F 6 24.75 24.49 12.62
CA GLU F 6 25.57 24.84 11.48
C GLU F 6 26.56 23.78 11.01
N LYS F 7 27.07 22.98 11.92
CA LYS F 7 28.03 21.95 11.56
C LYS F 7 27.38 21.13 10.46
N ILE F 8 26.07 20.97 10.61
CA ILE F 8 25.33 20.18 9.66
C ILE F 8 24.97 21.02 8.47
N VAL F 9 24.47 22.22 8.69
CA VAL F 9 24.12 23.06 7.55
C VAL F 9 25.21 23.19 6.49
N VAL F 10 26.47 23.24 6.90
CA VAL F 10 27.53 23.37 5.92
C VAL F 10 27.71 22.09 5.18
N LEU F 11 27.61 20.97 5.88
CA LEU F 11 27.77 19.66 5.23
C LEU F 11 26.65 19.54 4.19
N LEU F 12 25.44 19.98 4.57
CA LEU F 12 24.33 19.93 3.65
C LEU F 12 24.66 20.76 2.44
N GLN F 13 25.50 21.75 2.64
CA GLN F 13 25.84 22.63 1.54
C GLN F 13 26.78 22.01 0.52
N ARG F 14 27.55 21.02 0.94
CA ARG F 14 28.48 20.34 0.02
C ARG F 14 27.84 19.13 -0.61
N LEU F 15 26.89 18.53 0.08
CA LEU F 15 26.21 17.35 -0.38
C LEU F 15 25.20 17.62 -1.43
N LYS F 16 24.32 18.55 -1.18
CA LYS F 16 23.28 18.84 -2.15
C LYS F 16 23.71 18.88 -3.61
N PRO F 17 24.85 19.50 -3.91
CA PRO F 17 25.31 19.56 -5.30
C PRO F 17 25.73 18.19 -5.82
N GLU F 18 26.28 17.39 -4.94
CA GLU F 18 26.71 16.09 -5.36
C GLU F 18 25.55 15.26 -5.71
N ILE F 19 24.44 15.44 -4.98
CA ILE F 19 23.20 14.69 -5.24
C ILE F 19 22.66 15.10 -6.59
N LYS F 20 22.56 16.40 -6.82
CA LYS F 20 22.06 16.92 -8.09
C LYS F 20 22.90 16.33 -9.24
N ASP F 21 24.21 16.19 -9.03
CA ASP F 21 25.08 15.66 -10.05
C ASP F 21 24.77 14.21 -10.41
N VAL F 22 24.66 13.33 -9.42
CA VAL F 22 24.37 11.94 -9.74
C VAL F 22 23.07 11.83 -10.46
N ILE F 23 22.02 12.44 -9.92
CA ILE F 23 20.72 12.30 -10.55
C ILE F 23 20.75 12.73 -11.97
N GLU F 24 21.51 13.76 -12.30
CA GLU F 24 21.56 14.16 -13.70
C GLU F 24 22.37 13.19 -14.58
N GLN F 25 23.53 12.77 -14.11
CA GLN F 25 24.33 11.85 -14.91
C GLN F 25 23.58 10.56 -15.09
N LEU F 26 22.98 10.14 -14.02
CA LEU F 26 22.22 8.93 -14.04
C LEU F 26 21.09 9.03 -15.03
N ASN F 27 20.64 10.25 -15.35
CA ASN F 27 19.55 10.41 -16.33
C ASN F 27 20.09 10.38 -17.75
N LEU F 28 21.26 10.95 -17.94
CA LEU F 28 21.83 10.94 -19.27
C LEU F 28 22.08 9.50 -19.65
N VAL F 29 22.89 8.83 -18.85
CA VAL F 29 23.26 7.44 -19.03
C VAL F 29 22.03 6.61 -19.33
N THR F 30 21.00 6.75 -18.53
CA THR F 30 19.81 5.94 -18.83
C THR F 30 19.26 6.22 -20.21
N THR F 31 19.12 7.49 -20.56
CA THR F 31 18.60 7.85 -21.86
C THR F 31 19.51 7.28 -22.89
N TRP F 32 20.80 7.48 -22.77
CA TRP F 32 21.72 6.94 -23.76
C TRP F 32 21.42 5.46 -23.95
N LEU F 33 21.34 4.72 -22.85
CA LEU F 33 21.02 3.31 -22.92
C LEU F 33 19.69 3.02 -23.61
N GLN F 34 18.61 3.70 -23.23
CA GLN F 34 17.35 3.38 -23.91
C GLN F 34 17.48 3.61 -25.39
N LEU F 35 18.08 4.72 -25.79
CA LEU F 35 18.26 5.02 -27.19
C LEU F 35 19.06 3.95 -27.93
N GLN F 36 19.71 3.05 -27.19
CA GLN F 36 20.53 1.97 -27.74
C GLN F 36 19.69 0.73 -28.01
N ILE F 37 18.48 0.71 -27.47
CA ILE F 37 17.64 -0.44 -27.64
C ILE F 37 17.24 -0.59 -29.08
N PRO F 38 17.53 -1.76 -29.69
CA PRO F 38 17.24 -2.06 -31.09
C PRO F 38 15.82 -2.46 -31.40
N ARG F 39 15.48 -2.46 -32.68
CA ARG F 39 14.19 -2.83 -33.17
C ARG F 39 13.81 -4.15 -32.64
N ILE F 40 12.59 -4.26 -32.14
CA ILE F 40 12.12 -5.52 -31.56
C ILE F 40 12.09 -6.52 -32.64
N GLU F 41 12.90 -7.54 -32.51
CA GLU F 41 12.97 -8.54 -33.53
C GLU F 41 12.77 -9.87 -32.90
N ASP F 42 12.43 -10.87 -33.72
CA ASP F 42 12.17 -12.24 -33.24
C ASP F 42 13.34 -13.06 -32.61
N GLY F 43 14.55 -12.97 -33.17
CA GLY F 43 15.64 -13.71 -32.58
C GLY F 43 16.82 -12.80 -32.42
N ASN F 44 17.81 -13.30 -31.67
CA ASN F 44 19.05 -12.61 -31.40
C ASN F 44 18.76 -11.51 -30.40
N ASN F 45 18.42 -11.91 -29.17
CA ASN F 45 18.11 -10.91 -28.15
C ASN F 45 18.95 -10.96 -26.88
N PHE F 46 20.11 -11.61 -27.00
CA PHE F 46 20.95 -11.70 -25.86
C PHE F 46 21.37 -10.34 -25.47
N GLY F 47 21.88 -9.60 -26.46
CA GLY F 47 22.34 -8.23 -26.24
C GLY F 47 21.21 -7.41 -25.66
N VAL F 48 20.02 -7.65 -26.18
CA VAL F 48 18.88 -6.94 -25.68
C VAL F 48 18.69 -7.29 -24.20
N ALA F 49 18.88 -8.57 -23.90
CA ALA F 49 18.77 -9.04 -22.52
C ALA F 49 19.80 -8.37 -21.60
N VAL F 50 20.98 -8.11 -22.15
CA VAL F 50 22.05 -7.49 -21.43
C VAL F 50 21.68 -6.02 -21.16
N GLN F 51 21.07 -5.36 -22.13
CA GLN F 51 20.73 -3.97 -21.89
C GLN F 51 19.67 -3.89 -20.81
N GLU F 52 18.76 -4.86 -20.82
CA GLU F 52 17.70 -4.88 -19.81
C GLU F 52 18.18 -5.06 -18.39
N LYS F 53 19.27 -5.79 -18.21
CA LYS F 53 19.80 -6.05 -16.88
C LYS F 53 20.55 -4.88 -16.31
N VAL F 54 21.25 -4.15 -17.18
CA VAL F 54 21.99 -2.95 -16.76
C VAL F 54 20.94 -1.91 -16.44
N PHE F 55 19.94 -1.86 -17.29
CA PHE F 55 18.86 -0.97 -17.07
C PHE F 55 18.25 -1.15 -15.71
N GLU F 56 18.00 -2.37 -15.33
CA GLU F 56 17.44 -2.62 -14.00
C GLU F 56 18.28 -1.95 -12.96
N LEU F 57 19.59 -2.01 -13.11
CA LEU F 57 20.42 -1.38 -12.14
C LEU F 57 20.28 0.12 -12.09
N MET F 58 20.37 0.75 -13.26
CA MET F 58 20.26 2.19 -13.32
C MET F 58 19.02 2.66 -12.67
N THR F 59 17.97 1.89 -12.86
CA THR F 59 16.68 2.19 -12.26
C THR F 59 16.63 2.11 -10.74
N SER F 60 17.37 1.19 -10.12
CA SER F 60 17.38 1.11 -8.66
C SER F 60 18.18 2.26 -8.14
N LEU F 61 19.34 2.49 -8.76
CA LEU F 61 20.16 3.60 -8.37
C LEU F 61 19.30 4.83 -8.42
N HIS F 62 18.51 5.00 -9.48
CA HIS F 62 17.71 6.21 -9.49
C HIS F 62 16.77 6.27 -8.32
N THR F 63 15.98 5.22 -8.16
CA THR F 63 15.04 5.13 -7.06
C THR F 63 15.69 5.49 -5.69
N LYS F 64 16.82 4.88 -5.42
CA LYS F 64 17.56 5.11 -4.21
C LYS F 64 17.96 6.57 -4.01
N LEU F 65 18.61 7.13 -5.02
CA LEU F 65 19.09 8.50 -5.00
C LEU F 65 18.07 9.58 -5.04
N GLU F 66 16.92 9.30 -5.62
CA GLU F 66 15.89 10.32 -5.72
C GLU F 66 15.39 10.74 -4.33
N GLY F 67 15.38 9.79 -3.40
CA GLY F 67 14.93 10.08 -2.04
C GLY F 67 15.80 11.08 -1.30
N PHE F 68 17.13 10.96 -1.45
CA PHE F 68 18.10 11.81 -0.83
C PHE F 68 17.71 13.23 -0.99
N HIS F 69 17.39 13.64 -2.20
CA HIS F 69 17.04 15.05 -2.44
C HIS F 69 16.05 15.70 -1.44
N THR F 70 14.99 14.94 -1.11
CA THR F 70 13.90 15.36 -0.22
C THR F 70 14.16 15.14 1.27
N GLN F 71 15.01 14.19 1.62
CA GLN F 71 15.32 13.93 3.01
C GLN F 71 15.97 15.13 3.70
N ILE F 72 16.44 16.07 2.89
CA ILE F 72 17.11 17.25 3.39
C ILE F 72 16.14 18.30 3.91
N SER F 73 15.07 18.56 3.18
CA SER F 73 14.07 19.51 3.63
C SER F 73 13.38 18.96 4.83
N LYS F 74 13.15 17.65 4.86
CA LYS F 74 12.48 17.00 5.96
C LYS F 74 13.23 17.24 7.25
N TYR F 75 14.57 17.22 7.19
CA TYR F 75 15.38 17.50 8.37
C TYR F 75 15.00 18.85 8.99
N PHE F 76 15.03 19.93 8.19
CA PHE F 76 14.69 21.24 8.71
C PHE F 76 13.26 21.32 9.15
N SER F 77 12.42 20.58 8.51
CA SER F 77 11.07 20.65 8.92
C SER F 77 10.87 19.92 10.21
N GLU F 78 11.38 18.71 10.31
CA GLU F 78 11.25 17.92 11.51
C GLU F 78 11.92 18.64 12.66
N ARG F 79 13.10 19.21 12.39
CA ARG F 79 13.84 19.92 13.45
C ARG F 79 13.11 21.18 13.90
N GLY F 80 12.68 21.98 12.92
CA GLY F 80 11.94 23.20 13.23
C GLY F 80 10.81 22.89 14.16
N ASP F 81 10.12 21.80 13.89
CA ASP F 81 9.01 21.39 14.71
C ASP F 81 9.47 20.92 16.10
N ALA F 82 10.58 20.21 16.18
CA ALA F 82 11.02 19.75 17.48
C ALA F 82 11.37 20.93 18.34
N VAL F 83 12.07 21.88 17.76
CA VAL F 83 12.47 23.05 18.51
C VAL F 83 11.27 23.80 19.05
N THR F 84 10.28 23.99 18.20
CA THR F 84 9.04 24.68 18.56
C THR F 84 8.33 24.02 19.76
N LYS F 85 8.13 22.70 19.73
CA LYS F 85 7.50 21.99 20.86
C LYS F 85 8.41 22.09 22.07
N ALA F 86 9.71 21.90 21.88
CA ALA F 86 10.68 21.98 22.97
C ALA F 86 10.44 23.28 23.69
N ALA F 87 10.35 24.35 22.89
CA ALA F 87 10.12 25.71 23.36
C ALA F 87 8.77 25.85 24.07
N LYS F 88 7.70 25.42 23.42
CA LYS F 88 6.36 25.50 24.01
C LYS F 88 6.16 24.59 25.22
N GLN F 89 6.98 23.55 25.38
CA GLN F 89 6.87 22.63 26.50
C GLN F 89 8.28 22.46 27.05
N PRO F 90 8.82 23.52 27.67
CA PRO F 90 10.16 23.52 28.24
C PRO F 90 10.32 22.56 29.36
N HIS F 91 9.20 22.07 29.90
CA HIS F 91 9.27 21.09 30.98
C HIS F 91 9.52 19.68 30.44
N VAL F 92 9.20 19.48 29.16
CA VAL F 92 9.39 18.20 28.52
C VAL F 92 10.78 18.13 27.95
N GLY F 93 11.64 17.34 28.60
CA GLY F 93 13.02 17.20 28.20
C GLY F 93 13.24 16.36 26.97
N ASP F 94 12.27 15.52 26.64
CA ASP F 94 12.40 14.67 25.47
C ASP F 94 12.45 15.47 24.18
N TYR F 95 11.85 16.64 24.17
CA TYR F 95 11.86 17.45 22.98
C TYR F 95 13.22 18.06 22.81
N ARG F 96 13.89 18.28 23.93
CA ARG F 96 15.20 18.90 23.82
C ARG F 96 16.20 17.90 23.38
N GLN F 97 15.93 16.63 23.69
CA GLN F 97 16.78 15.51 23.29
C GLN F 97 16.48 15.14 21.86
N LEU F 98 15.22 15.27 21.43
CA LEU F 98 14.83 14.94 20.08
C LEU F 98 15.62 15.79 19.14
N VAL F 99 15.60 17.09 19.34
CA VAL F 99 16.40 17.93 18.44
C VAL F 99 17.84 17.41 18.31
N HIS F 100 18.47 17.03 19.41
CA HIS F 100 19.85 16.56 19.35
C HIS F 100 19.93 15.23 18.69
N GLU F 101 18.86 14.45 18.75
CA GLU F 101 18.82 13.15 18.12
C GLU F 101 18.69 13.36 16.62
N LEU F 102 17.95 14.39 16.25
CA LEU F 102 17.77 14.72 14.85
C LEU F 102 19.08 15.15 14.22
N ASP F 103 19.85 15.96 14.94
CA ASP F 103 21.10 16.42 14.40
C ASP F 103 22.05 15.28 14.24
N GLU F 104 22.13 14.42 15.24
CA GLU F 104 23.05 13.28 15.14
C GLU F 104 22.66 12.43 13.96
N ALA F 105 21.36 12.20 13.81
CA ALA F 105 20.92 11.39 12.72
C ALA F 105 21.20 12.04 11.43
N GLU F 106 20.93 13.34 11.29
CA GLU F 106 21.19 13.98 10.00
C GLU F 106 22.67 13.87 9.69
N TYR F 107 23.49 13.91 10.72
CA TYR F 107 24.93 13.79 10.49
C TYR F 107 25.26 12.40 9.99
N ARG F 108 24.77 11.38 10.67
CA ARG F 108 25.05 10.07 10.21
C ARG F 108 24.47 9.78 8.82
N ASP F 109 23.40 10.46 8.41
CA ASP F 109 22.84 10.23 7.08
C ASP F 109 23.70 10.84 6.01
N ILE F 110 24.13 12.07 6.23
CA ILE F 110 24.97 12.72 5.26
C ILE F 110 26.14 11.82 4.87
N ARG F 111 26.78 11.25 5.89
CA ARG F 111 27.90 10.37 5.62
C ARG F 111 27.43 9.22 4.74
N LEU F 112 26.28 8.63 5.07
CA LEU F 112 25.71 7.55 4.30
C LEU F 112 25.34 7.95 2.91
N MET F 113 24.81 9.16 2.73
CA MET F 113 24.42 9.56 1.42
C MET F 113 25.64 9.78 0.58
N VAL F 114 26.72 10.28 1.18
CA VAL F 114 27.95 10.52 0.39
C VAL F 114 28.49 9.17 0.02
N MET F 115 28.42 8.26 0.96
CA MET F 115 28.89 6.91 0.76
C MET F 115 28.04 6.26 -0.31
N GLU F 116 26.72 6.35 -0.25
CA GLU F 116 25.90 5.72 -1.30
C GLU F 116 25.92 6.34 -2.73
N ILE F 117 26.45 7.56 -2.84
CA ILE F 117 26.58 8.24 -4.12
C ILE F 117 27.90 7.79 -4.76
N ARG F 118 28.97 7.75 -3.97
CA ARG F 118 30.26 7.30 -4.46
C ARG F 118 30.05 5.93 -5.08
N ASN F 119 29.42 5.05 -4.30
CA ASN F 119 29.09 3.69 -4.69
C ASN F 119 28.26 3.65 -5.96
N ALA F 120 27.44 4.65 -6.23
CA ALA F 120 26.66 4.60 -7.43
C ALA F 120 27.52 4.81 -8.61
N TYR F 121 28.44 5.77 -8.48
CA TYR F 121 29.33 6.08 -9.60
C TYR F 121 30.17 4.88 -9.88
N ALA F 122 30.65 4.24 -8.83
CA ALA F 122 31.49 3.07 -8.96
C ALA F 122 30.81 1.89 -9.60
N VAL F 123 29.70 1.47 -9.05
CA VAL F 123 29.00 0.34 -9.60
C VAL F 123 28.52 0.53 -11.05
N LEU F 124 28.10 1.74 -11.38
CA LEU F 124 27.65 2.14 -12.73
C LEU F 124 28.80 2.10 -13.72
N TYR F 125 29.90 2.71 -13.35
CA TYR F 125 31.05 2.75 -14.21
C TYR F 125 31.41 1.33 -14.51
N ASP F 126 31.56 0.57 -13.45
CA ASP F 126 31.92 -0.82 -13.56
C ASP F 126 31.03 -1.63 -14.50
N ILE F 127 29.73 -1.61 -14.27
CA ILE F 127 28.82 -2.38 -15.11
C ILE F 127 28.72 -1.91 -16.55
N ILE F 128 28.78 -0.60 -16.80
CA ILE F 128 28.73 -0.10 -18.15
C ILE F 128 29.99 -0.55 -18.83
N LEU F 129 31.10 -0.48 -18.13
CA LEU F 129 32.34 -0.92 -18.77
C LEU F 129 32.36 -2.38 -19.15
N LYS F 130 32.12 -3.26 -18.21
CA LYS F 130 32.12 -4.68 -18.49
C LYS F 130 31.28 -5.12 -19.65
N ASN F 131 30.10 -4.51 -19.82
CA ASN F 131 29.20 -4.92 -20.88
C ASN F 131 29.04 -3.94 -22.00
N PHE F 132 30.04 -3.10 -22.23
CA PHE F 132 29.89 -2.09 -23.24
C PHE F 132 29.58 -2.62 -24.63
N GLU F 133 30.31 -3.65 -25.03
CA GLU F 133 30.13 -4.24 -26.35
C GLU F 133 28.64 -4.42 -26.64
N LYS F 134 27.96 -5.21 -25.81
CA LYS F 134 26.54 -5.43 -25.98
C LYS F 134 25.66 -4.23 -25.67
N LEU F 135 26.05 -3.36 -24.77
CA LEU F 135 25.20 -2.23 -24.52
C LEU F 135 25.23 -1.36 -25.78
N LYS F 136 26.38 -1.20 -26.39
CA LYS F 136 26.43 -0.37 -27.56
C LYS F 136 25.99 -1.08 -28.85
N LYS F 137 26.34 -2.34 -28.98
CA LYS F 137 26.02 -3.12 -30.19
C LYS F 137 25.42 -4.45 -29.79
N PRO F 138 24.16 -4.45 -29.35
CA PRO F 138 23.44 -5.64 -28.90
C PRO F 138 23.36 -6.74 -29.89
N ARG F 139 23.58 -6.44 -31.16
CA ARG F 139 23.48 -7.47 -32.20
C ARG F 139 24.73 -7.74 -33.02
N GLY F 140 25.69 -6.81 -32.97
CA GLY F 140 26.92 -6.97 -33.72
C GLY F 140 27.29 -5.80 -34.63
N LEU G 1 35.80 1.97 -26.25
CA LEU G 1 35.72 3.12 -25.27
C LEU G 1 37.09 3.52 -24.75
N ARG G 2 37.31 4.83 -24.66
CA ARG G 2 38.57 5.38 -24.19
C ARG G 2 38.58 5.81 -22.71
N VAL G 3 39.19 5.00 -21.84
CA VAL G 3 39.29 5.40 -20.44
C VAL G 3 40.77 5.78 -20.21
N GLN G 4 41.02 7.06 -19.97
CA GLN G 4 42.36 7.56 -19.74
C GLN G 4 43.10 6.77 -18.65
N PRO G 5 44.44 6.65 -18.73
CA PRO G 5 45.29 5.91 -17.76
C PRO G 5 45.22 6.47 -16.32
N GLU G 6 45.18 7.79 -16.21
CA GLU G 6 45.06 8.48 -14.93
C GLU G 6 43.65 8.26 -14.31
N ALA G 7 42.60 8.19 -15.14
CA ALA G 7 41.22 7.99 -14.71
C ALA G 7 41.04 6.54 -14.33
N GLN G 8 41.55 5.62 -15.14
CA GLN G 8 41.43 4.22 -14.80
C GLN G 8 42.13 3.99 -13.48
N ALA G 9 43.24 4.69 -13.28
CA ALA G 9 44.00 4.59 -12.04
C ALA G 9 43.20 4.98 -10.81
N LYS G 10 42.40 6.05 -10.89
CA LYS G 10 41.58 6.49 -9.75
C LYS G 10 40.68 5.34 -9.31
N VAL G 11 40.10 4.65 -10.29
CA VAL G 11 39.21 3.50 -10.09
C VAL G 11 39.95 2.31 -9.52
N ASP G 12 41.06 1.93 -10.14
CA ASP G 12 41.86 0.80 -9.68
C ASP G 12 42.17 0.94 -8.20
N VAL G 13 42.47 2.18 -7.78
CA VAL G 13 42.80 2.51 -6.38
C VAL G 13 41.62 2.25 -5.47
N PHE G 14 40.45 2.75 -5.87
CA PHE G 14 39.23 2.55 -5.11
C PHE G 14 38.97 1.05 -4.97
N ARG G 15 39.03 0.32 -6.08
CA ARG G 15 38.79 -1.12 -6.05
C ARG G 15 39.82 -1.93 -5.22
N GLU G 16 41.00 -1.36 -5.00
CA GLU G 16 42.01 -2.03 -4.21
C GLU G 16 41.68 -1.77 -2.76
N ASP G 17 41.46 -0.50 -2.42
CA ASP G 17 41.12 -0.08 -1.06
C ASP G 17 39.92 -0.87 -0.57
N LEU G 18 38.94 -0.99 -1.44
CA LEU G 18 37.74 -1.71 -1.11
C LEU G 18 38.01 -3.18 -0.88
N CYS G 19 38.91 -3.79 -1.66
CA CYS G 19 39.21 -5.21 -1.48
C CYS G 19 39.92 -5.44 -0.15
N THR G 20 40.85 -4.56 0.15
CA THR G 20 41.56 -4.60 1.39
C THR G 20 40.57 -4.42 2.54
N LYS G 21 39.75 -3.35 2.55
CA LYS G 21 38.79 -3.15 3.64
C LYS G 21 37.97 -4.38 3.83
N THR G 22 37.60 -5.02 2.75
CA THR G 22 36.79 -6.22 2.83
C THR G 22 37.50 -7.47 3.32
N GLU G 23 38.77 -7.65 3.02
CA GLU G 23 39.45 -8.84 3.50
C GLU G 23 39.50 -8.71 5.01
N ASN G 24 39.67 -7.47 5.46
CA ASN G 24 39.76 -7.14 6.88
C ASN G 24 38.44 -7.29 7.62
N LEU G 25 37.36 -6.88 6.99
CA LEU G 25 36.04 -7.01 7.57
C LEU G 25 35.81 -8.50 7.88
N LEU G 26 35.94 -9.33 6.86
CA LEU G 26 35.69 -10.76 7.03
C LEU G 26 36.65 -11.44 7.97
N GLY G 27 37.94 -11.29 7.70
CA GLY G 27 38.92 -11.90 8.55
C GLY G 27 39.08 -11.40 9.99
N SER G 28 38.50 -10.25 10.34
CA SER G 28 38.66 -9.70 11.71
C SER G 28 37.54 -8.87 12.40
N TYR G 29 37.08 -7.82 11.73
CA TYR G 29 36.06 -6.92 12.24
C TYR G 29 34.76 -7.63 12.56
N PHE G 30 34.29 -8.44 11.62
CA PHE G 30 33.06 -9.19 11.85
C PHE G 30 33.15 -10.13 13.02
N PRO G 31 34.21 -10.97 13.13
CA PRO G 31 34.31 -11.88 14.28
C PRO G 31 34.42 -11.09 15.60
N LYS G 32 35.07 -9.93 15.51
CA LYS G 32 35.23 -9.06 16.65
C LYS G 32 33.87 -8.49 17.09
N LYS G 33 33.12 -7.89 16.17
CA LYS G 33 31.81 -7.34 16.49
C LYS G 33 30.81 -8.36 17.04
N ILE G 34 30.83 -9.56 16.49
CA ILE G 34 29.94 -10.62 16.94
C ILE G 34 30.26 -10.90 18.37
N SER G 35 31.51 -10.84 18.75
CA SER G 35 31.86 -11.09 20.12
C SER G 35 31.52 -9.93 21.04
N GLU G 36 31.76 -8.73 20.61
CA GLU G 36 31.47 -7.58 21.44
C GLU G 36 29.99 -7.48 21.79
N LEU G 37 29.17 -7.57 20.75
CA LEU G 37 27.75 -7.43 20.93
C LEU G 37 27.20 -8.56 21.72
N ASP G 38 27.78 -9.73 21.52
CA ASP G 38 27.31 -10.91 22.24
C ASP G 38 27.52 -10.68 23.73
N ALA G 39 28.61 -9.99 24.04
CA ALA G 39 28.94 -9.65 25.41
C ALA G 39 27.98 -8.59 25.96
N PHE G 40 27.76 -7.54 25.17
CA PHE G 40 26.86 -6.47 25.55
C PHE G 40 25.53 -7.06 26.00
N LEU G 41 25.05 -8.06 25.29
CA LEU G 41 23.77 -8.67 25.59
C LEU G 41 23.76 -9.40 26.88
N LYS G 42 24.86 -10.05 27.19
CA LYS G 42 24.97 -10.85 28.40
C LYS G 42 25.22 -9.95 29.61
N GLU G 43 25.35 -8.66 29.35
CA GLU G 43 25.60 -7.65 30.38
C GLU G 43 24.30 -7.30 31.10
N PRO G 44 24.38 -6.87 32.37
CA PRO G 44 23.29 -6.47 33.28
C PRO G 44 22.40 -5.34 32.79
N ALA G 45 23.00 -4.38 32.08
CA ALA G 45 22.24 -3.25 31.56
C ALA G 45 21.13 -3.75 30.67
N LEU G 46 21.47 -4.73 29.85
CA LEU G 46 20.57 -5.35 28.90
C LEU G 46 20.00 -6.59 29.48
N ASN G 47 19.94 -6.66 30.79
CA ASN G 47 19.38 -7.82 31.44
C ASN G 47 18.73 -7.43 32.74
N GLU G 48 17.53 -6.88 32.66
CA GLU G 48 16.82 -6.53 33.87
C GLU G 48 15.52 -7.31 33.92
N ALA G 49 15.33 -8.02 35.04
CA ALA G 49 14.14 -8.83 35.25
C ALA G 49 12.99 -7.91 35.56
N ASN G 50 13.25 -6.98 36.46
CA ASN G 50 12.21 -6.03 36.82
C ASN G 50 12.37 -4.79 36.04
N LEU G 51 11.44 -4.61 35.10
CA LEU G 51 11.47 -3.43 34.30
C LEU G 51 10.89 -2.28 35.09
N SER G 52 10.44 -2.56 36.31
CA SER G 52 9.87 -1.50 37.15
C SER G 52 10.96 -0.88 37.97
N ASN G 53 12.16 -1.23 37.57
CA ASN G 53 13.39 -0.70 38.15
C ASN G 53 13.83 0.34 37.13
N LEU G 54 13.36 0.14 35.92
CA LEU G 54 13.64 0.99 34.79
C LEU G 54 12.80 2.25 34.91
N LYS G 55 11.75 2.18 35.71
CA LYS G 55 10.81 3.28 35.93
C LYS G 55 11.40 4.63 36.31
N ALA G 56 11.10 5.61 35.47
CA ALA G 56 11.61 6.96 35.65
C ALA G 56 10.54 7.89 36.21
N PRO G 57 10.98 8.84 37.03
CA PRO G 57 10.08 9.82 37.64
C PRO G 57 9.34 10.72 36.65
N LEU G 58 8.07 10.95 36.98
CA LEU G 58 7.20 11.76 36.18
C LEU G 58 6.42 12.54 37.21
N ASP G 59 6.99 13.67 37.62
CA ASP G 59 6.33 14.50 38.63
C ASP G 59 5.36 15.49 38.03
N ILE G 60 4.06 15.22 38.21
CA ILE G 60 3.01 16.11 37.68
C ILE G 60 1.94 16.53 38.73
N ALA H 1 10.70 20.15 35.80
CA ALA H 1 10.74 19.57 34.42
C ALA H 1 10.76 18.05 34.41
N VAL H 2 10.20 17.43 33.37
CA VAL H 2 10.20 15.98 33.24
C VAL H 2 11.33 15.61 32.31
N ASN H 3 12.28 14.87 32.85
CA ASN H 3 13.44 14.49 32.08
C ASN H 3 13.32 13.14 31.39
N CYS H 4 14.26 12.89 30.49
CA CYS H 4 14.31 11.64 29.75
C CYS H 4 14.67 10.53 30.71
N ASN H 5 14.34 9.28 30.37
CA ASN H 5 14.69 8.15 31.21
C ASN H 5 16.18 7.84 31.05
N GLU H 6 16.98 8.39 31.96
CA GLU H 6 18.44 8.24 31.92
C GLU H 6 18.95 6.87 31.48
N LYS H 7 18.39 5.83 32.08
CA LYS H 7 18.85 4.48 31.81
C LYS H 7 18.76 4.12 30.37
N ILE H 8 17.70 4.58 29.75
CA ILE H 8 17.54 4.26 28.36
C ILE H 8 18.42 5.18 27.57
N VAL H 9 18.50 6.44 27.96
CA VAL H 9 19.38 7.32 27.24
C VAL H 9 20.84 6.80 27.14
N VAL H 10 21.33 6.15 28.18
CA VAL H 10 22.68 5.64 28.08
C VAL H 10 22.76 4.48 27.15
N LEU H 11 21.76 3.60 27.18
CA LEU H 11 21.75 2.43 26.30
C LEU H 11 21.74 2.97 24.89
N LEU H 12 20.94 4.01 24.66
CA LEU H 12 20.90 4.55 23.32
C LEU H 12 22.25 5.08 22.94
N GLN H 13 22.98 5.60 23.93
CA GLN H 13 24.26 6.17 23.63
C GLN H 13 25.26 5.16 23.21
N ARG H 14 25.00 3.90 23.54
CA ARG H 14 25.92 2.82 23.14
C ARG H 14 25.46 2.14 21.88
N LEU H 15 24.15 2.13 21.66
CA LEU H 15 23.57 1.49 20.51
C LEU H 15 23.73 2.26 19.23
N LYS H 16 23.44 3.54 19.25
CA LYS H 16 23.55 4.30 18.03
C LYS H 16 24.81 4.09 17.21
N PRO H 17 25.95 3.97 17.86
CA PRO H 17 27.19 3.78 17.12
C PRO H 17 27.27 2.41 16.49
N GLU H 18 26.74 1.43 17.18
CA GLU H 18 26.78 0.09 16.65
C GLU H 18 25.96 0.00 15.40
N ILE H 19 24.85 0.75 15.37
CA ILE H 19 23.98 0.77 14.21
C ILE H 19 24.70 1.39 13.05
N LYS H 20 25.32 2.53 13.30
CA LYS H 20 26.05 3.23 12.26
C LYS H 20 27.11 2.30 11.69
N ASP H 21 27.74 1.51 12.53
CA ASP H 21 28.76 0.59 12.09
C ASP H 21 28.22 -0.49 11.15
N VAL H 22 27.14 -1.18 11.51
CA VAL H 22 26.62 -2.21 10.61
C VAL H 22 26.24 -1.65 9.28
N ILE H 23 25.42 -0.59 9.27
CA ILE H 23 24.99 -0.03 8.03
C ILE H 23 26.17 0.34 7.15
N GLU H 24 27.27 0.83 7.71
CA GLU H 24 28.38 1.13 6.83
C GLU H 24 29.10 -0.13 6.31
N GLN H 25 29.37 -1.10 7.17
CA GLN H 25 30.07 -2.30 6.70
C GLN H 25 29.21 -3.01 5.69
N LEU H 26 27.93 -3.08 5.98
CA LEU H 26 26.99 -3.71 5.12
C LEU H 26 26.98 -3.02 3.80
N ASN H 27 27.39 -1.77 3.75
CA ASN H 27 27.39 -1.10 2.46
C ASN H 27 28.67 -1.38 1.72
N LEU H 28 29.76 -1.52 2.44
CA LEU H 28 31.01 -1.82 1.77
C LEU H 28 30.88 -3.19 1.12
N VAL H 29 30.60 -4.17 1.95
CA VAL H 29 30.45 -5.54 1.56
C VAL H 29 29.55 -5.60 0.33
N THR H 30 28.41 -4.94 0.37
CA THR H 30 27.54 -4.98 -0.80
C THR H 30 28.22 -4.46 -2.05
N THR H 31 28.90 -3.32 -1.95
CA THR H 31 29.58 -2.75 -3.09
C THR H 31 30.63 -3.72 -3.55
N TRP H 32 31.41 -4.25 -2.62
CA TRP H 32 32.45 -5.21 -3.00
C TRP H 32 31.80 -6.28 -3.82
N LEU H 33 30.73 -6.88 -3.30
CA LEU H 33 30.04 -7.92 -4.03
C LEU H 33 29.57 -7.47 -5.42
N GLN H 34 28.90 -6.33 -5.53
CA GLN H 34 28.45 -5.93 -6.86
C GLN H 34 29.64 -5.78 -7.79
N LEU H 35 30.72 -5.18 -7.34
CA LEU H 35 31.86 -5.04 -8.24
C LEU H 35 32.44 -6.38 -8.68
N GLN H 36 32.01 -7.46 -8.04
CA GLN H 36 32.47 -8.83 -8.34
C GLN H 36 31.66 -9.49 -9.47
N ILE H 37 30.53 -8.88 -9.78
CA ILE H 37 29.64 -9.40 -10.80
C ILE H 37 30.30 -9.33 -12.15
N PRO H 38 30.45 -10.49 -12.83
CA PRO H 38 31.08 -10.60 -14.14
C PRO H 38 30.24 -10.17 -15.32
N ARG H 39 30.91 -10.02 -16.48
CA ARG H 39 30.29 -9.62 -17.72
C ARG H 39 29.15 -10.55 -17.99
N ILE H 40 28.02 -9.98 -18.39
CA ILE H 40 26.84 -10.80 -18.64
C ILE H 40 27.14 -11.66 -19.81
N GLU H 41 27.18 -12.96 -19.61
CA GLU H 41 27.49 -13.88 -20.68
C GLU H 41 26.41 -14.90 -20.81
N ASP H 42 26.39 -15.58 -21.95
CA ASP H 42 25.37 -16.60 -22.22
C ASP H 42 25.38 -17.89 -21.35
N GLY H 43 26.55 -18.44 -21.05
CA GLY H 43 26.55 -19.64 -20.23
C GLY H 43 27.52 -19.51 -19.09
N ASN H 44 27.42 -20.45 -18.15
CA ASN H 44 28.28 -20.49 -17.00
C ASN H 44 27.86 -19.41 -16.02
N ASN H 45 26.66 -19.54 -15.47
CA ASN H 45 26.19 -18.53 -14.55
C ASN H 45 25.84 -19.00 -13.16
N PHE H 46 26.40 -20.16 -12.78
CA PHE H 46 26.09 -20.69 -11.47
C PHE H 46 26.65 -19.77 -10.44
N GLY H 47 27.92 -19.44 -10.61
CA GLY H 47 28.60 -18.52 -9.71
C GLY H 47 27.83 -17.22 -9.66
N VAL H 48 27.33 -16.77 -10.80
CA VAL H 48 26.54 -15.55 -10.87
C VAL H 48 25.28 -15.74 -10.03
N ALA H 49 24.66 -16.91 -10.14
CA ALA H 49 23.49 -17.20 -9.34
C ALA H 49 23.83 -17.17 -7.84
N VAL H 50 25.04 -17.61 -7.52
CA VAL H 50 25.47 -17.64 -6.13
C VAL H 50 25.57 -16.23 -5.61
N GLN H 51 26.14 -15.34 -6.40
CA GLN H 51 26.30 -13.96 -5.98
C GLN H 51 24.96 -13.33 -5.79
N GLU H 52 24.00 -13.70 -6.64
CA GLU H 52 22.66 -13.13 -6.52
C GLU H 52 21.94 -13.56 -5.27
N LYS H 53 22.20 -14.76 -4.80
CA LYS H 53 21.53 -15.22 -3.60
C LYS H 53 22.07 -14.57 -2.35
N VAL H 54 23.38 -14.36 -2.30
CA VAL H 54 24.05 -13.71 -1.14
C VAL H 54 23.60 -12.29 -1.11
N PHE H 55 23.58 -11.71 -2.28
CA PHE H 55 23.13 -10.37 -2.43
C PHE H 55 21.75 -10.21 -1.88
N GLU H 56 20.88 -11.17 -2.11
CA GLU H 56 19.52 -11.06 -1.57
C GLU H 56 19.58 -10.93 -0.09
N LEU H 57 20.48 -11.65 0.53
CA LEU H 57 20.57 -11.57 1.96
C LEU H 57 21.02 -10.20 2.42
N MET H 58 22.08 -9.71 1.82
CA MET H 58 22.62 -8.41 2.19
C MET H 58 21.57 -7.36 2.15
N THR H 59 20.77 -7.44 1.13
CA THR H 59 19.66 -6.51 0.93
C THR H 59 18.57 -6.57 2.01
N SER H 60 18.30 -7.73 2.58
CA SER H 60 17.28 -7.79 3.63
C SER H 60 17.91 -7.22 4.85
N LEU H 61 19.11 -7.69 5.17
CA LEU H 61 19.78 -7.15 6.31
C LEU H 61 19.75 -5.64 6.19
N HIS H 62 20.02 -5.08 5.01
CA HIS H 62 20.01 -3.64 4.95
C HIS H 62 18.67 -3.09 5.30
N THR H 63 17.68 -3.59 4.62
CA THR H 63 16.30 -3.17 4.85
C THR H 63 15.94 -3.15 6.34
N LYS H 64 16.21 -4.27 7.00
CA LYS H 64 15.98 -4.47 8.42
C LYS H 64 16.67 -3.43 9.30
N LEU H 65 17.97 -3.27 9.10
CA LEU H 65 18.77 -2.37 9.88
C LEU H 65 18.57 -0.89 9.61
N GLU H 66 18.14 -0.54 8.41
CA GLU H 66 17.97 0.87 8.12
C GLU H 66 16.88 1.50 9.00
N GLY H 67 15.90 0.68 9.39
CA GLY H 67 14.81 1.15 10.23
C GLY H 67 15.25 1.58 11.61
N PHE H 68 16.13 0.76 12.22
CA PHE H 68 16.65 1.01 13.55
C PHE H 68 17.06 2.43 13.71
N HIS H 69 17.80 2.96 12.76
CA HIS H 69 18.23 4.34 12.90
C HIS H 69 17.15 5.36 13.35
N THR H 70 16.02 5.30 12.67
CA THR H 70 14.90 6.20 12.90
C THR H 70 14.01 5.87 14.07
N GLN H 71 13.95 4.62 14.48
CA GLN H 71 13.10 4.23 15.62
C GLN H 71 13.49 4.93 16.94
N ILE H 72 14.70 5.49 16.96
CA ILE H 72 15.27 6.16 18.12
C ILE H 72 14.73 7.57 18.33
N SER H 73 14.61 8.32 17.24
CA SER H 73 14.05 9.66 17.31
C SER H 73 12.59 9.56 17.62
N LYS H 74 11.93 8.56 17.06
CA LYS H 74 10.52 8.34 17.30
C LYS H 74 10.26 8.17 18.78
N TYR H 75 11.14 7.44 19.47
CA TYR H 75 10.98 7.26 20.92
C TYR H 75 10.86 8.61 21.63
N PHE H 76 11.82 9.50 21.44
CA PHE H 76 11.76 10.78 22.09
C PHE H 76 10.58 11.58 21.65
N SER H 77 10.15 11.39 20.44
CA SER H 77 9.03 12.18 20.02
C SER H 77 7.75 11.66 20.62
N GLU H 78 7.58 10.35 20.58
CA GLU H 78 6.40 9.72 21.11
C GLU H 78 6.33 9.96 22.59
N ARG H 79 7.48 9.87 23.26
CA ARG H 79 7.51 10.09 24.70
C ARG H 79 7.24 11.56 25.01
N GLY H 80 7.93 12.45 24.32
CA GLY H 80 7.75 13.86 24.55
C GLY H 80 6.28 14.16 24.52
N ASP H 81 5.61 13.63 23.54
CA ASP H 81 4.17 13.85 23.41
C ASP H 81 3.37 13.21 24.53
N ALA H 82 3.76 12.05 25.00
CA ALA H 82 2.97 11.42 26.06
C ALA H 82 3.05 12.24 27.33
N VAL H 83 4.26 12.64 27.67
CA VAL H 83 4.58 13.46 28.83
C VAL H 83 3.71 14.70 28.79
N THR H 84 3.69 15.36 27.64
CA THR H 84 2.88 16.57 27.45
C THR H 84 1.38 16.33 27.69
N LYS H 85 0.79 15.30 27.08
CA LYS H 85 -0.62 15.02 27.31
C LYS H 85 -0.82 14.66 28.75
N ALA H 86 0.04 13.82 29.28
CA ALA H 86 -0.06 13.43 30.68
C ALA H 86 -0.18 14.69 31.54
N ALA H 87 0.71 15.64 31.29
CA ALA H 87 0.76 16.92 31.96
C ALA H 87 -0.52 17.71 31.73
N LYS H 88 -0.95 17.89 30.47
CA LYS H 88 -2.19 18.63 30.18
C LYS H 88 -3.46 17.96 30.65
N GLN H 89 -3.43 16.66 30.89
CA GLN H 89 -4.61 15.93 31.34
C GLN H 89 -4.17 15.07 32.51
N PRO H 90 -3.79 15.73 33.62
CA PRO H 90 -3.33 15.04 34.83
C PRO H 90 -4.35 14.11 35.42
N HIS H 91 -5.61 14.27 35.01
CA HIS H 91 -6.67 13.39 35.51
C HIS H 91 -6.67 12.04 34.76
N VAL H 92 -6.07 12.01 33.57
CA VAL H 92 -6.03 10.82 32.78
C VAL H 92 -4.77 10.10 33.15
N GLY H 93 -4.94 8.96 33.81
CA GLY H 93 -3.83 8.17 34.27
C GLY H 93 -3.20 7.30 33.22
N ASP H 94 -3.92 7.05 32.13
CA ASP H 94 -3.39 6.23 31.08
C ASP H 94 -2.19 6.90 30.43
N TYR H 95 -2.14 8.22 30.48
CA TYR H 95 -1.03 8.93 29.89
C TYR H 95 0.21 8.74 30.73
N ARG H 96 0.05 8.56 32.03
CA ARG H 96 1.26 8.36 32.84
C ARG H 96 1.78 6.95 32.62
N GLN H 97 0.84 6.05 32.36
CA GLN H 97 1.19 4.67 32.13
C GLN H 97 1.81 4.54 30.76
N LEU H 98 1.31 5.35 29.81
CA LEU H 98 1.83 5.32 28.46
C LEU H 98 3.31 5.63 28.52
N VAL H 99 3.68 6.72 29.17
CA VAL H 99 5.10 7.02 29.24
C VAL H 99 5.91 5.84 29.73
N HIS H 100 5.40 5.18 30.76
CA HIS H 100 6.13 4.07 31.29
C HIS H 100 6.11 2.91 30.36
N GLU H 101 5.04 2.71 29.65
CA GLU H 101 5.03 1.61 28.73
C GLU H 101 6.01 1.87 27.59
N LEU H 102 6.20 3.13 27.23
CA LEU H 102 7.14 3.53 26.18
C LEU H 102 8.57 3.21 26.59
N ASP H 103 8.91 3.51 27.83
CA ASP H 103 10.24 3.24 28.31
C ASP H 103 10.51 1.76 28.31
N GLU H 104 9.57 0.99 28.82
CA GLU H 104 9.79 -0.45 28.87
C GLU H 104 9.98 -0.98 27.50
N ALA H 105 9.20 -0.46 26.56
CA ALA H 105 9.31 -0.96 25.22
C ALA H 105 10.59 -0.52 24.61
N GLU H 106 10.99 0.72 24.85
CA GLU H 106 12.23 1.16 24.21
C GLU H 106 13.35 0.30 24.74
N TYR H 107 13.21 -0.13 25.99
CA TYR H 107 14.24 -0.96 26.57
C TYR H 107 14.24 -2.32 25.92
N ARG H 108 13.07 -2.91 25.75
CA ARG H 108 13.01 -4.20 25.08
C ARG H 108 13.47 -4.13 23.63
N ASP H 109 13.28 -2.99 22.95
CA ASP H 109 13.71 -2.87 21.57
C ASP H 109 15.20 -2.81 21.44
N ILE H 110 15.81 -1.97 22.27
CA ILE H 110 17.24 -1.85 22.25
C ILE H 110 17.90 -3.22 22.36
N ARG H 111 17.41 -4.04 23.28
CA ARG H 111 17.96 -5.38 23.43
C ARG H 111 17.79 -6.16 22.11
N LEU H 112 16.59 -6.11 21.50
CA LEU H 112 16.32 -6.72 20.21
C LEU H 112 17.16 -6.13 19.07
N MET H 113 17.41 -4.82 19.06
CA MET H 113 18.22 -4.25 18.00
C MET H 113 19.66 -4.70 18.14
N VAL H 114 20.16 -4.84 19.37
CA VAL H 114 21.56 -5.29 19.58
C VAL H 114 21.61 -6.75 19.17
N MET H 115 20.55 -7.47 19.45
CA MET H 115 20.45 -8.86 19.12
C MET H 115 20.40 -9.02 17.63
N GLU H 116 19.59 -8.22 16.95
CA GLU H 116 19.51 -8.32 15.50
C GLU H 116 20.71 -7.79 14.73
N ILE H 117 21.59 -7.07 15.41
CA ILE H 117 22.80 -6.55 14.77
C ILE H 117 23.89 -7.60 14.86
N ARG H 118 23.98 -8.23 16.03
CA ARG H 118 24.98 -9.28 16.22
C ARG H 118 24.74 -10.32 15.14
N ASN H 119 23.50 -10.76 15.10
CA ASN H 119 23.01 -11.75 14.14
C ASN H 119 23.30 -11.36 12.67
N ALA H 120 23.37 -10.08 12.33
CA ALA H 120 23.67 -9.72 10.96
C ALA H 120 25.14 -9.96 10.68
N TYR H 121 26.01 -9.56 11.60
CA TYR H 121 27.41 -9.79 11.40
C TYR H 121 27.62 -11.29 11.28
N ALA H 122 27.01 -12.07 12.15
CA ALA H 122 27.16 -13.53 12.15
C ALA H 122 26.76 -14.17 10.86
N VAL H 123 25.50 -14.00 10.50
CA VAL H 123 24.96 -14.55 9.28
C VAL H 123 25.69 -14.13 8.01
N LEU H 124 26.14 -12.87 7.95
CA LEU H 124 26.90 -12.31 6.82
C LEU H 124 28.27 -12.94 6.71
N TYR H 125 28.95 -13.02 7.84
CA TYR H 125 30.29 -13.59 7.85
C TYR H 125 30.18 -15.00 7.35
N ASP H 126 29.24 -15.70 7.93
CA ASP H 126 29.02 -17.09 7.57
C ASP H 126 28.76 -17.30 6.09
N ILE H 127 27.80 -16.60 5.54
CA ILE H 127 27.50 -16.79 4.14
C ILE H 127 28.61 -16.37 3.18
N ILE H 128 29.28 -15.26 3.45
CA ILE H 128 30.38 -14.81 2.60
C ILE H 128 31.46 -15.88 2.70
N LEU H 129 31.76 -16.35 3.90
CA LEU H 129 32.77 -17.38 3.99
C LEU H 129 32.47 -18.61 3.20
N LYS H 130 31.33 -19.25 3.44
CA LYS H 130 30.96 -20.47 2.72
C LYS H 130 31.03 -20.42 1.19
N ASN H 131 30.64 -19.30 0.61
CA ASN H 131 30.62 -19.18 -0.82
C ASN H 131 31.65 -18.22 -1.35
N PHE H 132 32.76 -18.05 -0.65
CA PHE H 132 33.74 -17.10 -1.13
C PHE H 132 34.28 -17.41 -2.52
N GLU H 133 34.57 -18.67 -2.80
CA GLU H 133 35.11 -19.10 -4.08
C GLU H 133 34.34 -18.48 -5.24
N LYS H 134 33.04 -18.78 -5.29
CA LYS H 134 32.18 -18.24 -6.30
C LYS H 134 31.88 -16.77 -6.16
N LEU H 135 31.86 -16.21 -4.96
CA LEU H 135 31.57 -14.80 -4.88
C LEU H 135 32.75 -14.07 -5.48
N LYS H 136 33.96 -14.50 -5.20
CA LYS H 136 35.11 -13.82 -5.76
C LYS H 136 35.42 -14.23 -7.20
N LYS H 137 35.27 -15.52 -7.51
CA LYS H 137 35.57 -16.03 -8.87
C LYS H 137 34.39 -16.84 -9.37
N PRO H 138 33.30 -16.17 -9.80
CA PRO H 138 32.10 -16.82 -10.30
C PRO H 138 32.27 -17.73 -11.48
N ARG H 139 33.39 -17.59 -12.18
CA ARG H 139 33.61 -18.42 -13.35
C ARG H 139 34.85 -19.30 -13.33
N GLY H 140 35.81 -19.01 -12.44
CA GLY H 140 37.02 -19.80 -12.35
C GLY H 140 38.30 -18.96 -12.36
N LEU I 1 40.82 -16.48 1.28
CA LEU I 1 40.61 -15.48 2.38
C LEU I 1 41.35 -15.86 3.67
N ARG I 2 41.95 -14.87 4.30
CA ARG I 2 42.69 -15.12 5.54
C ARG I 2 41.92 -14.76 6.79
N VAL I 3 41.46 -15.77 7.53
CA VAL I 3 40.78 -15.49 8.81
C VAL I 3 41.74 -15.98 9.90
N GLN I 4 42.36 -15.03 10.58
CA GLN I 4 43.32 -15.38 11.61
C GLN I 4 42.72 -16.41 12.59
N PRO I 5 43.59 -17.10 13.31
CA PRO I 5 43.25 -18.18 14.29
C PRO I 5 42.38 -17.72 15.49
N GLU I 6 42.71 -16.55 16.08
CA GLU I 6 41.94 -16.05 17.19
C GLU I 6 40.54 -15.53 16.79
N ALA I 7 40.44 -14.98 15.59
CA ALA I 7 39.18 -14.43 15.09
C ALA I 7 38.22 -15.54 14.74
N GLN I 8 38.70 -16.57 14.07
CA GLN I 8 37.83 -17.67 13.75
C GLN I 8 37.30 -18.25 15.06
N ALA I 9 38.15 -18.28 16.07
CA ALA I 9 37.78 -18.80 17.38
C ALA I 9 36.61 -18.05 17.94
N LYS I 10 36.62 -16.73 17.84
CA LYS I 10 35.50 -15.88 18.34
C LYS I 10 34.19 -16.37 17.76
N VAL I 11 34.21 -16.63 16.46
CA VAL I 11 33.08 -17.11 15.70
C VAL I 11 32.66 -18.53 16.09
N ASP I 12 33.64 -19.43 16.15
CA ASP I 12 33.35 -20.81 16.53
C ASP I 12 32.60 -20.89 17.86
N VAL I 13 33.00 -20.04 18.80
CA VAL I 13 32.41 -19.95 20.14
C VAL I 13 30.95 -19.52 20.06
N PHE I 14 30.68 -18.46 19.29
CA PHE I 14 29.33 -17.97 19.09
C PHE I 14 28.45 -19.08 18.53
N ARG I 15 28.96 -19.84 17.56
CA ARG I 15 28.17 -20.91 16.97
C ARG I 15 27.95 -22.05 17.94
N GLU I 16 28.94 -22.34 18.81
CA GLU I 16 28.78 -23.40 19.81
C GLU I 16 27.72 -22.99 20.81
N ASP I 17 27.85 -21.79 21.38
CA ASP I 17 26.89 -21.24 22.36
C ASP I 17 25.49 -21.32 21.80
N LEU I 18 25.36 -20.91 20.55
CA LEU I 18 24.08 -20.94 19.87
C LEU I 18 23.53 -22.37 19.73
N CYS I 19 24.38 -23.36 19.43
CA CYS I 19 23.90 -24.73 19.29
C CYS I 19 23.41 -25.25 20.65
N THR I 20 24.18 -24.96 21.68
CA THR I 20 23.84 -25.33 23.00
C THR I 20 22.51 -24.67 23.37
N LYS I 21 22.40 -23.35 23.27
CA LYS I 21 21.16 -22.67 23.62
C LYS I 21 20.03 -23.34 22.91
N THR I 22 20.25 -23.72 21.67
CA THR I 22 19.20 -24.38 20.88
C THR I 22 18.84 -25.80 21.25
N GLU I 23 19.79 -26.60 21.65
CA GLU I 23 19.43 -27.95 22.04
C GLU I 23 18.54 -27.81 23.27
N ASN I 24 18.86 -26.81 24.11
CA ASN I 24 18.14 -26.54 25.37
C ASN I 24 16.73 -26.02 25.16
N LEU I 25 16.58 -25.12 24.20
CA LEU I 25 15.30 -24.57 23.86
C LEU I 25 14.36 -25.72 23.49
N LEU I 26 14.78 -26.53 22.53
CA LEU I 26 13.96 -27.64 22.07
C LEU I 26 13.69 -28.70 23.10
N GLY I 27 14.76 -29.22 23.68
CA GLY I 27 14.60 -30.27 24.67
C GLY I 27 14.01 -29.87 26.01
N SER I 28 13.84 -28.58 26.31
CA SER I 28 13.29 -28.15 27.62
C SER I 28 12.44 -26.85 27.78
N TYR I 29 12.99 -25.72 27.37
CA TYR I 29 12.34 -24.43 27.46
C TYR I 29 11.02 -24.38 26.77
N PHE I 30 11.00 -24.84 25.51
CA PHE I 30 9.76 -24.85 24.75
C PHE I 30 8.69 -25.71 25.41
N PRO I 31 9.01 -26.98 25.81
CA PRO I 31 7.98 -27.81 26.46
C PRO I 31 7.49 -27.19 27.77
N LYS I 32 8.37 -26.47 28.41
CA LYS I 32 8.10 -25.82 29.66
C LYS I 32 7.15 -24.66 29.43
N LYS I 33 7.48 -23.80 28.47
CA LYS I 33 6.63 -22.63 28.16
C LYS I 33 5.25 -23.00 27.68
N ILE I 34 5.15 -24.08 26.92
CA ILE I 34 3.86 -24.55 26.40
C ILE I 34 2.99 -24.93 27.59
N SER I 35 3.60 -25.50 28.62
CA SER I 35 2.86 -25.87 29.79
C SER I 35 2.49 -24.70 30.67
N GLU I 36 3.39 -23.76 30.87
CA GLU I 36 3.12 -22.60 31.71
C GLU I 36 1.97 -21.77 31.18
N LEU I 37 2.08 -21.42 29.90
CA LEU I 37 1.07 -20.59 29.24
C LEU I 37 -0.25 -21.30 29.17
N ASP I 38 -0.22 -22.60 28.93
CA ASP I 38 -1.45 -23.39 28.84
C ASP I 38 -2.19 -23.27 30.18
N ALA I 39 -1.44 -23.19 31.26
CA ALA I 39 -2.01 -23.06 32.61
C ALA I 39 -2.59 -21.67 32.85
N PHE I 40 -1.83 -20.66 32.43
CA PHE I 40 -2.21 -19.27 32.57
C PHE I 40 -3.58 -19.10 31.97
N LEU I 41 -3.79 -19.75 30.82
CA LEU I 41 -5.05 -19.64 30.11
C LEU I 41 -6.16 -20.26 30.87
N LYS I 42 -5.87 -21.40 31.46
CA LYS I 42 -6.88 -22.10 32.22
C LYS I 42 -7.17 -21.41 33.57
N GLU I 43 -6.42 -20.36 33.87
CA GLU I 43 -6.55 -19.60 35.11
C GLU I 43 -7.74 -18.63 35.03
N PRO I 44 -8.35 -18.30 36.18
CA PRO I 44 -9.51 -17.40 36.39
C PRO I 44 -9.33 -15.98 35.87
N ALA I 45 -8.12 -15.45 36.01
CA ALA I 45 -7.86 -14.10 35.57
C ALA I 45 -8.21 -14.00 34.08
N LEU I 46 -7.76 -15.02 33.34
CA LEU I 46 -7.99 -15.10 31.92
C LEU I 46 -9.25 -15.85 31.61
N ASN I 47 -10.14 -15.92 32.57
CA ASN I 47 -11.40 -16.63 32.36
C ASN I 47 -12.52 -15.94 33.11
N GLU I 48 -13.04 -14.87 32.54
CA GLU I 48 -14.14 -14.16 33.16
C GLU I 48 -15.34 -14.17 32.23
N ALA I 49 -16.44 -14.73 32.73
CA ALA I 49 -17.68 -14.84 31.97
C ALA I 49 -18.27 -13.47 31.86
N ASN I 50 -18.33 -12.79 33.00
CA ASN I 50 -18.86 -11.45 32.98
C ASN I 50 -17.77 -10.46 32.86
N LEU I 51 -17.71 -9.82 31.69
CA LEU I 51 -16.69 -8.81 31.46
C LEU I 51 -17.17 -7.49 32.04
N SER I 52 -18.42 -7.50 32.43
CA SER I 52 -19.00 -6.34 33.05
C SER I 52 -18.51 -6.38 34.51
N ASN I 53 -17.68 -7.39 34.82
CA ASN I 53 -17.04 -7.56 36.12
C ASN I 53 -15.70 -6.88 35.95
N LEU I 54 -15.29 -6.81 34.68
CA LEU I 54 -14.04 -6.21 34.26
C LEU I 54 -14.18 -4.69 34.28
N LYS I 55 -15.43 -4.24 34.24
CA LYS I 55 -15.77 -2.82 34.21
C LYS I 55 -15.12 -1.95 35.27
N ALA I 56 -14.40 -0.93 34.79
CA ALA I 56 -13.69 0.00 35.64
C ALA I 56 -14.40 1.33 35.79
N PRO I 57 -14.31 1.93 36.97
CA PRO I 57 -14.94 3.20 37.25
C PRO I 57 -14.41 4.35 36.40
N LEU I 58 -15.31 5.25 36.04
CA LEU I 58 -14.96 6.39 35.23
C LEU I 58 -15.84 7.53 35.70
N ASP I 59 -15.42 8.21 36.78
CA ASP I 59 -16.22 9.30 37.33
C ASP I 59 -16.04 10.65 36.64
N ILE I 60 -17.15 11.15 36.07
CA ILE I 60 -17.13 12.43 35.38
C ILE I 60 -18.39 13.27 35.70
N ALA J 1 -9.27 11.68 39.93
CA ALA J 1 -8.58 11.23 38.67
C ALA J 1 -9.14 9.92 38.12
N VAL J 2 -9.09 9.74 36.80
CA VAL J 2 -9.57 8.52 36.20
C VAL J 2 -8.39 7.61 35.97
N ASN J 3 -8.42 6.46 36.63
CA ASN J 3 -7.33 5.51 36.55
C ASN J 3 -7.49 4.45 35.49
N CYS J 4 -6.40 3.74 35.24
CA CYS J 4 -6.34 2.67 34.25
C CYS J 4 -7.13 1.50 34.76
N ASN J 5 -7.45 0.58 33.85
CA ASN J 5 -8.15 -0.58 34.31
C ASN J 5 -7.07 -1.49 34.88
N GLU J 6 -7.03 -1.56 36.21
CA GLU J 6 -6.04 -2.35 36.91
C GLU J 6 -6.04 -3.84 36.55
N LYS J 7 -7.21 -4.44 36.57
CA LYS J 7 -7.35 -5.85 36.26
C LYS J 7 -6.53 -6.12 35.00
N ILE J 8 -6.60 -5.18 34.10
CA ILE J 8 -5.89 -5.34 32.87
C ILE J 8 -4.42 -5.04 33.06
N VAL J 9 -4.14 -3.86 33.63
CA VAL J 9 -2.72 -3.50 33.89
C VAL J 9 -1.93 -4.67 34.45
N VAL J 10 -2.49 -5.44 35.34
CA VAL J 10 -1.74 -6.52 35.88
C VAL J 10 -1.51 -7.64 34.89
N LEU J 11 -2.52 -7.89 34.05
CA LEU J 11 -2.40 -8.96 33.03
C LEU J 11 -1.30 -8.52 32.10
N LEU J 12 -1.26 -7.23 31.77
CA LEU J 12 -0.23 -6.76 30.88
C LEU J 12 1.08 -6.98 31.55
N GLN J 13 1.05 -6.90 32.85
CA GLN J 13 2.26 -7.12 33.55
C GLN J 13 2.80 -8.51 33.36
N ARG J 14 1.94 -9.53 33.26
CA ARG J 14 2.39 -10.93 33.08
C ARG J 14 2.65 -11.31 31.65
N LEU J 15 1.97 -10.63 30.75
CA LEU J 15 2.10 -10.90 29.35
C LEU J 15 3.33 -10.33 28.74
N LYS J 16 3.61 -9.06 29.01
CA LYS J 16 4.78 -8.44 28.41
C LYS J 16 6.05 -9.26 28.43
N PRO J 17 6.33 -9.90 29.54
CA PRO J 17 7.55 -10.70 29.62
C PRO J 17 7.49 -11.94 28.70
N GLU J 18 6.31 -12.53 28.59
CA GLU J 18 6.14 -13.72 27.77
C GLU J 18 6.38 -13.41 26.34
N ILE J 19 6.00 -12.18 25.96
CA ILE J 19 6.20 -11.73 24.58
C ILE J 19 7.67 -11.54 24.32
N LYS J 20 8.35 -10.86 25.21
CA LYS J 20 9.78 -10.63 25.08
C LYS J 20 10.47 -11.96 24.95
N ASP J 21 10.01 -12.95 25.71
CA ASP J 21 10.62 -14.27 25.64
C ASP J 21 10.52 -14.92 24.26
N VAL J 22 9.33 -14.95 23.66
CA VAL J 22 9.17 -15.57 22.35
C VAL J 22 9.98 -14.90 21.31
N ILE J 23 9.89 -13.58 21.22
CA ILE J 23 10.63 -12.88 20.21
C ILE J 23 12.12 -13.15 20.34
N GLU J 24 12.67 -13.31 21.54
CA GLU J 24 14.10 -13.60 21.64
C GLU J 24 14.44 -15.06 21.25
N GLN J 25 13.65 -16.01 21.72
CA GLN J 25 13.94 -17.40 21.35
C GLN J 25 13.76 -17.60 19.87
N LEU J 26 12.71 -17.01 19.35
CA LEU J 26 12.44 -17.08 17.96
C LEU J 26 13.58 -16.46 17.20
N ASN J 27 14.35 -15.58 17.81
CA ASN J 27 15.47 -15.00 17.07
C ASN J 27 16.68 -15.91 17.13
N LEU J 28 16.88 -16.56 18.26
CA LEU J 28 18.02 -17.45 18.33
C LEU J 28 17.84 -18.55 17.31
N VAL J 29 16.74 -19.27 17.45
CA VAL J 29 16.38 -20.39 16.61
C VAL J 29 16.55 -19.99 15.18
N THR J 30 16.06 -18.81 14.80
CA THR J 30 16.23 -18.43 13.39
C THR J 30 17.69 -18.32 13.00
N THR J 31 18.48 -17.65 13.84
CA THR J 31 19.91 -17.49 13.55
C THR J 31 20.53 -18.85 13.49
N TRP J 32 20.19 -19.70 14.43
CA TRP J 32 20.76 -21.04 14.40
C TRP J 32 20.51 -21.62 13.04
N LEU J 33 19.26 -21.58 12.62
CA LEU J 33 18.87 -22.15 11.34
C LEU J 33 19.62 -21.53 10.22
N GLN J 34 19.69 -20.20 10.15
CA GLN J 34 20.42 -19.64 9.02
C GLN J 34 21.86 -20.12 9.00
N LEU J 35 22.52 -20.13 10.14
CA LEU J 35 23.89 -20.59 10.20
C LEU J 35 24.07 -22.03 9.73
N GLN J 36 22.96 -22.75 9.62
CA GLN J 36 22.95 -24.16 9.19
C GLN J 36 22.90 -24.28 7.68
N ILE J 37 22.64 -23.17 7.00
CA ILE J 37 22.51 -23.23 5.57
C ILE J 37 23.85 -23.48 4.95
N PRO J 38 23.96 -24.55 4.10
CA PRO J 38 25.19 -24.96 3.43
C PRO J 38 25.57 -24.19 2.20
N ARG J 39 26.81 -24.38 1.79
CA ARG J 39 27.35 -23.72 0.62
C ARG J 39 26.44 -23.96 -0.54
N ILE J 40 26.19 -22.91 -1.30
CA ILE J 40 25.28 -23.03 -2.42
C ILE J 40 25.94 -23.90 -3.40
N GLU J 41 25.32 -25.03 -3.67
CA GLU J 41 25.89 -25.98 -4.61
C GLU J 41 24.91 -26.34 -5.67
N ASP J 42 25.38 -26.89 -6.76
CA ASP J 42 24.50 -27.26 -7.85
C ASP J 42 23.44 -28.39 -7.63
N GLY J 43 23.81 -29.47 -6.97
CA GLY J 43 22.80 -30.48 -6.77
C GLY J 43 22.74 -30.85 -5.32
N ASN J 44 21.74 -31.63 -4.95
CA ASN J 44 21.54 -32.10 -3.58
C ASN J 44 21.00 -30.94 -2.72
N ASN J 45 19.79 -30.47 -3.02
CA ASN J 45 19.25 -29.35 -2.26
C ASN J 45 17.92 -29.57 -1.58
N PHE J 46 17.62 -30.84 -1.38
CA PHE J 46 16.39 -31.18 -0.74
C PHE J 46 16.46 -30.66 0.64
N GLY J 47 17.55 -30.99 1.33
CA GLY J 47 17.77 -30.55 2.70
C GLY J 47 17.66 -29.05 2.77
N VAL J 48 18.28 -28.42 1.80
CA VAL J 48 18.24 -26.99 1.72
C VAL J 48 16.77 -26.53 1.60
N ALA J 49 16.01 -27.22 0.77
CA ALA J 49 14.61 -26.91 0.57
C ALA J 49 13.85 -27.09 1.89
N VAL J 50 14.31 -28.02 2.69
CA VAL J 50 13.63 -28.27 3.95
C VAL J 50 13.89 -27.11 4.89
N GLN J 51 15.11 -26.60 4.86
CA GLN J 51 15.45 -25.52 5.76
C GLN J 51 14.66 -24.29 5.40
N GLU J 52 14.45 -24.12 4.09
CA GLU J 52 13.71 -22.95 3.59
C GLU J 52 12.24 -22.96 3.99
N LYS J 53 11.65 -24.13 4.09
CA LYS J 53 10.26 -24.22 4.47
C LYS J 53 10.02 -23.94 5.96
N VAL J 54 10.97 -24.39 6.78
CA VAL J 54 10.89 -24.17 8.23
C VAL J 54 11.12 -22.71 8.45
N PHE J 55 12.11 -22.23 7.74
CA PHE J 55 12.39 -20.84 7.81
C PHE J 55 11.18 -19.99 7.54
N GLU J 56 10.42 -20.36 6.53
CA GLU J 56 9.20 -19.60 6.21
C GLU J 56 8.31 -19.53 7.42
N LEU J 57 8.19 -20.62 8.14
CA LEU J 57 7.33 -20.58 9.31
C LEU J 57 7.87 -19.65 10.39
N MET J 58 9.16 -19.77 10.67
CA MET J 58 9.73 -18.93 11.70
C MET J 58 9.45 -17.50 11.40
N THR J 59 9.58 -17.17 10.15
CA THR J 59 9.34 -15.81 9.70
C THR J 59 7.92 -15.27 9.89
N SER J 60 6.93 -16.15 9.80
CA SER J 60 5.55 -15.71 10.00
C SER J 60 5.36 -15.54 11.45
N LEU J 61 5.80 -16.54 12.21
CA LEU J 61 5.70 -16.42 13.63
C LEU J 61 6.33 -15.11 14.04
N HIS J 62 7.47 -14.74 13.45
CA HIS J 62 8.03 -13.51 13.91
C HIS J 62 7.12 -12.36 13.58
N THR J 63 6.76 -12.26 12.32
CA THR J 63 5.88 -11.20 11.86
C THR J 63 4.65 -11.03 12.79
N LYS J 64 3.99 -12.15 13.08
CA LYS J 64 2.81 -12.19 13.95
C LYS J 64 3.07 -11.63 15.38
N LEU J 65 4.10 -12.15 16.03
CA LEU J 65 4.46 -11.78 17.37
C LEU J 65 5.05 -10.42 17.54
N GLU J 66 5.69 -9.89 16.53
CA GLU J 66 6.31 -8.57 16.66
C GLU J 66 5.24 -7.51 16.92
N GLY J 67 4.08 -7.69 16.32
CA GLY J 67 3.01 -6.74 16.52
C GLY J 67 2.58 -6.61 17.97
N PHE J 68 2.42 -7.77 18.64
CA PHE J 68 1.97 -7.83 20.02
C PHE J 68 2.67 -6.81 20.85
N HIS J 69 3.97 -6.68 20.61
CA HIS J 69 4.78 -5.74 21.38
C HIS J 69 4.24 -4.30 21.45
N THR J 70 3.75 -3.83 20.31
CA THR J 70 3.26 -2.47 20.17
C THR J 70 1.77 -2.27 20.47
N GLN J 71 0.97 -3.32 20.34
CA GLN J 71 -0.47 -3.22 20.58
C GLN J 71 -0.81 -2.81 22.04
N ILE J 72 0.18 -2.95 22.90
CA ILE J 72 0.05 -2.64 24.29
C ILE J 72 0.09 -1.15 24.57
N SER J 73 1.02 -0.45 23.93
CA SER J 73 1.13 0.99 24.11
C SER J 73 -0.06 1.66 23.51
N LYS J 74 -0.50 1.15 22.38
CA LYS J 74 -1.65 1.68 21.69
C LYS J 74 -2.86 1.64 22.63
N TYR J 75 -3.01 0.57 23.40
CA TYR J 75 -4.13 0.50 24.32
C TYR J 75 -4.19 1.73 25.23
N PHE J 76 -3.10 2.01 25.96
CA PHE J 76 -3.05 3.16 26.84
C PHE J 76 -3.19 4.44 26.08
N SER J 77 -2.73 4.48 24.85
CA SER J 77 -2.88 5.71 24.15
C SER J 77 -4.32 5.90 23.69
N GLU J 78 -4.93 4.87 23.12
CA GLU J 78 -6.28 4.97 22.65
C GLU J 78 -7.18 5.24 23.80
N ARG J 79 -6.91 4.56 24.92
CA ARG J 79 -7.73 4.74 26.11
C ARG J 79 -7.58 6.15 26.70
N GLY J 80 -6.35 6.58 26.92
CA GLY J 80 -6.08 7.91 27.46
C GLY J 80 -6.89 8.91 26.67
N ASP J 81 -6.90 8.73 25.36
CA ASP J 81 -7.63 9.62 24.49
C ASP J 81 -9.13 9.50 24.68
N ALA J 82 -9.64 8.29 24.81
CA ALA J 82 -11.08 8.15 24.98
C ALA J 82 -11.55 8.84 26.26
N VAL J 83 -10.84 8.60 27.37
CA VAL J 83 -11.13 9.22 28.67
C VAL J 83 -11.16 10.72 28.52
N THR J 84 -10.12 11.30 27.93
CA THR J 84 -10.06 12.75 27.72
C THR J 84 -11.29 13.32 26.98
N LYS J 85 -11.64 12.76 25.83
CA LYS J 85 -12.83 13.23 25.10
C LYS J 85 -14.05 13.00 25.97
N ALA J 86 -14.16 11.83 26.59
CA ALA J 86 -15.30 11.56 27.43
C ALA J 86 -15.46 12.70 28.41
N ALA J 87 -14.35 13.09 29.02
CA ALA J 87 -14.29 14.16 29.99
C ALA J 87 -14.67 15.47 29.38
N LYS J 88 -14.04 15.84 28.26
CA LYS J 88 -14.35 17.11 27.59
C LYS J 88 -15.76 17.22 27.01
N GLN J 89 -16.39 16.08 26.73
CA GLN J 89 -17.72 16.05 26.17
C GLN J 89 -18.52 15.08 27.02
N PRO J 90 -18.80 15.47 28.28
CA PRO J 90 -19.55 14.64 29.21
C PRO J 90 -20.97 14.37 28.78
N HIS J 91 -21.45 15.13 27.79
CA HIS J 91 -22.80 14.89 27.29
C HIS J 91 -22.81 13.72 26.27
N VAL J 92 -21.65 13.42 25.68
CA VAL J 92 -21.55 12.36 24.73
C VAL J 92 -21.26 11.07 25.44
N GLY J 93 -22.26 10.21 25.49
CA GLY J 93 -22.12 8.96 26.20
C GLY J 93 -21.35 7.88 25.49
N ASP J 94 -21.17 8.06 24.20
CA ASP J 94 -20.44 7.07 23.41
C ASP J 94 -18.98 7.03 23.79
N TYR J 95 -18.46 8.13 24.31
CA TYR J 95 -17.07 8.18 24.75
C TYR J 95 -16.92 7.38 26.03
N ARG J 96 -17.96 7.37 26.84
CA ARG J 96 -17.89 6.61 28.04
C ARG J 96 -17.92 5.15 27.69
N GLN J 97 -18.73 4.75 26.71
CA GLN J 97 -18.82 3.36 26.29
C GLN J 97 -17.59 2.93 25.56
N LEU J 98 -16.96 3.87 24.87
CA LEU J 98 -15.74 3.59 24.12
C LEU J 98 -14.72 3.09 25.11
N VAL J 99 -14.50 3.85 26.18
CA VAL J 99 -13.52 3.40 27.15
C VAL J 99 -13.77 1.95 27.56
N HIS J 100 -15.02 1.63 27.83
CA HIS J 100 -15.33 0.29 28.27
C HIS J 100 -15.19 -0.70 27.20
N GLU J 101 -15.35 -0.28 25.98
CA GLU J 101 -15.18 -1.21 24.90
C GLU J 101 -13.68 -1.50 24.72
N LEU J 102 -12.83 -0.50 24.93
CA LEU J 102 -11.38 -0.67 24.84
C LEU J 102 -10.88 -1.69 25.86
N ASP J 103 -11.36 -1.55 27.10
CA ASP J 103 -10.95 -2.46 28.14
C ASP J 103 -11.37 -3.88 27.84
N GLU J 104 -12.61 -4.06 27.43
CA GLU J 104 -13.11 -5.40 27.11
C GLU J 104 -12.32 -5.97 26.01
N ALA J 105 -11.98 -5.15 25.02
CA ALA J 105 -11.20 -5.65 23.91
C ALA J 105 -9.81 -5.98 24.34
N GLU J 106 -9.18 -5.09 25.13
CA GLU J 106 -7.81 -5.39 25.56
C GLU J 106 -7.80 -6.71 26.34
N TYR J 107 -8.86 -6.95 27.09
CA TYR J 107 -8.94 -8.18 27.84
C TYR J 107 -9.04 -9.38 26.90
N ARG J 108 -9.89 -9.28 25.89
CA ARG J 108 -10.01 -10.39 24.97
C ARG J 108 -8.71 -10.64 24.20
N ASP J 109 -7.94 -9.58 23.88
CA ASP J 109 -6.68 -9.68 23.13
C ASP J 109 -5.62 -10.36 23.92
N ILE J 110 -5.49 -9.95 25.16
CA ILE J 110 -4.49 -10.57 26.01
C ILE J 110 -4.64 -12.08 25.97
N ARG J 111 -5.86 -12.55 26.12
CA ARG J 111 -6.10 -13.97 26.09
C ARG J 111 -5.63 -14.53 24.74
N LEU J 112 -5.99 -13.88 23.65
CA LEU J 112 -5.56 -14.30 22.32
C LEU J 112 -4.07 -14.23 22.15
N MET J 113 -3.42 -13.21 22.74
CA MET J 113 -1.98 -13.11 22.61
C MET J 113 -1.29 -14.23 23.37
N VAL J 114 -1.86 -14.63 24.50
CA VAL J 114 -1.25 -15.72 25.28
C VAL J 114 -1.47 -16.99 24.51
N MET J 115 -2.64 -17.10 23.91
CA MET J 115 -3.02 -18.25 23.13
C MET J 115 -2.12 -18.35 21.92
N GLU J 116 -1.91 -17.27 21.21
CA GLU J 116 -1.03 -17.32 20.04
C GLU J 116 0.48 -17.50 20.32
N ILE J 117 0.90 -17.24 21.56
CA ILE J 117 2.29 -17.42 21.92
C ILE J 117 2.51 -18.90 22.25
N ARG J 118 1.56 -19.47 23.01
CA ARG J 118 1.67 -20.87 23.36
C ARG J 118 1.82 -21.67 22.09
N ASN J 119 0.91 -21.37 21.17
CA ASN J 119 0.85 -22.01 19.86
C ASN J 119 2.18 -21.83 19.09
N ALA J 120 2.90 -20.74 19.28
CA ALA J 120 4.13 -20.59 18.54
C ALA J 120 5.16 -21.56 19.06
N TYR J 121 5.25 -21.66 20.38
CA TYR J 121 6.20 -22.55 20.94
C TYR J 121 5.88 -23.94 20.49
N ALA J 122 4.61 -24.32 20.54
CA ALA J 122 4.22 -25.66 20.15
C ALA J 122 4.54 -25.98 18.72
N VAL J 123 4.11 -25.12 17.83
CA VAL J 123 4.30 -25.36 16.41
C VAL J 123 5.78 -25.40 16.02
N LEU J 124 6.57 -24.57 16.68
CA LEU J 124 8.02 -24.47 16.43
C LEU J 124 8.74 -25.70 16.89
N TYR J 125 8.42 -26.11 18.09
CA TYR J 125 9.06 -27.27 18.65
C TYR J 125 8.78 -28.39 17.71
N ASP J 126 7.50 -28.58 17.43
CA ASP J 126 7.05 -29.65 16.55
C ASP J 126 7.77 -29.71 15.20
N ILE J 127 7.82 -28.61 14.48
CA ILE J 127 8.48 -28.62 13.19
C ILE J 127 10.00 -28.79 13.23
N ILE J 128 10.67 -28.19 14.20
CA ILE J 128 12.11 -28.35 14.30
C ILE J 128 12.37 -29.80 14.63
N LEU J 129 11.55 -30.38 15.51
CA LEU J 129 11.75 -31.78 15.85
C LEU J 129 11.62 -32.72 14.67
N LYS J 130 10.47 -32.68 13.99
CA LYS J 130 10.21 -33.54 12.84
C LYS J 130 11.27 -33.51 11.77
N ASN J 131 11.85 -32.33 11.51
CA ASN J 131 12.85 -32.22 10.46
C ASN J 131 14.23 -31.90 10.97
N PHE J 132 14.57 -32.32 12.17
CA PHE J 132 15.88 -32.00 12.66
C PHE J 132 17.02 -32.56 11.79
N GLU J 133 16.91 -33.81 11.37
CA GLU J 133 17.96 -34.43 10.58
C GLU J 133 18.44 -33.50 9.49
N LYS J 134 17.52 -33.10 8.62
CA LYS J 134 17.84 -32.21 7.54
C LYS J 134 18.12 -30.78 7.93
N LEU J 135 17.54 -30.32 9.03
CA LEU J 135 17.81 -28.95 9.41
C LEU J 135 19.27 -28.89 9.86
N LYS J 136 19.71 -29.90 10.60
CA LYS J 136 21.07 -29.90 11.08
C LYS J 136 22.06 -30.38 10.06
N LYS J 137 21.68 -31.39 9.27
CA LYS J 137 22.55 -31.99 8.26
C LYS J 137 21.85 -32.09 6.93
N PRO J 138 21.64 -30.97 6.24
CA PRO J 138 20.96 -30.95 4.96
C PRO J 138 21.49 -31.83 3.86
N ARG J 139 22.72 -32.26 4.01
CA ARG J 139 23.34 -33.07 2.98
C ARG J 139 23.79 -34.45 3.41
N GLY J 140 23.94 -34.67 4.72
CA GLY J 140 24.38 -35.96 5.22
C GLY J 140 25.56 -35.90 6.18
N LEU K 1 18.84 -35.41 18.67
CA LEU K 1 18.38 -34.44 19.72
C LEU K 1 17.83 -35.13 20.96
N ARG K 2 18.22 -34.59 22.12
CA ARG K 2 17.79 -35.15 23.41
C ARG K 2 16.63 -34.39 24.04
N VAL K 3 15.44 -34.98 23.99
CA VAL K 3 14.29 -34.36 24.67
C VAL K 3 14.00 -35.24 25.88
N GLN K 4 14.24 -34.67 27.06
CA GLN K 4 14.02 -35.37 28.32
C GLN K 4 12.67 -36.05 28.39
N PRO K 5 12.54 -37.08 29.24
CA PRO K 5 11.26 -37.80 29.38
C PRO K 5 10.09 -36.92 29.89
N GLU K 6 10.33 -36.15 30.95
CA GLU K 6 9.31 -35.27 31.51
C GLU K 6 8.94 -34.08 30.58
N ALA K 7 9.91 -33.56 29.83
CA ALA K 7 9.68 -32.46 28.91
C ALA K 7 8.85 -32.98 27.74
N GLN K 8 9.19 -34.15 27.22
CA GLN K 8 8.42 -34.68 26.12
C GLN K 8 7.02 -34.89 26.66
N ALA K 9 6.92 -35.30 27.90
CA ALA K 9 5.60 -35.53 28.47
C ALA K 9 4.72 -34.31 28.48
N LYS K 10 5.29 -33.13 28.79
CA LYS K 10 4.54 -31.86 28.84
C LYS K 10 3.88 -31.65 27.50
N VAL K 11 4.64 -31.92 26.45
CA VAL K 11 4.21 -31.78 25.07
C VAL K 11 3.11 -32.78 24.72
N ASP K 12 3.37 -34.05 25.02
CA ASP K 12 2.43 -35.12 24.75
C ASP K 12 1.06 -34.76 25.30
N VAL K 13 1.07 -34.18 26.50
CA VAL K 13 -0.15 -33.78 27.21
C VAL K 13 -0.90 -32.67 26.47
N PHE K 14 -0.17 -31.65 26.01
CA PHE K 14 -0.77 -30.57 25.25
C PHE K 14 -1.39 -31.14 23.96
N ARG K 15 -0.60 -31.89 23.21
CA ARG K 15 -1.07 -32.47 21.97
C ARG K 15 -2.33 -33.31 22.09
N GLU K 16 -2.47 -34.02 23.22
CA GLU K 16 -3.66 -34.87 23.47
C GLU K 16 -4.84 -34.00 23.76
N ASP K 17 -4.68 -33.04 24.65
CA ASP K 17 -5.74 -32.06 24.99
C ASP K 17 -6.28 -31.40 23.71
N LEU K 18 -5.36 -31.01 22.85
CA LEU K 18 -5.76 -30.38 21.61
C LEU K 18 -6.56 -31.31 20.72
N CYS K 19 -6.18 -32.58 20.65
CA CYS K 19 -6.91 -33.55 19.81
C CYS K 19 -8.31 -33.74 20.34
N THR K 20 -8.42 -33.86 21.65
CA THR K 20 -9.68 -34.00 22.33
C THR K 20 -10.55 -32.78 22.07
N LYS K 21 -10.02 -31.56 22.36
CA LYS K 21 -10.79 -30.34 22.13
C LYS K 21 -11.28 -30.34 20.72
N THR K 22 -10.46 -30.80 19.80
CA THR K 22 -10.84 -30.82 18.41
C THR K 22 -11.86 -31.84 18.01
N GLU K 23 -11.86 -33.01 18.61
CA GLU K 23 -12.84 -34.01 18.19
C GLU K 23 -14.17 -33.46 18.63
N ASN K 24 -14.14 -32.76 19.77
CA ASN K 24 -15.35 -32.16 20.35
C ASN K 24 -15.88 -30.99 19.55
N LEU K 25 -14.97 -30.14 19.07
CA LEU K 25 -15.34 -29.01 18.25
C LEU K 25 -16.12 -29.51 17.05
N LEU K 26 -15.53 -30.42 16.29
CA LEU K 26 -16.18 -30.96 15.10
C LEU K 26 -17.46 -31.73 15.39
N GLY K 27 -17.38 -32.71 16.27
CA GLY K 27 -18.55 -33.51 16.57
C GLY K 27 -19.69 -32.87 17.32
N SER K 28 -19.52 -31.69 17.89
CA SER K 28 -20.58 -31.04 18.68
C SER K 28 -20.74 -29.49 18.76
N TYR K 29 -19.67 -28.80 19.13
CA TYR K 29 -19.63 -27.36 19.26
C TYR K 29 -20.00 -26.66 17.99
N PHE K 30 -19.36 -27.04 16.89
CA PHE K 30 -19.64 -26.45 15.59
C PHE K 30 -21.11 -26.62 15.18
N PRO K 31 -21.66 -27.87 15.21
CA PRO K 31 -23.09 -28.07 14.83
C PRO K 31 -24.02 -27.28 15.75
N LYS K 32 -23.59 -27.11 16.99
CA LYS K 32 -24.35 -26.37 17.98
C LYS K 32 -24.35 -24.88 17.64
N LYS K 33 -23.16 -24.31 17.43
CA LYS K 33 -23.06 -22.89 17.13
C LYS K 33 -23.79 -22.49 15.85
N ILE K 34 -23.76 -23.38 14.86
CA ILE K 34 -24.40 -23.14 13.58
C ILE K 34 -25.88 -23.02 13.81
N SER K 35 -26.40 -23.82 14.72
CA SER K 35 -27.80 -23.75 15.03
C SER K 35 -28.16 -22.55 15.86
N GLU K 36 -27.35 -22.22 16.85
CA GLU K 36 -27.63 -21.06 17.71
C GLU K 36 -27.69 -19.77 16.92
N LEU K 37 -26.64 -19.48 16.18
CA LEU K 37 -26.55 -18.28 15.38
C LEU K 37 -27.64 -18.22 14.32
N ASP K 38 -27.95 -19.37 13.75
CA ASP K 38 -28.99 -19.42 12.72
C ASP K 38 -30.29 -18.96 13.32
N ALA K 39 -30.50 -19.27 14.60
CA ALA K 39 -31.70 -18.87 15.30
C ALA K 39 -31.68 -17.38 15.61
N PHE K 40 -30.53 -16.89 16.08
CA PHE K 40 -30.33 -15.50 16.42
C PHE K 40 -30.75 -14.65 15.23
N LEU K 41 -30.37 -15.09 14.05
CA LEU K 41 -30.68 -14.33 12.85
C LEU K 41 -32.15 -14.30 12.55
N LYS K 42 -32.82 -15.40 12.82
CA LYS K 42 -34.24 -15.50 12.54
C LYS K 42 -35.06 -14.79 13.60
N GLU K 43 -34.36 -14.26 14.58
CA GLU K 43 -34.96 -13.54 15.69
C GLU K 43 -35.30 -12.10 15.27
N PRO K 44 -36.33 -11.48 15.90
CA PRO K 44 -36.87 -10.12 15.70
C PRO K 44 -35.87 -8.98 15.88
N ALA K 45 -34.98 -9.13 16.86
CA ALA K 45 -33.98 -8.13 17.12
C ALA K 45 -33.18 -7.88 15.86
N LEU K 46 -32.80 -8.99 15.21
CA LEU K 46 -32.01 -8.96 13.99
C LEU K 46 -32.91 -8.99 12.78
N ASN K 47 -34.14 -8.55 12.97
CA ASN K 47 -35.07 -8.52 11.87
C ASN K 47 -36.02 -7.35 12.04
N GLU K 48 -35.55 -6.17 11.66
CA GLU K 48 -36.39 -4.97 11.70
C GLU K 48 -36.54 -4.37 10.30
N ALA K 49 -37.79 -4.32 9.85
CA ALA K 49 -38.10 -3.79 8.53
C ALA K 49 -37.88 -2.30 8.57
N ASN K 50 -38.43 -1.66 9.61
CA ASN K 50 -38.27 -0.23 9.76
C ASN K 50 -37.09 0.07 10.64
N LEU K 51 -36.03 0.57 10.01
CA LEU K 51 -34.85 0.90 10.77
C LEU K 51 -35.03 2.24 11.42
N SER K 52 -36.13 2.91 11.09
CA SER K 52 -36.38 4.18 11.73
C SER K 52 -37.07 3.89 13.07
N ASN K 53 -37.19 2.61 13.38
CA ASN K 53 -37.73 2.15 14.66
C ASN K 53 -36.50 2.02 15.55
N LEU K 54 -35.37 1.85 14.88
CA LEU K 54 -34.10 1.70 15.53
C LEU K 54 -33.59 3.08 15.97
N LYS K 55 -34.16 4.11 15.36
CA LYS K 55 -33.80 5.50 15.62
C LYS K 55 -33.77 5.94 17.06
N ALA K 56 -32.60 6.41 17.47
CA ALA K 56 -32.37 6.87 18.82
C ALA K 56 -32.37 8.36 18.93
N PRO K 57 -32.86 8.88 20.05
CA PRO K 57 -32.93 10.32 20.30
C PRO K 57 -31.60 11.07 20.35
N LEU K 58 -31.70 12.30 19.85
CA LEU K 58 -30.59 13.21 19.80
C LEU K 58 -31.17 14.57 20.16
N ASP K 59 -31.23 14.90 21.45
CA ASP K 59 -31.79 16.20 21.80
C ASP K 59 -30.69 17.23 21.78
N ILE K 60 -30.77 18.16 20.83
CA ILE K 60 -29.78 19.19 20.73
C ILE K 60 -30.45 20.57 20.56
N ALA L 1 -27.82 14.76 28.50
CA ALA L 1 -26.74 14.03 27.79
C ALA L 1 -27.24 13.20 26.62
N VAL L 2 -26.40 12.96 25.61
CA VAL L 2 -26.78 12.12 24.47
C VAL L 2 -26.25 10.72 24.69
N ASN L 3 -27.16 9.78 24.81
CA ASN L 3 -26.79 8.42 25.08
C ASN L 3 -26.60 7.56 23.84
N CYS L 4 -26.02 6.38 24.05
CA CYS L 4 -25.76 5.42 22.98
C CYS L 4 -27.05 4.84 22.55
N ASN L 5 -27.08 4.31 21.34
CA ASN L 5 -28.30 3.69 20.87
C ASN L 5 -28.39 2.36 21.57
N GLU L 6 -29.32 2.26 22.48
CA GLU L 6 -29.49 1.05 23.25
C GLU L 6 -29.80 -0.19 22.45
N LYS L 7 -30.69 -0.06 21.48
CA LYS L 7 -31.07 -1.23 20.69
C LYS L 7 -29.86 -1.94 20.13
N ILE L 8 -28.86 -1.15 19.82
CA ILE L 8 -27.65 -1.67 19.23
C ILE L 8 -26.74 -2.14 20.32
N VAL L 9 -26.60 -1.30 21.35
CA VAL L 9 -25.74 -1.66 22.47
C VAL L 9 -26.03 -3.09 22.96
N VAL L 10 -27.30 -3.48 23.02
CA VAL L 10 -27.58 -4.81 23.49
C VAL L 10 -27.17 -5.82 22.45
N LEU L 11 -27.35 -5.52 21.18
CA LEU L 11 -26.98 -6.48 20.13
C LEU L 11 -25.47 -6.64 20.21
N LEU L 12 -24.74 -5.54 20.41
CA LEU L 12 -23.30 -5.67 20.51
C LEU L 12 -22.94 -6.56 21.67
N GLN L 13 -23.76 -6.50 22.70
CA GLN L 13 -23.54 -7.31 23.88
C GLN L 13 -23.68 -8.81 23.66
N ARG L 14 -24.46 -9.21 22.66
CA ARG L 14 -24.64 -10.63 22.35
C ARG L 14 -23.64 -11.08 21.31
N LEU L 15 -23.25 -10.16 20.44
CA LEU L 15 -22.32 -10.43 19.37
C LEU L 15 -20.89 -10.59 19.82
N LYS L 16 -20.38 -9.64 20.59
CA LYS L 16 -19.01 -9.73 21.05
C LYS L 16 -18.53 -11.09 21.50
N PRO L 17 -19.32 -11.77 22.33
CA PRO L 17 -18.92 -13.11 22.79
C PRO L 17 -18.83 -14.12 21.66
N GLU L 18 -19.73 -14.00 20.70
CA GLU L 18 -19.75 -14.93 19.60
C GLU L 18 -18.52 -14.81 18.77
N ILE L 19 -18.04 -13.57 18.68
CA ILE L 19 -16.82 -13.25 17.94
C ILE L 19 -15.65 -13.84 18.66
N LYS L 20 -15.57 -13.60 19.95
CA LYS L 20 -14.49 -14.13 20.73
C LYS L 20 -14.45 -15.66 20.54
N ASP L 21 -15.61 -16.31 20.51
CA ASP L 21 -15.65 -17.75 20.37
C ASP L 21 -15.06 -18.27 19.05
N VAL L 22 -15.48 -17.72 17.91
CA VAL L 22 -14.94 -18.18 16.66
C VAL L 22 -13.47 -18.02 16.62
N ILE L 23 -12.95 -16.82 16.90
CA ILE L 23 -11.53 -16.58 16.83
C ILE L 23 -10.77 -17.57 17.68
N GLU L 24 -11.31 -17.99 18.82
CA GLU L 24 -10.56 -18.96 19.59
C GLU L 24 -10.64 -20.36 19.00
N GLN L 25 -11.81 -20.80 18.61
CA GLN L 25 -11.91 -22.14 18.02
C GLN L 25 -11.09 -22.20 16.76
N LEU L 26 -11.16 -21.15 15.98
CA LEU L 26 -10.44 -21.08 14.76
C LEU L 26 -8.99 -21.15 15.03
N ASN L 27 -8.57 -20.79 16.23
CA ASN L 27 -7.14 -20.85 16.52
C ASN L 27 -6.75 -22.22 16.95
N LEU L 28 -7.65 -22.89 17.66
CA LEU L 28 -7.33 -24.24 18.07
C LEU L 28 -7.17 -25.12 16.84
N VAL L 29 -8.23 -25.13 16.04
CA VAL L 29 -8.31 -25.93 14.83
C VAL L 29 -7.09 -25.68 13.99
N THR L 30 -6.69 -24.42 13.85
CA THR L 30 -5.51 -24.20 13.02
C THR L 30 -4.28 -24.85 13.61
N THR L 31 -4.09 -24.69 14.92
CA THR L 31 -2.94 -25.30 15.58
C THR L 31 -3.00 -26.79 15.39
N TRP L 32 -4.15 -27.39 15.73
CA TRP L 32 -4.29 -28.82 15.53
C TRP L 32 -3.81 -29.16 14.14
N LEU L 33 -4.32 -28.44 13.16
CA LEU L 33 -3.90 -28.75 11.81
C LEU L 33 -2.41 -28.62 11.61
N GLN L 34 -1.80 -27.53 12.05
CA GLN L 34 -0.38 -27.40 11.78
C GLN L 34 0.35 -28.54 12.40
N LEU L 35 -0.02 -28.89 13.62
CA LEU L 35 0.65 -30.00 14.31
C LEU L 35 0.53 -31.34 13.56
N GLN L 36 -0.37 -31.38 12.58
CA GLN L 36 -0.65 -32.56 11.75
C GLN L 36 0.28 -32.67 10.57
N ILE L 37 0.97 -31.58 10.29
CA ILE L 37 1.86 -31.56 9.16
C ILE L 37 3.05 -32.48 9.36
N PRO L 38 3.23 -33.44 8.44
CA PRO L 38 4.33 -34.41 8.50
C PRO L 38 5.70 -33.92 8.09
N ARG L 39 6.72 -34.69 8.45
CA ARG L 39 8.09 -34.41 8.11
C ARG L 39 8.18 -34.15 6.63
N ILE L 40 8.94 -33.14 6.26
CA ILE L 40 9.05 -32.79 4.85
C ILE L 40 9.78 -33.87 4.18
N GLU L 41 9.13 -34.55 3.27
CA GLU L 41 9.76 -35.67 2.57
C GLU L 41 9.66 -35.46 1.11
N ASP L 42 10.48 -36.20 0.36
CA ASP L 42 10.53 -36.08 -1.11
C ASP L 42 9.29 -36.49 -1.95
N GLY L 43 8.66 -37.61 -1.59
CA GLY L 43 7.49 -38.03 -2.34
C GLY L 43 6.32 -38.28 -1.42
N ASN L 44 5.15 -38.42 -2.02
CA ASN L 44 3.92 -38.68 -1.29
C ASN L 44 3.46 -37.42 -0.55
N ASN L 45 3.08 -36.39 -1.30
CA ASN L 45 2.66 -35.17 -0.65
C ASN L 45 1.27 -34.68 -0.97
N PHE L 46 0.44 -35.61 -1.40
CA PHE L 46 -0.91 -35.24 -1.76
C PHE L 46 -1.61 -34.82 -0.53
N GLY L 47 -1.52 -35.67 0.48
CA GLY L 47 -2.14 -35.36 1.75
C GLY L 47 -1.62 -34.03 2.26
N VAL L 48 -0.34 -33.80 2.04
CA VAL L 48 0.25 -32.56 2.48
C VAL L 48 -0.40 -31.42 1.70
N ALA L 49 -0.59 -31.64 0.41
CA ALA L 49 -1.26 -30.67 -0.44
C ALA L 49 -2.68 -30.37 0.10
N VAL L 50 -3.37 -31.40 0.58
CA VAL L 50 -4.72 -31.27 1.13
C VAL L 50 -4.70 -30.44 2.41
N GLN L 51 -3.72 -30.65 3.26
CA GLN L 51 -3.69 -29.88 4.48
C GLN L 51 -3.43 -28.45 4.16
N GLU L 52 -2.62 -28.20 3.13
CA GLU L 52 -2.31 -26.82 2.74
C GLU L 52 -3.51 -26.06 2.20
N LYS L 53 -4.43 -26.75 1.54
CA LYS L 53 -5.62 -26.11 0.99
C LYS L 53 -6.65 -25.78 2.05
N VAL L 54 -6.79 -26.66 3.04
CA VAL L 54 -7.73 -26.42 4.13
C VAL L 54 -7.16 -25.27 4.93
N PHE L 55 -5.86 -25.32 5.11
CA PHE L 55 -5.18 -24.26 5.81
C PHE L 55 -5.45 -22.90 5.18
N GLU L 56 -5.37 -22.82 3.88
CA GLU L 56 -5.67 -21.56 3.24
C GLU L 56 -7.01 -21.05 3.68
N LEU L 57 -7.98 -21.94 3.75
CA LEU L 57 -9.29 -21.50 4.16
C LEU L 57 -9.30 -20.94 5.59
N MET L 58 -8.74 -21.70 6.52
CA MET L 58 -8.72 -21.28 7.92
C MET L 58 -8.14 -19.91 8.02
N THR L 59 -7.10 -19.70 7.25
CA THR L 59 -6.43 -18.43 7.24
C THR L 59 -7.27 -17.26 6.73
N SER L 60 -8.18 -17.49 5.81
CA SER L 60 -9.00 -16.40 5.33
C SER L 60 -10.05 -16.14 6.36
N LEU L 61 -10.64 -17.21 6.87
CA LEU L 61 -11.64 -17.03 7.87
C LEU L 61 -11.03 -16.22 8.96
N HIS L 62 -9.80 -16.50 9.34
CA HIS L 62 -9.26 -15.72 10.43
C HIS L 62 -9.18 -14.26 10.08
N THR L 63 -8.50 -13.99 8.98
CA THR L 63 -8.35 -12.63 8.47
C THR L 63 -9.70 -11.86 8.51
N LYS L 64 -10.74 -12.48 7.96
CA LYS L 64 -12.09 -11.92 7.92
C LYS L 64 -12.64 -11.61 9.31
N LEU L 65 -12.60 -12.61 10.17
CA LEU L 65 -13.11 -12.48 11.51
C LEU L 65 -12.31 -11.62 12.47
N GLU L 66 -11.02 -11.45 12.22
CA GLU L 66 -10.23 -10.64 13.13
C GLU L 66 -10.68 -9.17 13.12
N GLY L 67 -11.14 -8.74 11.95
CA GLY L 67 -11.61 -7.37 11.78
C GLY L 67 -12.82 -7.02 12.65
N PHE L 68 -13.80 -7.91 12.67
CA PHE L 68 -15.02 -7.75 13.43
C PHE L 68 -14.74 -7.24 14.79
N HIS L 69 -13.78 -7.84 15.46
CA HIS L 69 -13.47 -7.43 16.81
C HIS L 69 -13.37 -5.90 17.07
N THR L 70 -12.61 -5.23 16.22
CA THR L 70 -12.32 -3.80 16.29
C THR L 70 -13.36 -2.88 15.69
N GLN L 71 -14.18 -3.39 14.76
CA GLN L 71 -15.23 -2.57 14.13
C GLN L 71 -16.26 -2.04 15.16
N ILE L 72 -16.26 -2.68 16.31
CA ILE L 72 -17.17 -2.32 17.37
C ILE L 72 -16.76 -1.08 18.13
N SER L 73 -15.48 -0.95 18.44
CA SER L 73 -14.99 0.24 19.13
C SER L 73 -15.09 1.43 18.21
N LYS L 74 -14.83 1.21 16.93
CA LYS L 74 -14.90 2.25 15.93
C LYS L 74 -16.31 2.84 15.89
N TYR L 75 -17.32 2.01 16.06
CA TYR L 75 -18.66 2.53 16.07
C TYR L 75 -18.81 3.62 17.12
N PHE L 76 -18.47 3.32 18.36
CA PHE L 76 -18.63 4.28 19.45
C PHE L 76 -17.78 5.49 19.24
N SER L 77 -16.64 5.28 18.60
CA SER L 77 -15.76 6.40 18.39
C SER L 77 -16.29 7.27 17.31
N GLU L 78 -16.71 6.68 16.21
CA GLU L 78 -17.22 7.43 15.09
C GLU L 78 -18.48 8.13 15.51
N ARG L 79 -19.31 7.43 16.26
CA ARG L 79 -20.57 8.00 16.72
C ARG L 79 -20.30 9.13 17.72
N GLY L 80 -19.47 8.85 18.72
CA GLY L 80 -19.16 9.85 19.70
C GLY L 80 -18.76 11.13 19.00
N ASP L 81 -17.97 11.00 17.97
CA ASP L 81 -17.52 12.16 17.24
C ASP L 81 -18.64 12.83 16.46
N ALA L 82 -19.52 12.05 15.87
CA ALA L 82 -20.59 12.69 15.12
C ALA L 82 -21.49 13.52 16.03
N VAL L 83 -21.86 12.95 17.18
CA VAL L 83 -22.71 13.58 18.16
C VAL L 83 -22.05 14.86 18.61
N THR L 84 -20.75 14.82 18.81
CA THR L 84 -20.03 16.02 19.22
C THR L 84 -20.12 17.15 18.19
N LYS L 85 -19.82 16.88 16.93
CA LYS L 85 -19.92 17.89 15.91
C LYS L 85 -21.34 18.32 15.75
N ALA L 86 -22.28 17.38 15.78
CA ALA L 86 -23.71 17.72 15.65
C ALA L 86 -24.02 18.75 16.67
N ALA L 87 -23.57 18.49 17.90
CA ALA L 87 -23.76 19.39 19.03
C ALA L 87 -23.08 20.74 18.84
N LYS L 88 -21.79 20.75 18.44
CA LYS L 88 -21.06 22.00 18.23
C LYS L 88 -21.55 22.77 17.04
N GLN L 89 -22.22 22.14 16.10
CA GLN L 89 -22.71 22.80 14.90
C GLN L 89 -24.16 22.41 14.74
N PRO L 90 -25.00 22.84 15.68
CA PRO L 90 -26.42 22.53 15.66
C PRO L 90 -27.16 23.05 14.42
N HIS L 91 -26.54 23.93 13.68
CA HIS L 91 -27.17 24.43 12.47
C HIS L 91 -26.92 23.46 11.29
N VAL L 92 -25.92 22.59 11.42
CA VAL L 92 -25.60 21.65 10.37
C VAL L 92 -26.37 20.39 10.63
N GLY L 93 -27.40 20.16 9.80
CA GLY L 93 -28.27 19.01 9.96
C GLY L 93 -27.69 17.69 9.52
N ASP L 94 -26.66 17.74 8.70
CA ASP L 94 -26.06 16.54 8.17
C ASP L 94 -25.42 15.75 9.28
N TYR L 95 -25.00 16.45 10.33
CA TYR L 95 -24.38 15.76 11.43
C TYR L 95 -25.43 15.02 12.18
N ARG L 96 -26.66 15.54 12.16
CA ARG L 96 -27.71 14.85 12.87
C ARG L 96 -28.01 13.59 12.13
N GLN L 97 -28.00 13.69 10.80
CA GLN L 97 -28.29 12.54 9.98
C GLN L 97 -27.20 11.53 10.03
N LEU L 98 -25.98 12.01 10.17
CA LEU L 98 -24.85 11.12 10.20
C LEU L 98 -25.00 10.20 11.37
N VAL L 99 -25.35 10.75 12.51
CA VAL L 99 -25.51 9.85 13.68
C VAL L 99 -26.48 8.72 13.41
N HIS L 100 -27.57 9.02 12.76
CA HIS L 100 -28.56 8.01 12.50
C HIS L 100 -28.12 7.07 11.43
N GLU L 101 -27.29 7.55 10.52
CA GLU L 101 -26.83 6.70 9.47
C GLU L 101 -25.85 5.70 10.06
N LEU L 102 -25.14 6.13 11.11
CA LEU L 102 -24.18 5.27 11.77
C LEU L 102 -24.90 4.11 12.45
N ASP L 103 -25.97 4.44 13.16
CA ASP L 103 -26.73 3.42 13.84
C ASP L 103 -27.27 2.41 12.86
N GLU L 104 -27.88 2.88 11.78
CA GLU L 104 -28.44 1.97 10.80
C GLU L 104 -27.36 1.10 10.27
N ALA L 105 -26.21 1.70 10.01
CA ALA L 105 -25.16 0.90 9.46
C ALA L 105 -24.64 -0.08 10.48
N GLU L 106 -24.53 0.33 11.74
CA GLU L 106 -23.99 -0.62 12.69
C GLU L 106 -24.97 -1.75 12.80
N TYR L 107 -26.24 -1.43 12.61
CA TYR L 107 -27.23 -2.48 12.71
C TYR L 107 -27.09 -3.44 11.57
N ARG L 108 -26.93 -2.91 10.35
CA ARG L 108 -26.81 -3.79 9.21
C ARG L 108 -25.52 -4.60 9.26
N ASP L 109 -24.54 -4.15 10.04
CA ASP L 109 -23.26 -4.88 10.16
C ASP L 109 -23.37 -6.02 11.12
N ILE L 110 -23.96 -5.76 12.28
CA ILE L 110 -24.13 -6.80 13.27
C ILE L 110 -24.79 -8.02 12.64
N ARG L 111 -25.85 -7.80 11.86
CA ARG L 111 -26.55 -8.88 11.18
C ARG L 111 -25.56 -9.59 10.27
N LEU L 112 -24.81 -8.83 9.49
CA LEU L 112 -23.79 -9.42 8.60
C LEU L 112 -22.67 -10.11 9.35
N MET L 113 -22.26 -9.60 10.51
CA MET L 113 -21.21 -10.26 11.25
C MET L 113 -21.74 -11.56 11.82
N VAL L 114 -23.00 -11.60 12.24
CA VAL L 114 -23.55 -12.84 12.81
C VAL L 114 -23.67 -13.83 11.66
N MET L 115 -24.07 -13.31 10.52
CA MET L 115 -24.21 -14.13 9.32
C MET L 115 -22.87 -14.71 8.91
N GLU L 116 -21.83 -13.88 8.85
CA GLU L 116 -20.50 -14.37 8.47
C GLU L 116 -19.79 -15.26 9.52
N ILE L 117 -20.29 -15.28 10.74
CA ILE L 117 -19.70 -16.12 11.75
C ILE L 117 -20.33 -17.49 11.64
N ARG L 118 -21.66 -17.54 11.48
CA ARG L 118 -22.37 -18.81 11.32
C ARG L 118 -21.74 -19.56 10.16
N ASN L 119 -21.61 -18.82 9.05
CA ASN L 119 -21.02 -19.34 7.81
C ASN L 119 -19.59 -19.89 8.03
N ALA L 120 -18.82 -19.33 8.98
CA ALA L 120 -17.47 -19.83 9.20
C ALA L 120 -17.54 -21.19 9.86
N TYR L 121 -18.39 -21.32 10.85
CA TYR L 121 -18.51 -22.59 11.52
C TYR L 121 -18.93 -23.61 10.49
N ALA L 122 -19.95 -23.28 9.70
CA ALA L 122 -20.46 -24.18 8.66
C ALA L 122 -19.43 -24.63 7.68
N VAL L 123 -18.80 -23.68 7.01
CA VAL L 123 -17.78 -23.98 6.03
C VAL L 123 -16.58 -24.77 6.60
N LEU L 124 -16.18 -24.45 7.82
CA LEU L 124 -15.07 -25.12 8.48
C LEU L 124 -15.39 -26.56 8.80
N TYR L 125 -16.55 -26.75 9.40
CA TYR L 125 -16.96 -28.06 9.78
C TYR L 125 -16.97 -28.85 8.51
N ASP L 126 -17.69 -28.36 7.53
CA ASP L 126 -17.78 -29.04 6.26
C ASP L 126 -16.44 -29.47 5.66
N ILE L 127 -15.51 -28.56 5.53
CA ILE L 127 -14.22 -28.91 4.94
C ILE L 127 -13.34 -29.84 5.75
N ILE L 128 -13.30 -29.67 7.06
CA ILE L 128 -12.51 -30.54 7.89
C ILE L 128 -13.13 -31.93 7.75
N LEU L 129 -14.46 -32.01 7.76
CA LEU L 129 -15.10 -33.32 7.65
C LEU L 129 -14.76 -34.04 6.37
N LYS L 130 -15.03 -33.42 5.25
CA LYS L 130 -14.75 -34.06 3.95
C LYS L 130 -13.35 -34.60 3.77
N ASN L 131 -12.36 -33.90 4.30
CA ASN L 131 -10.97 -34.28 4.12
C ASN L 131 -10.29 -34.73 5.39
N PHE L 132 -11.05 -35.26 6.34
CA PHE L 132 -10.43 -35.65 7.59
C PHE L 132 -9.33 -36.70 7.41
N GLU L 133 -9.60 -37.72 6.61
CA GLU L 133 -8.63 -38.78 6.38
C GLU L 133 -7.22 -38.21 6.15
N LYS L 134 -7.07 -37.39 5.11
CA LYS L 134 -5.77 -36.79 4.82
C LYS L 134 -5.34 -35.71 5.78
N LEU L 135 -6.27 -34.99 6.41
CA LEU L 135 -5.81 -33.96 7.32
C LEU L 135 -5.20 -34.69 8.51
N LYS L 136 -5.77 -35.81 8.91
CA LYS L 136 -5.24 -36.51 10.05
C LYS L 136 -4.10 -37.46 9.71
N LYS L 137 -4.22 -38.14 8.57
CA LYS L 137 -3.19 -39.09 8.13
C LYS L 137 -2.80 -38.79 6.70
N PRO L 138 -2.02 -37.73 6.49
CA PRO L 138 -1.61 -37.35 5.15
C PRO L 138 -0.88 -38.35 4.35
N ARG L 139 -0.36 -39.36 5.00
CA ARG L 139 0.40 -40.36 4.29
C ARG L 139 -0.13 -41.77 4.37
N GLY L 140 -0.99 -42.06 5.35
CA GLY L 140 -1.56 -43.39 5.51
C GLY L 140 -1.41 -43.95 6.91
N LEU M 1 -13.69 -39.77 12.88
CA LEU M 1 -14.32 -38.71 13.74
C LEU M 1 -15.75 -39.06 14.11
N ARG M 2 -16.09 -38.80 15.37
CA ARG M 2 -17.44 -39.09 15.88
C ARG M 2 -18.36 -37.88 15.94
N VAL M 3 -19.29 -37.79 14.98
CA VAL M 3 -20.25 -36.69 15.03
C VAL M 3 -21.57 -37.30 15.46
N GLN M 4 -21.96 -36.87 16.65
CA GLN M 4 -23.19 -37.27 17.28
C GLN M 4 -24.38 -37.08 16.35
N PRO M 5 -25.35 -38.03 16.35
CA PRO M 5 -26.56 -37.96 15.50
C PRO M 5 -27.39 -36.66 15.60
N GLU M 6 -27.57 -36.12 16.80
CA GLU M 6 -28.32 -34.87 16.95
C GLU M 6 -27.48 -33.69 16.42
N ALA M 7 -26.15 -33.85 16.43
CA ALA M 7 -25.26 -32.80 15.99
C ALA M 7 -25.23 -32.80 14.50
N GLN M 8 -25.13 -33.97 13.89
CA GLN M 8 -25.11 -34.04 12.45
C GLN M 8 -26.42 -33.52 11.96
N ALA M 9 -27.48 -33.80 12.70
CA ALA M 9 -28.81 -33.35 12.33
C ALA M 9 -28.92 -31.84 12.28
N LYS M 10 -28.34 -31.15 13.25
CA LYS M 10 -28.34 -29.66 13.27
C LYS M 10 -27.79 -29.12 11.94
N VAL M 11 -26.69 -29.73 11.49
CA VAL M 11 -26.01 -29.38 10.26
C VAL M 11 -26.84 -29.69 9.04
N ASP M 12 -27.37 -30.92 8.99
CA ASP M 12 -28.19 -31.32 7.86
C ASP M 12 -29.32 -30.34 7.60
N VAL M 13 -29.91 -29.85 8.69
CA VAL M 13 -31.01 -28.90 8.64
C VAL M 13 -30.53 -27.60 8.07
N PHE M 14 -29.41 -27.09 8.53
CA PHE M 14 -28.88 -25.85 7.98
C PHE M 14 -28.64 -26.02 6.49
N ARG M 15 -27.99 -27.12 6.12
CA ARG M 15 -27.63 -27.37 4.75
C ARG M 15 -28.78 -27.49 3.85
N GLU M 16 -29.92 -27.83 4.39
CA GLU M 16 -31.11 -27.99 3.58
C GLU M 16 -31.73 -26.64 3.34
N ASP M 17 -31.86 -25.89 4.43
CA ASP M 17 -32.44 -24.53 4.40
C ASP M 17 -31.68 -23.71 3.39
N LEU M 18 -30.37 -23.81 3.42
CA LEU M 18 -29.55 -23.08 2.50
C LEU M 18 -29.81 -23.49 1.05
N CYS M 19 -29.97 -24.78 0.78
CA CYS M 19 -30.22 -25.21 -0.58
C CYS M 19 -31.54 -24.67 -1.07
N THR M 20 -32.53 -24.76 -0.22
CA THR M 20 -33.84 -24.23 -0.50
C THR M 20 -33.75 -22.74 -0.79
N LYS M 21 -33.19 -21.94 0.13
CA LYS M 21 -33.12 -20.48 -0.10
C LYS M 21 -32.46 -20.22 -1.42
N THR M 22 -31.47 -21.05 -1.74
CA THR M 22 -30.75 -20.86 -3.00
C THR M 22 -31.47 -21.25 -4.25
N GLU M 23 -32.30 -22.27 -4.21
CA GLU M 23 -33.00 -22.62 -5.41
C GLU M 23 -33.95 -21.47 -5.70
N ASN M 24 -34.47 -20.87 -4.61
CA ASN M 24 -35.42 -19.75 -4.67
C ASN M 24 -34.78 -18.46 -5.13
N LEU M 25 -33.58 -18.19 -4.66
CA LEU M 25 -32.87 -17.04 -5.09
C LEU M 25 -32.73 -17.12 -6.60
N LEU M 26 -32.14 -18.18 -7.12
CA LEU M 26 -31.94 -18.29 -8.57
C LEU M 26 -33.19 -18.34 -9.39
N GLY M 27 -34.09 -19.24 -9.08
CA GLY M 27 -35.32 -19.32 -9.83
C GLY M 27 -36.34 -18.18 -9.74
N SER M 28 -36.19 -17.27 -8.77
CA SER M 28 -37.17 -16.18 -8.59
C SER M 28 -36.78 -14.76 -8.10
N TYR M 29 -36.09 -14.70 -6.98
CA TYR M 29 -35.66 -13.45 -6.35
C TYR M 29 -34.76 -12.62 -7.22
N PHE M 30 -33.77 -13.28 -7.83
CA PHE M 30 -32.84 -12.63 -8.69
C PHE M 30 -33.52 -12.07 -9.91
N PRO M 31 -34.34 -12.85 -10.64
CA PRO M 31 -35.03 -12.30 -11.83
C PRO M 31 -35.96 -11.17 -11.41
N LYS M 32 -36.48 -11.25 -10.19
CA LYS M 32 -37.39 -10.24 -9.67
C LYS M 32 -36.63 -8.94 -9.43
N LYS M 33 -35.55 -9.01 -8.65
CA LYS M 33 -34.73 -7.84 -8.34
C LYS M 33 -34.17 -7.12 -9.57
N ILE M 34 -33.75 -7.89 -10.59
CA ILE M 34 -33.23 -7.38 -11.84
C ILE M 34 -34.31 -6.54 -12.48
N SER M 35 -35.55 -6.97 -12.38
CA SER M 35 -36.64 -6.22 -12.97
C SER M 35 -37.00 -5.00 -12.18
N GLU M 36 -37.03 -5.11 -10.86
CA GLU M 36 -37.37 -3.98 -9.97
C GLU M 36 -36.41 -2.82 -10.13
N LEU M 37 -35.12 -3.13 -10.01
CA LEU M 37 -34.05 -2.15 -10.12
C LEU M 37 -34.00 -1.52 -11.50
N ASP M 38 -34.18 -2.36 -12.51
CA ASP M 38 -34.19 -1.86 -13.86
C ASP M 38 -35.30 -0.82 -14.02
N ALA M 39 -36.40 -1.00 -13.31
CA ALA M 39 -37.51 -0.05 -13.37
C ALA M 39 -37.18 1.22 -12.62
N PHE M 40 -36.56 1.06 -11.46
CA PHE M 40 -36.18 2.18 -10.62
C PHE M 40 -35.35 3.15 -11.42
N LEU M 41 -34.47 2.59 -12.23
CA LEU M 41 -33.58 3.40 -13.01
C LEU M 41 -34.30 4.15 -14.04
N LYS M 42 -35.30 3.51 -14.62
CA LYS M 42 -36.05 4.14 -15.70
C LYS M 42 -37.05 5.18 -15.14
N GLU M 43 -37.08 5.29 -13.84
CA GLU M 43 -37.96 6.22 -13.15
C GLU M 43 -37.37 7.62 -13.14
N PRO M 44 -38.22 8.65 -13.09
CA PRO M 44 -37.92 10.09 -13.07
C PRO M 44 -37.00 10.59 -11.95
N ALA M 45 -37.17 10.02 -10.78
CA ALA M 45 -36.34 10.39 -9.65
C ALA M 45 -34.90 10.19 -10.01
N LEU M 46 -34.60 9.06 -10.64
CA LEU M 46 -33.25 8.71 -11.07
C LEU M 46 -32.98 9.17 -12.48
N ASN M 47 -33.74 10.13 -12.92
CA ASN M 47 -33.61 10.63 -14.27
C ASN M 47 -33.89 12.13 -14.31
N GLU M 48 -32.92 12.93 -13.89
CA GLU M 48 -33.07 14.39 -13.95
C GLU M 48 -31.98 14.99 -14.85
N ALA M 49 -32.45 15.69 -15.88
CA ALA M 49 -31.55 16.31 -16.85
C ALA M 49 -30.89 17.46 -16.19
N ASN M 50 -31.72 18.26 -15.52
CA ASN M 50 -31.18 19.40 -14.85
C ASN M 50 -30.93 19.07 -13.41
N LEU M 51 -29.64 18.98 -13.05
CA LEU M 51 -29.27 18.71 -11.69
C LEU M 51 -29.32 19.97 -10.84
N SER M 52 -29.52 21.10 -11.48
CA SER M 52 -29.61 22.35 -10.77
C SER M 52 -31.04 22.46 -10.21
N ASN M 53 -31.83 21.44 -10.52
CA ASN M 53 -33.21 21.34 -10.02
C ASN M 53 -33.06 20.61 -8.70
N LEU M 54 -31.96 19.89 -8.59
CA LEU M 54 -31.61 19.12 -7.43
C LEU M 54 -31.07 20.06 -6.36
N LYS M 55 -30.62 21.24 -6.80
CA LYS M 55 -30.04 22.27 -5.93
C LYS M 55 -30.84 22.63 -4.67
N ALA M 56 -30.18 22.46 -3.52
CA ALA M 56 -30.76 22.73 -2.23
C ALA M 56 -30.30 24.06 -1.64
N PRO M 57 -31.19 24.76 -0.93
CA PRO M 57 -30.88 26.05 -0.30
C PRO M 57 -29.80 25.92 0.78
N LEU M 58 -28.86 26.85 0.79
CA LEU M 58 -27.81 26.80 1.79
C LEU M 58 -27.76 28.21 2.36
N ASP M 59 -28.81 28.56 3.09
CA ASP M 59 -28.88 29.90 3.63
C ASP M 59 -27.80 30.22 4.64
N ILE M 60 -26.96 31.19 4.28
CA ILE M 60 -25.85 31.64 5.12
C ILE M 60 -25.63 33.17 5.04
N ALA N 1 -31.36 26.81 10.41
CA ALA N 1 -30.49 25.59 10.24
C ALA N 1 -30.33 25.18 8.76
N VAL N 2 -29.19 24.59 8.40
CA VAL N 2 -28.97 24.13 7.02
C VAL N 2 -29.29 22.64 6.95
N ASN N 3 -30.32 22.32 6.18
CA ASN N 3 -30.78 20.95 6.06
C ASN N 3 -30.13 20.15 4.93
N CYS N 4 -30.33 18.85 5.00
CA CYS N 4 -29.80 17.94 4.01
C CYS N 4 -30.55 18.15 2.76
N ASN N 5 -30.01 17.58 1.70
CA ASN N 5 -30.69 17.68 0.47
C ASN N 5 -31.72 16.57 0.54
N GLU N 6 -32.98 16.95 0.58
CA GLU N 6 -33.98 15.94 0.72
C GLU N 6 -34.04 15.00 -0.46
N LYS N 7 -34.07 15.55 -1.66
CA LYS N 7 -34.18 14.72 -2.85
C LYS N 7 -33.21 13.56 -2.83
N ILE N 8 -32.10 13.80 -2.17
CA ILE N 8 -31.06 12.80 -2.08
C ILE N 8 -31.38 11.92 -0.92
N VAL N 9 -31.72 12.51 0.22
CA VAL N 9 -32.03 11.69 1.38
C VAL N 9 -33.09 10.59 1.13
N VAL N 10 -34.10 10.92 0.34
CA VAL N 10 -35.11 9.93 0.05
C VAL N 10 -34.55 8.88 -0.84
N LEU N 11 -33.72 9.26 -1.82
CA LEU N 11 -33.15 8.25 -2.72
C LEU N 11 -32.29 7.31 -1.90
N LEU N 12 -31.57 7.86 -0.93
CA LEU N 12 -30.71 7.03 -0.10
C LEU N 12 -31.58 6.08 0.69
N GLN N 13 -32.77 6.56 1.02
CA GLN N 13 -33.68 5.77 1.80
C GLN N 13 -34.16 4.55 1.08
N ARG N 14 -34.18 4.61 -0.25
CA ARG N 14 -34.63 3.49 -1.08
C ARG N 14 -33.47 2.62 -1.44
N LEU N 15 -32.28 3.21 -1.49
CA LEU N 15 -31.10 2.50 -1.86
C LEU N 15 -30.57 1.63 -0.77
N LYS N 16 -30.41 2.19 0.41
CA LYS N 16 -29.87 1.42 1.51
C LYS N 16 -30.38 0.01 1.67
N PRO N 17 -31.67 -0.18 1.57
CA PRO N 17 -32.22 -1.54 1.72
C PRO N 17 -31.82 -2.46 0.58
N GLU N 18 -31.66 -1.89 -0.62
CA GLU N 18 -31.29 -2.69 -1.78
C GLU N 18 -29.88 -3.17 -1.63
N ILE N 19 -29.06 -2.35 -0.97
CA ILE N 19 -27.68 -2.72 -0.75
C ILE N 19 -27.64 -3.84 0.20
N LYS N 20 -28.35 -3.69 1.32
CA LYS N 20 -28.39 -4.72 2.35
C LYS N 20 -28.85 -6.04 1.73
N ASP N 21 -29.79 -5.99 0.79
CA ASP N 21 -30.27 -7.19 0.14
C ASP N 21 -29.22 -7.92 -0.68
N VAL N 22 -28.49 -7.21 -1.53
CA VAL N 22 -27.49 -7.91 -2.32
C VAL N 22 -26.45 -8.52 -1.46
N ILE N 23 -25.91 -7.76 -0.52
CA ILE N 23 -24.85 -8.28 0.31
C ILE N 23 -25.26 -9.55 1.01
N GLU N 24 -26.53 -9.65 1.42
CA GLU N 24 -26.96 -10.88 2.09
C GLU N 24 -27.16 -12.06 1.15
N GLN N 25 -27.76 -11.82 -0.01
CA GLN N 25 -27.96 -12.89 -0.95
C GLN N 25 -26.65 -13.36 -1.44
N LEU N 26 -25.81 -12.42 -1.77
CA LEU N 26 -24.49 -12.74 -2.22
C LEU N 26 -23.76 -13.51 -1.16
N ASN N 27 -24.17 -13.43 0.10
CA ASN N 27 -23.46 -14.22 1.12
C ASN N 27 -24.01 -15.59 1.20
N LEU N 28 -25.32 -15.74 1.02
CA LEU N 28 -25.92 -17.06 0.99
C LEU N 28 -25.34 -17.88 -0.17
N VAL N 29 -25.52 -17.37 -1.40
CA VAL N 29 -25.04 -18.01 -2.60
C VAL N 29 -23.60 -18.44 -2.42
N THR N 30 -22.75 -17.56 -1.91
CA THR N 30 -21.34 -17.95 -1.71
C THR N 30 -21.19 -19.15 -0.78
N THR N 31 -21.84 -19.12 0.37
CA THR N 31 -21.79 -20.21 1.31
C THR N 31 -22.30 -21.43 0.62
N TRP N 32 -23.46 -21.34 -0.05
CA TRP N 32 -23.98 -22.51 -0.75
C TRP N 32 -22.86 -23.04 -1.60
N LEU N 33 -22.31 -22.18 -2.43
CA LEU N 33 -21.24 -22.65 -3.30
C LEU N 33 -20.11 -23.31 -2.53
N GLN N 34 -19.58 -22.70 -1.50
CA GLN N 34 -18.46 -23.34 -0.83
C GLN N 34 -18.88 -24.70 -0.33
N LEU N 35 -20.05 -24.80 0.24
CA LEU N 35 -20.47 -26.08 0.76
C LEU N 35 -20.57 -27.15 -0.31
N GLN N 36 -20.51 -26.73 -1.56
CA GLN N 36 -20.60 -27.62 -2.73
C GLN N 36 -19.23 -28.17 -3.12
N ILE N 37 -18.17 -27.58 -2.56
CA ILE N 37 -16.83 -28.00 -2.90
C ILE N 37 -16.58 -29.38 -2.38
N PRO N 38 -16.20 -30.31 -3.28
CA PRO N 38 -15.94 -31.70 -2.93
C PRO N 38 -14.59 -31.99 -2.30
N ARG N 39 -14.50 -33.20 -1.70
CA ARG N 39 -13.29 -33.71 -1.09
C ARG N 39 -12.13 -33.54 -2.04
N ILE N 40 -11.00 -33.03 -1.53
CA ILE N 40 -9.87 -32.78 -2.40
C ILE N 40 -9.38 -34.10 -2.85
N GLU N 41 -9.41 -34.31 -4.15
CA GLU N 41 -8.97 -35.58 -4.67
C GLU N 41 -7.97 -35.36 -5.73
N ASP N 42 -7.22 -36.41 -6.07
CA ASP N 42 -6.15 -36.33 -7.07
C ASP N 42 -6.55 -36.03 -8.53
N GLY N 43 -7.61 -36.66 -9.02
CA GLY N 43 -8.02 -36.38 -10.39
C GLY N 43 -9.48 -36.02 -10.49
N ASN N 44 -9.88 -35.53 -11.68
CA ASN N 44 -11.25 -35.15 -11.95
C ASN N 44 -11.57 -33.85 -11.23
N ASN N 45 -10.91 -32.77 -11.65
CA ASN N 45 -11.13 -31.49 -10.98
C ASN N 45 -11.62 -30.34 -11.85
N PHE N 46 -12.16 -30.70 -13.00
CA PHE N 46 -12.65 -29.68 -13.89
C PHE N 46 -13.77 -28.96 -13.20
N GLY N 47 -14.76 -29.72 -12.72
CA GLY N 47 -15.90 -29.14 -12.02
C GLY N 47 -15.39 -28.31 -10.87
N VAL N 48 -14.36 -28.82 -10.20
CA VAL N 48 -13.82 -28.04 -9.11
C VAL N 48 -13.27 -26.72 -9.66
N ALA N 49 -12.66 -26.80 -10.83
CA ALA N 49 -12.13 -25.63 -11.49
C ALA N 49 -13.25 -24.65 -11.81
N VAL N 50 -14.40 -25.19 -12.20
CA VAL N 50 -15.54 -24.37 -12.55
C VAL N 50 -16.06 -23.67 -11.31
N GLN N 51 -16.10 -24.34 -10.18
CA GLN N 51 -16.61 -23.70 -8.99
C GLN N 51 -15.67 -22.59 -8.63
N GLU N 52 -14.38 -22.82 -8.81
CA GLU N 52 -13.40 -21.80 -8.44
C GLU N 52 -13.52 -20.54 -9.26
N LYS N 53 -13.91 -20.65 -10.52
CA LYS N 53 -14.06 -19.49 -11.39
C LYS N 53 -15.30 -18.65 -11.07
N VAL N 54 -16.39 -19.32 -10.72
CA VAL N 54 -17.64 -18.65 -10.35
C VAL N 54 -17.39 -17.93 -9.02
N PHE N 55 -16.70 -18.64 -8.15
CA PHE N 55 -16.36 -18.11 -6.87
C PHE N 55 -15.60 -16.84 -7.00
N GLU N 56 -14.65 -16.80 -7.91
CA GLU N 56 -13.90 -15.57 -8.13
C GLU N 56 -14.86 -14.46 -8.41
N LEU N 57 -15.90 -14.72 -9.18
CA LEU N 57 -16.81 -13.65 -9.48
C LEU N 57 -17.56 -13.17 -8.27
N MET N 58 -18.11 -14.10 -7.53
CA MET N 58 -18.88 -13.76 -6.35
C MET N 58 -18.07 -12.89 -5.48
N THR N 59 -16.81 -13.23 -5.37
CA THR N 59 -15.89 -12.48 -4.55
C THR N 59 -15.64 -11.04 -4.96
N SER N 60 -15.66 -10.75 -6.26
CA SER N 60 -15.43 -9.38 -6.71
C SER N 60 -16.68 -8.65 -6.45
N LEU N 61 -17.80 -9.26 -6.81
CA LEU N 61 -19.07 -8.63 -6.58
C LEU N 61 -19.06 -8.24 -5.11
N HIS N 62 -18.64 -9.14 -4.23
CA HIS N 62 -18.71 -8.76 -2.84
C HIS N 62 -17.87 -7.55 -2.54
N THR N 63 -16.63 -7.61 -2.93
CA THR N 63 -15.70 -6.53 -2.71
C THR N 63 -16.29 -5.20 -3.17
N LYS N 64 -16.82 -5.20 -4.38
CA LYS N 64 -17.44 -4.02 -4.99
C LYS N 64 -18.60 -3.47 -4.17
N LEU N 65 -19.53 -4.35 -3.82
CA LEU N 65 -20.70 -3.95 -3.10
C LEU N 65 -20.53 -3.61 -1.65
N GLU N 66 -19.52 -4.17 -1.02
CA GLU N 66 -19.30 -3.88 0.38
C GLU N 66 -19.01 -2.39 0.60
N GLY N 67 -18.31 -1.78 -0.36
CA GLY N 67 -17.96 -0.36 -0.28
C GLY N 67 -19.17 0.56 -0.23
N PHE N 68 -20.18 0.27 -1.07
CA PHE N 68 -21.42 1.03 -1.15
C PHE N 68 -21.96 1.32 0.21
N HIS N 69 -21.96 0.31 1.07
CA HIS N 69 -22.49 0.52 2.41
C HIS N 69 -22.01 1.80 3.10
N THR N 70 -20.70 1.94 3.11
CA THR N 70 -20.01 3.03 3.76
C THR N 70 -19.98 4.37 3.04
N GLN N 71 -20.04 4.37 1.72
CA GLN N 71 -20.03 5.61 0.92
C GLN N 71 -21.20 6.57 1.27
N ILE N 72 -22.21 6.01 1.94
CA ILE N 72 -23.38 6.77 2.31
C ILE N 72 -23.17 7.64 3.51
N SER N 73 -22.46 7.11 4.52
CA SER N 73 -22.17 7.86 5.73
C SER N 73 -21.20 8.95 5.38
N LYS N 74 -20.24 8.62 4.53
CA LYS N 74 -19.23 9.57 4.09
C LYS N 74 -19.89 10.79 3.47
N TYR N 75 -20.97 10.60 2.72
CA TYR N 75 -21.64 11.73 2.12
C TYR N 75 -22.05 12.72 3.20
N PHE N 76 -22.82 12.26 4.19
CA PHE N 76 -23.25 13.15 5.25
C PHE N 76 -22.09 13.71 5.99
N SER N 77 -21.01 12.96 6.11
CA SER N 77 -19.90 13.53 6.83
C SER N 77 -19.18 14.57 6.02
N GLU N 78 -18.91 14.30 4.76
CA GLU N 78 -18.24 15.25 3.92
C GLU N 78 -19.08 16.46 3.75
N ARG N 79 -20.37 16.25 3.58
CA ARG N 79 -21.27 17.38 3.41
C ARG N 79 -21.36 18.21 4.69
N GLY N 80 -21.60 17.57 5.81
CA GLY N 80 -21.72 18.27 7.08
C GLY N 80 -20.55 19.19 7.22
N ASP N 81 -19.38 18.67 6.89
CA ASP N 81 -18.15 19.44 6.98
C ASP N 81 -18.12 20.61 5.98
N ALA N 82 -18.57 20.40 4.76
CA ALA N 82 -18.55 21.46 3.79
C ALA N 82 -19.41 22.60 4.24
N VAL N 83 -20.63 22.31 4.68
CA VAL N 83 -21.53 23.34 5.19
C VAL N 83 -20.90 24.08 6.37
N THR N 84 -20.28 23.37 7.29
CA THR N 84 -19.65 24.02 8.40
C THR N 84 -18.59 25.03 7.94
N LYS N 85 -17.65 24.64 7.07
CA LYS N 85 -16.62 25.56 6.60
C LYS N 85 -17.28 26.66 5.82
N ALA N 86 -18.25 26.32 5.00
CA ALA N 86 -18.94 27.34 4.19
C ALA N 86 -19.43 28.41 5.13
N ALA N 87 -20.06 27.98 6.22
CA ALA N 87 -20.60 28.85 7.26
C ALA N 87 -19.53 29.63 7.96
N LYS N 88 -18.46 28.97 8.41
CA LYS N 88 -17.38 29.67 9.09
C LYS N 88 -16.59 30.61 8.19
N GLN N 89 -16.63 30.38 6.88
CA GLN N 89 -15.89 31.18 5.92
C GLN N 89 -16.87 31.58 4.83
N PRO N 90 -17.84 32.41 5.18
CA PRO N 90 -18.85 32.85 4.23
C PRO N 90 -18.28 33.64 3.06
N HIS N 91 -17.05 34.13 3.20
CA HIS N 91 -16.44 34.87 2.12
C HIS N 91 -15.89 33.93 1.05
N VAL N 92 -15.64 32.68 1.42
CA VAL N 92 -15.11 31.68 0.50
C VAL N 92 -16.25 30.99 -0.22
N GLY N 93 -16.40 31.30 -1.50
CA GLY N 93 -17.50 30.77 -2.27
C GLY N 93 -17.34 29.36 -2.76
N ASP N 94 -16.12 28.88 -2.71
CA ASP N 94 -15.86 27.52 -3.14
C ASP N 94 -16.50 26.50 -2.20
N TYR N 95 -16.69 26.89 -0.93
CA TYR N 95 -17.30 25.99 0.04
C TYR N 95 -18.79 25.89 -0.24
N ARG N 96 -19.37 26.96 -0.75
CA ARG N 96 -20.78 26.94 -1.08
C ARG N 96 -20.99 26.06 -2.30
N GLN N 97 -20.03 26.08 -3.21
CA GLN N 97 -20.12 25.25 -4.42
C GLN N 97 -19.81 23.81 -4.08
N LEU N 98 -18.89 23.59 -3.15
CA LEU N 98 -18.51 22.25 -2.77
C LEU N 98 -19.76 21.54 -2.29
N VAL N 99 -20.51 22.13 -1.37
CA VAL N 99 -21.72 21.46 -0.91
C VAL N 99 -22.59 21.01 -2.08
N HIS N 100 -22.77 21.85 -3.10
CA HIS N 100 -23.64 21.52 -4.22
C HIS N 100 -22.99 20.48 -5.12
N GLU N 101 -21.68 20.45 -5.13
CA GLU N 101 -21.01 19.46 -5.93
C GLU N 101 -21.16 18.09 -5.28
N LEU N 102 -21.19 18.06 -3.94
CA LEU N 102 -21.37 16.83 -3.19
C LEU N 102 -22.72 16.21 -3.46
N ASP N 103 -23.75 17.06 -3.47
CA ASP N 103 -25.10 16.60 -3.72
C ASP N 103 -25.20 16.05 -5.12
N GLU N 104 -24.67 16.78 -6.10
CA GLU N 104 -24.76 16.32 -7.45
C GLU N 104 -24.03 15.03 -7.56
N ALA N 105 -22.90 14.89 -6.88
CA ALA N 105 -22.15 13.63 -7.00
C ALA N 105 -22.87 12.51 -6.30
N GLU N 106 -23.46 12.79 -5.15
CA GLU N 106 -24.16 11.72 -4.46
C GLU N 106 -25.31 11.25 -5.34
N TYR N 107 -25.91 12.19 -6.04
CA TYR N 107 -27.01 11.80 -6.91
C TYR N 107 -26.53 10.90 -8.05
N ARG N 108 -25.41 11.24 -8.68
CA ARG N 108 -24.87 10.45 -9.76
C ARG N 108 -24.40 9.07 -9.28
N ASP N 109 -23.93 8.97 -8.03
CA ASP N 109 -23.45 7.70 -7.46
C ASP N 109 -24.59 6.78 -7.17
N ILE N 110 -25.65 7.32 -6.57
CA ILE N 110 -26.82 6.51 -6.28
C ILE N 110 -27.25 5.78 -7.55
N ARG N 111 -27.38 6.54 -8.65
CA ARG N 111 -27.79 5.95 -9.91
C ARG N 111 -26.81 4.85 -10.30
N LEU N 112 -25.51 5.11 -10.19
CA LEU N 112 -24.50 4.09 -10.46
C LEU N 112 -24.55 2.90 -9.49
N MET N 113 -24.87 3.14 -8.23
CA MET N 113 -24.94 2.04 -7.28
C MET N 113 -26.13 1.17 -7.60
N VAL N 114 -27.24 1.78 -8.02
CA VAL N 114 -28.45 1.01 -8.37
C VAL N 114 -28.13 0.22 -9.63
N MET N 115 -27.43 0.85 -10.54
CA MET N 115 -27.01 0.24 -11.80
C MET N 115 -26.04 -0.93 -11.52
N GLU N 116 -25.06 -0.74 -10.66
CA GLU N 116 -24.15 -1.82 -10.38
C GLU N 116 -24.73 -2.99 -9.54
N ILE N 117 -25.86 -2.76 -8.89
CA ILE N 117 -26.50 -3.80 -8.09
C ILE N 117 -27.37 -4.65 -9.00
N ARG N 118 -28.11 -4.00 -9.89
CA ARG N 118 -28.95 -4.73 -10.81
C ARG N 118 -28.07 -5.69 -11.53
N ASN N 119 -26.97 -5.12 -12.04
CA ASN N 119 -25.92 -5.85 -12.80
C ASN N 119 -25.35 -7.03 -12.02
N ALA N 120 -25.30 -6.97 -10.69
CA ALA N 120 -24.75 -8.10 -9.97
C ALA N 120 -25.71 -9.24 -9.98
N TYR N 121 -26.99 -8.93 -9.80
CA TYR N 121 -28.00 -9.96 -9.79
C TYR N 121 -28.00 -10.62 -11.14
N ALA N 122 -27.91 -9.83 -12.18
CA ALA N 122 -27.92 -10.37 -13.53
C ALA N 122 -26.76 -11.26 -13.82
N VAL N 123 -25.58 -10.75 -13.62
CA VAL N 123 -24.38 -11.48 -13.90
C VAL N 123 -24.29 -12.75 -13.11
N LEU N 124 -24.72 -12.70 -11.86
CA LEU N 124 -24.71 -13.85 -10.96
C LEU N 124 -25.71 -14.93 -11.36
N TYR N 125 -26.92 -14.51 -11.67
CA TYR N 125 -27.93 -15.44 -12.06
C TYR N 125 -27.40 -16.14 -13.29
N ASP N 126 -26.99 -15.35 -14.25
CA ASP N 126 -26.47 -15.87 -15.48
C ASP N 126 -25.37 -16.90 -15.34
N ILE N 127 -24.32 -16.59 -14.60
CA ILE N 127 -23.25 -17.53 -14.44
C ILE N 127 -23.62 -18.77 -13.63
N ILE N 128 -24.42 -18.65 -12.58
CA ILE N 128 -24.82 -19.82 -11.80
C ILE N 128 -25.67 -20.67 -12.68
N LEU N 129 -26.51 -20.07 -13.50
CA LEU N 129 -27.31 -20.89 -14.38
C LEU N 129 -26.53 -21.69 -15.39
N LYS N 130 -25.71 -21.02 -16.18
CA LYS N 130 -24.93 -21.70 -17.21
C LYS N 130 -24.08 -22.86 -16.74
N ASN N 131 -23.54 -22.77 -15.52
CA ASN N 131 -22.67 -23.81 -14.98
C ASN N 131 -23.26 -24.54 -13.80
N PHE N 132 -24.57 -24.65 -13.72
CA PHE N 132 -25.13 -25.29 -12.57
C PHE N 132 -24.73 -26.73 -12.43
N GLU N 133 -24.73 -27.44 -13.55
CA GLU N 133 -24.39 -28.86 -13.53
C GLU N 133 -23.13 -29.08 -12.71
N LYS N 134 -22.02 -28.47 -13.12
CA LYS N 134 -20.79 -28.59 -12.39
C LYS N 134 -20.74 -27.88 -11.06
N LEU N 135 -21.49 -26.82 -10.86
CA LEU N 135 -21.40 -26.18 -9.56
C LEU N 135 -22.06 -27.09 -8.58
N LYS N 136 -23.15 -27.75 -8.96
CA LYS N 136 -23.80 -28.64 -8.02
C LYS N 136 -23.20 -30.04 -7.93
N LYS N 137 -22.76 -30.58 -9.06
CA LYS N 137 -22.15 -31.93 -9.16
C LYS N 137 -20.83 -31.86 -9.93
N PRO N 138 -19.77 -31.34 -9.29
CA PRO N 138 -18.49 -31.20 -9.91
C PRO N 138 -17.86 -32.44 -10.43
N ARG N 139 -18.36 -33.58 -9.99
CA ARG N 139 -17.77 -34.83 -10.43
C ARG N 139 -18.71 -35.78 -11.13
N GLY N 140 -20.01 -35.56 -10.98
CA GLY N 140 -20.99 -36.43 -11.62
C GLY N 140 -22.06 -37.02 -10.67
#